data_4UPH
#
_entry.id   4UPH
#
_cell.length_a   232.690
_cell.length_b   232.690
_cell.length_c   112.050
_cell.angle_alpha   90.00
_cell.angle_beta   90.00
_cell.angle_gamma   90.00
#
_symmetry.space_group_name_H-M   'P 41 21 2'
#
loop_
_entity.id
_entity.type
_entity.pdbx_description
1 polymer 'SULFATASE (SULFURIC ESTER HYDROLASE) PROTEIN'
2 non-polymer 'MAGNESIUM ION'
3 non-polymer 'CHLORIDE ION'
4 water water
#
_entity_poly.entity_id   1
_entity_poly.type   'polypeptide(L)'
_entity_poly.pdbx_seq_one_letter_code
;MASWSHPQFEKGAETAVPNSSSVPGDPSSMPNPTSIEWRPSGKRPNVLLISADQWRGDCLSAVGHASVKTPNVDALAQDG
VLFTRHFAGTAP(DDZ)SPARATLYTGLYQMNHRVCRNGSPLDARFDNLALAARRGGYDPTLFGYTDTAPDPRGMDPNDP
HLTTYEGVLPGFSARQLLPEHEKQWLSWLRSRGHPEATSRDIHIPVGATPGEISDVAPAYSKDETQTAFLAGEFIRWLGE
QDAPWFAHVSFLRPHPPFSVPEPYNRMFTPSDGPAFARAANREAEQAVHPLLAFALPLIGKDSFIYGGEGSASDWTSEDL
SAIRAIYYGMIAEVDTQLGRIWQALKNVGAWDDTLIIFTSDHAEMMGDHWMLGKGGFFDGSYHVPLVIRDPGHPGGAGRQ
VERFTSAADIFPTLCDRLGLVPDNHLDGGTLVPFLEGGEPEGWRDAAFWEFDFRDIAKGEAERHFGLKSNACNLAVIRDE
RFKYVHFAGLPPLLYDLAKDPMELTNVAADADYAAVRLGYAEKLLSLRAQHLDQTLAYTELTEKGPVSRRP
;
_entity_poly.pdbx_strand_id   A,B,C,D
#
# COMPACT_ATOMS: atom_id res chain seq x y z
N ARG A 44 -27.12 -13.95 5.43
CA ARG A 44 -28.40 -14.53 5.85
C ARG A 44 -28.81 -14.11 7.27
N PRO A 45 -28.14 -14.55 8.39
CA PRO A 45 -28.63 -14.13 9.71
C PRO A 45 -28.20 -12.73 10.12
N ASN A 46 -28.82 -12.21 11.17
CA ASN A 46 -28.38 -10.96 11.74
C ASN A 46 -27.38 -11.35 12.77
N VAL A 47 -26.38 -10.48 13.01
CA VAL A 47 -25.38 -10.77 14.05
C VAL A 47 -25.45 -9.67 15.08
N LEU A 48 -25.57 -10.04 16.35
CA LEU A 48 -25.59 -9.09 17.45
C LEU A 48 -24.56 -9.48 18.48
N LEU A 49 -23.41 -8.77 18.46
CA LEU A 49 -22.34 -9.02 19.43
C LEU A 49 -22.51 -8.00 20.52
N ILE A 50 -22.86 -8.48 21.71
CA ILE A 50 -23.01 -7.63 22.88
C ILE A 50 -21.91 -7.95 23.86
N SER A 51 -21.22 -6.89 24.28
CA SER A 51 -20.22 -6.96 25.33
C SER A 51 -20.62 -5.95 26.40
N ALA A 52 -20.32 -6.31 27.66
CA ALA A 52 -20.53 -5.48 28.85
C ALA A 52 -19.24 -5.59 29.62
N ASP A 53 -18.51 -4.47 29.75
CA ASP A 53 -17.19 -4.42 30.34
C ASP A 53 -17.08 -4.84 31.81
N GLN A 54 -16.00 -5.58 32.16
CA GLN A 54 -15.64 -5.93 33.53
C GLN A 54 -16.66 -6.80 34.31
N TRP A 55 -17.36 -7.71 33.60
CA TRP A 55 -18.36 -8.63 34.13
C TRP A 55 -17.74 -10.04 34.44
N ARG A 56 -17.83 -10.48 35.69
CA ARG A 56 -17.34 -11.77 36.20
C ARG A 56 -18.14 -12.95 35.65
N GLY A 57 -17.44 -14.01 35.25
CA GLY A 57 -18.08 -15.17 34.69
C GLY A 57 -18.94 -15.97 35.65
N ASP A 58 -18.61 -15.88 36.96
CA ASP A 58 -19.33 -16.55 38.04
C ASP A 58 -20.59 -15.75 38.47
N CYS A 59 -20.71 -14.46 38.02
CA CYS A 59 -21.82 -13.60 38.37
C CYS A 59 -22.97 -13.66 37.36
N LEU A 60 -23.58 -14.86 37.29
CA LEU A 60 -24.78 -15.18 36.50
C LEU A 60 -25.64 -16.13 37.35
N SER A 61 -26.96 -15.85 37.46
CA SER A 61 -27.84 -16.74 38.21
C SER A 61 -27.93 -18.16 37.57
N ALA A 62 -27.81 -18.24 36.22
CA ALA A 62 -27.80 -19.48 35.44
C ALA A 62 -26.62 -20.41 35.76
N VAL A 63 -25.62 -19.89 36.46
CA VAL A 63 -24.42 -20.67 36.81
C VAL A 63 -24.39 -20.98 38.31
N GLY A 64 -25.46 -20.60 39.01
CA GLY A 64 -25.64 -20.89 40.42
C GLY A 64 -25.13 -19.88 41.42
N HIS A 65 -25.08 -18.59 41.04
CA HIS A 65 -24.65 -17.57 41.98
C HIS A 65 -25.79 -17.36 43.01
N ALA A 66 -25.41 -17.30 44.30
CA ALA A 66 -26.33 -17.14 45.43
C ALA A 66 -27.05 -15.81 45.43
N SER A 67 -26.30 -14.70 45.32
CA SER A 67 -26.83 -13.35 45.33
C SER A 67 -27.32 -12.82 43.96
N VAL A 68 -26.40 -12.79 42.96
CA VAL A 68 -26.58 -12.21 41.62
C VAL A 68 -27.83 -12.72 40.92
N LYS A 69 -28.56 -11.77 40.32
CA LYS A 69 -29.80 -11.98 39.59
C LYS A 69 -29.63 -11.51 38.15
N THR A 70 -29.56 -12.49 37.21
CA THR A 70 -29.44 -12.20 35.77
C THR A 70 -30.53 -12.94 34.99
N PRO A 71 -31.82 -12.55 35.14
CA PRO A 71 -32.88 -13.28 34.44
C PRO A 71 -32.83 -13.23 32.92
N ASN A 72 -32.45 -12.08 32.33
CA ASN A 72 -32.45 -11.92 30.87
C ASN A 72 -31.28 -12.62 30.21
N VAL A 73 -30.12 -12.76 30.91
CA VAL A 73 -28.98 -13.52 30.42
C VAL A 73 -29.42 -14.98 30.47
N ASP A 74 -30.03 -15.40 31.61
CA ASP A 74 -30.57 -16.75 31.85
C ASP A 74 -31.56 -17.15 30.74
N ALA A 75 -32.45 -16.22 30.36
CA ALA A 75 -33.45 -16.40 29.30
C ALA A 75 -32.79 -16.65 27.93
N LEU A 76 -31.71 -15.91 27.61
CA LEU A 76 -30.93 -16.07 26.39
C LEU A 76 -30.27 -17.45 26.39
N ALA A 77 -29.69 -17.82 27.54
CA ALA A 77 -29.04 -19.12 27.79
C ALA A 77 -30.04 -20.31 27.69
N GLN A 78 -31.32 -20.13 28.12
CA GLN A 78 -32.36 -21.15 28.11
C GLN A 78 -32.60 -21.69 26.71
N ASP A 79 -32.53 -20.77 25.75
CA ASP A 79 -32.66 -21.05 24.33
C ASP A 79 -31.30 -21.10 23.59
N GLY A 80 -30.19 -20.97 24.33
CA GLY A 80 -28.87 -21.01 23.73
C GLY A 80 -27.88 -21.88 24.45
N VAL A 81 -26.61 -21.67 24.12
CA VAL A 81 -25.47 -22.35 24.71
C VAL A 81 -24.73 -21.42 25.68
N LEU A 82 -24.59 -21.86 26.93
CA LEU A 82 -23.88 -21.12 27.96
C LEU A 82 -22.52 -21.79 28.15
N PHE A 83 -21.45 -20.98 28.18
CA PHE A 83 -20.06 -21.45 28.32
C PHE A 83 -19.57 -21.12 29.73
N THR A 84 -19.37 -22.19 30.54
CA THR A 84 -19.04 -22.13 31.97
C THR A 84 -17.57 -21.92 32.31
N ARG A 85 -16.65 -22.24 31.36
CA ARG A 85 -15.20 -22.09 31.54
C ARG A 85 -14.64 -21.15 30.43
N HIS A 86 -15.23 -19.94 30.30
CA HIS A 86 -14.84 -18.95 29.29
C HIS A 86 -13.86 -17.95 29.84
N PHE A 87 -12.68 -17.85 29.17
CA PHE A 87 -11.63 -16.93 29.60
C PHE A 87 -11.25 -15.88 28.57
N ALA A 88 -10.98 -14.67 29.08
CA ALA A 88 -10.46 -13.53 28.31
C ALA A 88 -9.08 -13.95 27.78
N GLY A 89 -8.64 -13.38 26.67
CA GLY A 89 -7.32 -13.68 26.14
C GLY A 89 -6.23 -13.00 26.95
N THR A 90 -6.58 -11.88 27.60
CA THR A 90 -5.69 -11.01 28.38
C THR A 90 -6.51 -9.86 29.03
N ALA A 91 -5.82 -8.88 29.65
CA ALA A 91 -6.35 -7.66 30.24
C ALA A 91 -5.28 -6.52 30.19
N PRO A 92 -5.60 -5.20 30.30
CA PRO A 92 -6.92 -4.55 30.49
C PRO A 92 -7.76 -4.48 29.20
N SER A 94 -8.05 -2.76 26.20
CA SER A 94 -7.55 -2.72 24.84
C SER A 94 -6.86 -4.05 24.52
N PRO A 95 -5.96 -4.58 25.38
CA PRO A 95 -5.38 -5.90 25.10
C PRO A 95 -6.41 -7.04 24.96
N ALA A 96 -7.46 -7.02 25.83
CA ALA A 96 -8.54 -7.99 25.93
C ALA A 96 -9.42 -7.98 24.68
N ARG A 97 -9.77 -6.77 24.18
CA ARG A 97 -10.59 -6.51 23.01
C ARG A 97 -9.89 -6.85 21.73
N ALA A 98 -8.57 -6.75 21.70
CA ALA A 98 -7.77 -7.15 20.55
C ALA A 98 -7.93 -8.68 20.35
N THR A 99 -7.93 -9.50 21.44
CA THR A 99 -8.18 -10.95 21.32
C THR A 99 -9.59 -11.23 20.77
N LEU A 100 -10.59 -10.55 21.36
CA LEU A 100 -11.99 -10.65 21.01
C LEU A 100 -12.24 -10.39 19.55
N TYR A 101 -11.77 -9.26 19.01
CA TYR A 101 -12.04 -8.89 17.63
C TYR A 101 -11.16 -9.55 16.58
N THR A 102 -9.94 -9.96 16.92
CA THR A 102 -9.00 -10.51 15.93
C THR A 102 -8.83 -12.00 15.97
N GLY A 103 -9.40 -12.64 17.00
CA GLY A 103 -9.26 -14.09 17.22
C GLY A 103 -7.82 -14.51 17.49
N LEU A 104 -7.01 -13.59 18.06
CA LEU A 104 -5.60 -13.86 18.32
C LEU A 104 -5.26 -13.79 19.78
N TYR A 105 -4.26 -14.58 20.16
CA TYR A 105 -3.67 -14.51 21.50
C TYR A 105 -2.73 -13.28 21.47
N GLN A 106 -2.46 -12.68 22.65
CA GLN A 106 -1.59 -11.51 22.78
C GLN A 106 -0.19 -11.75 22.18
N MET A 107 0.26 -13.01 22.16
CA MET A 107 1.56 -13.38 21.58
C MET A 107 1.58 -13.11 20.07
N ASN A 108 0.39 -12.94 19.47
CA ASN A 108 0.26 -12.62 18.05
C ASN A 108 -0.22 -11.18 17.80
N HIS A 109 -1.27 -10.68 18.50
CA HIS A 109 -1.77 -9.33 18.25
C HIS A 109 -0.85 -8.22 18.81
N ARG A 110 -0.03 -8.55 19.82
CA ARG A 110 0.99 -7.71 20.46
C ARG A 110 0.46 -6.44 21.15
N VAL A 111 -0.86 -6.36 21.41
CA VAL A 111 -1.48 -5.23 22.13
C VAL A 111 -1.34 -5.56 23.64
N CYS A 112 -0.25 -5.07 24.22
CA CYS A 112 0.20 -5.31 25.58
C CYS A 112 -0.48 -4.47 26.65
N ARG A 113 -0.70 -3.18 26.37
CA ARG A 113 -1.32 -2.25 27.32
C ARG A 113 -2.33 -1.40 26.61
N ASN A 114 -3.12 -0.62 27.36
CA ASN A 114 -4.00 0.40 26.82
C ASN A 114 -3.05 1.44 26.22
N GLY A 115 -3.06 1.59 24.92
CA GLY A 115 -2.16 2.49 24.22
C GLY A 115 -1.25 1.76 23.27
N SER A 116 -1.11 0.40 23.41
CA SER A 116 -0.27 -0.41 22.52
C SER A 116 -0.97 -0.49 21.16
N PRO A 117 -0.32 -0.08 20.03
CA PRO A 117 -1.00 -0.13 18.73
C PRO A 117 -1.34 -1.55 18.25
N LEU A 118 -2.44 -1.67 17.52
CA LEU A 118 -2.85 -2.93 16.91
C LEU A 118 -2.48 -2.82 15.44
N ASP A 119 -1.58 -3.70 14.99
CA ASP A 119 -1.12 -3.74 13.62
C ASP A 119 -2.28 -3.74 12.62
N ALA A 120 -2.18 -2.85 11.64
CA ALA A 120 -3.16 -2.66 10.56
C ALA A 120 -3.28 -3.91 9.66
N ARG A 121 -2.28 -4.82 9.68
CA ARG A 121 -2.25 -6.04 8.89
C ARG A 121 -3.30 -7.08 9.28
N PHE A 122 -3.77 -7.05 10.52
CA PHE A 122 -4.69 -8.04 11.09
C PHE A 122 -6.13 -7.90 10.64
N ASP A 123 -6.70 -9.03 10.28
CA ASP A 123 -8.11 -9.18 9.97
C ASP A 123 -8.90 -9.17 11.27
N ASN A 124 -10.19 -8.84 11.22
CA ASN A 124 -11.04 -8.85 12.40
C ASN A 124 -12.48 -9.12 12.01
N LEU A 125 -13.39 -9.36 13.00
CA LEU A 125 -14.79 -9.72 12.79
C LEU A 125 -15.56 -8.68 12.02
N ALA A 126 -15.15 -7.39 12.09
CA ALA A 126 -15.83 -6.30 11.36
C ALA A 126 -15.40 -6.26 9.88
N LEU A 127 -14.08 -6.44 9.59
CA LEU A 127 -13.57 -6.48 8.21
C LEU A 127 -14.11 -7.71 7.48
N ALA A 128 -14.11 -8.88 8.18
CA ALA A 128 -14.65 -10.12 7.64
C ALA A 128 -16.16 -9.97 7.35
N ALA A 129 -16.95 -9.40 8.28
CA ALA A 129 -18.38 -9.15 8.09
C ALA A 129 -18.64 -8.41 6.74
N ARG A 130 -17.85 -7.35 6.44
CA ARG A 130 -17.95 -6.60 5.16
C ARG A 130 -17.69 -7.52 4.00
N ARG A 131 -16.77 -8.48 4.13
CA ARG A 131 -16.52 -9.49 3.09
C ARG A 131 -17.69 -10.50 2.92
N GLY A 132 -18.66 -10.42 3.82
CA GLY A 132 -19.87 -11.22 3.81
C GLY A 132 -21.11 -10.40 3.50
N GLY A 133 -20.89 -9.19 2.96
CA GLY A 133 -21.95 -8.27 2.57
C GLY A 133 -22.68 -7.54 3.68
N TYR A 134 -22.12 -7.53 4.90
CA TYR A 134 -22.74 -6.81 6.01
C TYR A 134 -22.09 -5.42 6.15
N ASP A 135 -22.78 -4.53 6.87
CA ASP A 135 -22.26 -3.21 7.22
C ASP A 135 -22.10 -3.24 8.74
N PRO A 136 -20.97 -3.78 9.28
CA PRO A 136 -20.83 -3.89 10.76
C PRO A 136 -20.88 -2.52 11.43
N THR A 137 -21.89 -2.34 12.30
CA THR A 137 -22.24 -1.09 12.99
C THR A 137 -21.92 -1.15 14.49
N LEU A 138 -21.27 -0.08 15.00
CA LEU A 138 -20.85 0.03 16.38
C LEU A 138 -21.69 1.01 17.23
N PHE A 139 -22.00 0.57 18.46
CA PHE A 139 -22.71 1.30 19.51
C PHE A 139 -21.80 1.15 20.73
N GLY A 140 -21.10 2.22 21.09
CA GLY A 140 -20.15 2.20 22.19
C GLY A 140 -18.72 2.34 21.73
N TYR A 141 -17.86 1.38 22.11
CA TYR A 141 -16.41 1.47 21.85
C TYR A 141 -15.73 0.12 21.61
N THR A 142 -14.54 0.17 20.98
CA THR A 142 -13.71 -1.01 20.71
C THR A 142 -12.37 -0.91 21.44
N ASP A 143 -12.00 0.30 21.87
CA ASP A 143 -10.73 0.62 22.52
C ASP A 143 -9.53 0.12 21.69
N THR A 144 -9.51 0.48 20.40
CA THR A 144 -8.44 0.08 19.48
C THR A 144 -7.45 1.22 19.30
N ALA A 145 -6.19 1.05 19.73
CA ALA A 145 -5.19 2.08 19.42
C ALA A 145 -4.80 1.76 17.96
N PRO A 146 -4.94 2.73 17.03
CA PRO A 146 -4.55 2.45 15.62
C PRO A 146 -3.06 2.21 15.41
N ASP A 147 -2.69 1.66 14.24
CA ASP A 147 -1.31 1.45 13.84
C ASP A 147 -0.83 2.89 13.42
N PRO A 148 0.14 3.47 14.16
CA PRO A 148 0.57 4.84 13.84
C PRO A 148 1.36 5.00 12.54
N ARG A 149 1.96 3.89 12.04
CA ARG A 149 2.77 3.88 10.83
C ARG A 149 2.03 4.44 9.63
N GLY A 150 2.68 5.42 9.01
CA GLY A 150 2.17 6.15 7.85
C GLY A 150 1.20 7.28 8.17
N MET A 151 0.53 7.23 9.36
CA MET A 151 -0.45 8.22 9.79
C MET A 151 0.24 9.55 10.01
N ASP A 152 -0.47 10.64 9.71
CA ASP A 152 0.12 11.96 9.90
C ASP A 152 0.33 12.19 11.41
N PRO A 153 1.53 12.69 11.82
CA PRO A 153 1.79 12.92 13.25
C PRO A 153 0.81 13.87 13.97
N ASN A 154 0.10 14.73 13.21
CA ASN A 154 -0.87 15.66 13.78
C ASN A 154 -2.28 15.09 13.84
N ASP A 155 -2.47 13.83 13.37
CA ASP A 155 -3.79 13.20 13.38
C ASP A 155 -4.26 12.96 14.81
N PRO A 156 -5.45 13.48 15.20
CA PRO A 156 -5.97 13.24 16.56
C PRO A 156 -6.12 11.76 16.96
N HIS A 157 -6.14 10.83 15.99
CA HIS A 157 -6.23 9.38 16.25
C HIS A 157 -5.01 8.82 16.95
N LEU A 158 -3.88 9.52 16.87
CA LEU A 158 -2.62 9.12 17.50
C LEU A 158 -2.52 9.52 18.97
N THR A 159 -3.57 10.18 19.51
CA THR A 159 -3.54 10.68 20.89
C THR A 159 -4.29 9.81 21.89
N THR A 160 -4.85 8.66 21.44
CA THR A 160 -5.65 7.81 22.30
C THR A 160 -5.71 6.32 21.85
N TYR A 161 -6.03 5.44 22.80
CA TYR A 161 -6.25 4.03 22.57
C TYR A 161 -7.73 3.82 22.34
N GLU A 162 -8.54 4.87 22.53
CA GLU A 162 -10.01 4.83 22.39
C GLU A 162 -10.46 4.99 20.92
N GLY A 163 -9.65 4.49 20.00
CA GLY A 163 -10.02 4.51 18.58
C GLY A 163 -11.01 3.43 18.25
N VAL A 164 -11.60 3.54 17.06
CA VAL A 164 -12.60 2.60 16.52
C VAL A 164 -11.87 1.53 15.71
N LEU A 165 -12.22 0.25 15.92
CA LEU A 165 -11.65 -0.86 15.20
C LEU A 165 -11.92 -0.74 13.68
N PRO A 166 -10.87 -0.84 12.81
CA PRO A 166 -11.11 -0.82 11.36
C PRO A 166 -12.17 -1.86 10.90
N GLY A 167 -13.10 -1.42 10.08
CA GLY A 167 -14.20 -2.21 9.55
C GLY A 167 -15.56 -1.78 10.06
N PHE A 168 -15.63 -1.22 11.30
CA PHE A 168 -16.87 -0.74 11.91
C PHE A 168 -17.28 0.62 11.40
N SER A 169 -18.57 0.79 11.20
CA SER A 169 -19.21 2.06 10.86
C SER A 169 -19.84 2.49 12.16
N ALA A 170 -19.46 3.65 12.68
CA ALA A 170 -19.95 4.11 13.98
C ALA A 170 -21.34 4.74 13.93
N ARG A 171 -22.35 4.12 14.59
CA ARG A 171 -23.69 4.71 14.65
C ARG A 171 -23.80 5.60 15.90
N GLN A 172 -23.36 5.07 17.04
CA GLN A 172 -23.35 5.81 18.30
C GLN A 172 -22.05 5.57 19.05
N LEU A 173 -21.20 6.58 19.09
CA LEU A 173 -19.93 6.48 19.82
C LEU A 173 -20.10 6.91 21.25
N LEU A 174 -19.35 6.28 22.16
CA LEU A 174 -19.38 6.65 23.58
C LEU A 174 -18.05 6.35 24.25
N PRO A 175 -17.08 7.30 24.13
CA PRO A 175 -15.77 7.12 24.79
C PRO A 175 -15.83 7.45 26.29
N GLU A 176 -14.68 7.36 26.98
CA GLU A 176 -14.46 7.66 28.39
C GLU A 176 -15.03 9.04 28.79
N HIS A 177 -14.95 10.06 27.90
CA HIS A 177 -15.43 11.41 28.19
C HIS A 177 -16.96 11.48 28.29
N GLU A 178 -17.67 10.51 27.67
CA GLU A 178 -19.13 10.34 27.66
C GLU A 178 -19.93 11.61 27.29
N LYS A 179 -19.34 12.50 26.48
CA LYS A 179 -19.94 13.76 26.04
C LYS A 179 -21.26 13.60 25.30
N GLN A 180 -21.45 12.47 24.58
CA GLN A 180 -22.65 12.16 23.80
C GLN A 180 -23.82 11.80 24.70
N TRP A 181 -23.52 11.14 25.82
CA TRP A 181 -24.49 10.71 26.83
C TRP A 181 -24.90 11.94 27.67
N LEU A 182 -23.89 12.77 28.06
CA LEU A 182 -24.05 14.00 28.82
C LEU A 182 -24.99 14.97 28.08
N SER A 183 -24.79 15.15 26.73
CA SER A 183 -25.62 16.01 25.86
C SER A 183 -27.05 15.45 25.69
N TRP A 184 -27.18 14.11 25.75
CA TRP A 184 -28.47 13.42 25.65
C TRP A 184 -29.24 13.67 26.95
N LEU A 185 -28.54 13.67 28.11
CA LEU A 185 -29.12 13.95 29.42
C LEU A 185 -29.62 15.39 29.47
N ARG A 186 -28.81 16.34 28.93
CA ARG A 186 -29.16 17.77 28.86
C ARG A 186 -30.47 17.97 28.11
N SER A 187 -30.66 17.22 26.99
CA SER A 187 -31.86 17.24 26.16
C SER A 187 -33.06 16.60 26.87
N ARG A 188 -32.81 15.90 27.99
CA ARG A 188 -33.82 15.23 28.80
C ARG A 188 -34.20 16.04 30.07
N GLY A 189 -33.64 17.25 30.20
CA GLY A 189 -33.89 18.15 31.32
C GLY A 189 -32.88 18.12 32.43
N HIS A 190 -31.61 17.79 32.13
CA HIS A 190 -30.54 17.77 33.12
C HIS A 190 -29.52 18.85 32.79
N PRO A 191 -29.75 20.12 33.18
CA PRO A 191 -28.75 21.16 32.86
C PRO A 191 -27.48 21.02 33.72
N GLU A 192 -27.53 20.10 34.70
CA GLU A 192 -26.45 19.74 35.64
C GLU A 192 -25.45 18.80 34.93
N ALA A 193 -25.93 18.07 33.89
CA ALA A 193 -25.14 17.13 33.10
C ALA A 193 -24.20 17.86 32.14
N THR A 194 -23.20 18.53 32.71
CA THR A 194 -22.20 19.31 31.99
C THR A 194 -20.82 18.68 32.14
N SER A 195 -20.69 17.71 33.04
CA SER A 195 -19.47 16.95 33.30
C SER A 195 -19.79 15.57 33.88
N ARG A 196 -18.74 14.71 33.97
CA ARG A 196 -18.84 13.36 34.51
C ARG A 196 -19.15 13.34 36.03
N ASP A 197 -19.17 14.56 36.66
CA ASP A 197 -19.51 14.81 38.06
C ASP A 197 -20.90 14.31 38.38
N ILE A 198 -21.78 14.22 37.35
CA ILE A 198 -23.16 13.71 37.43
C ILE A 198 -23.21 12.25 37.97
N HIS A 199 -22.04 11.55 37.98
CA HIS A 199 -21.92 10.19 38.50
C HIS A 199 -21.89 10.11 40.03
N ILE A 200 -21.55 11.25 40.71
CA ILE A 200 -21.53 11.35 42.18
C ILE A 200 -22.96 11.27 42.70
N PRO A 201 -23.30 10.29 43.59
CA PRO A 201 -24.67 10.21 44.12
C PRO A 201 -25.15 11.50 44.80
N VAL A 202 -26.46 11.79 44.68
CA VAL A 202 -27.09 13.01 45.21
C VAL A 202 -26.82 13.20 46.71
N GLY A 203 -26.11 14.28 47.03
CA GLY A 203 -25.78 14.64 48.40
C GLY A 203 -24.51 14.02 48.94
N ALA A 204 -24.11 12.85 48.40
CA ALA A 204 -22.92 12.09 48.80
C ALA A 204 -21.60 12.86 48.64
N THR A 205 -20.61 12.51 49.47
CA THR A 205 -19.27 13.12 49.45
C THR A 205 -18.48 12.54 48.25
N PRO A 206 -17.86 13.39 47.41
CA PRO A 206 -17.09 12.86 46.27
C PRO A 206 -15.89 12.02 46.72
N GLY A 207 -15.82 10.79 46.19
CA GLY A 207 -14.75 9.84 46.48
C GLY A 207 -15.05 8.82 47.55
N GLU A 208 -16.32 8.80 48.02
CA GLU A 208 -16.78 7.89 49.07
C GLU A 208 -17.73 6.85 48.52
N ILE A 209 -17.63 5.63 49.03
CA ILE A 209 -18.53 4.54 48.63
C ILE A 209 -19.92 4.98 49.07
N SER A 210 -20.88 5.01 48.13
CA SER A 210 -22.25 5.41 48.43
C SER A 210 -23.30 4.56 47.74
N ASP A 211 -24.33 4.18 48.49
CA ASP A 211 -25.46 3.38 48.01
C ASP A 211 -26.64 4.28 47.60
N VAL A 212 -26.40 5.61 47.59
CA VAL A 212 -27.37 6.62 47.16
C VAL A 212 -27.31 6.66 45.63
N ALA A 213 -28.43 6.97 44.98
CA ALA A 213 -28.55 7.05 43.54
C ALA A 213 -28.04 8.39 42.98
N PRO A 214 -27.40 8.39 41.77
CA PRO A 214 -27.00 9.68 41.17
C PRO A 214 -28.23 10.41 40.60
N ALA A 215 -28.06 11.67 40.17
CA ALA A 215 -29.12 12.54 39.64
C ALA A 215 -29.97 11.94 38.49
N TYR A 216 -29.39 11.01 37.68
CA TYR A 216 -30.07 10.36 36.55
C TYR A 216 -30.78 9.07 36.96
N SER A 217 -31.87 8.72 36.26
CA SER A 217 -32.68 7.53 36.53
C SER A 217 -32.10 6.23 35.93
N LYS A 218 -32.77 5.08 36.19
CA LYS A 218 -32.39 3.77 35.65
C LYS A 218 -32.53 3.74 34.11
N ASP A 219 -33.45 4.57 33.57
CA ASP A 219 -33.72 4.71 32.13
C ASP A 219 -32.86 5.83 31.51
N GLU A 220 -31.90 6.34 32.30
CA GLU A 220 -30.99 7.40 31.89
C GLU A 220 -29.48 7.04 32.04
N THR A 221 -29.14 5.76 32.30
CA THR A 221 -27.73 5.31 32.38
C THR A 221 -27.14 5.29 30.97
N GLN A 222 -25.84 5.03 30.87
CA GLN A 222 -25.11 4.90 29.60
C GLN A 222 -25.66 3.65 28.87
N THR A 223 -26.06 2.62 29.65
CA THR A 223 -26.67 1.36 29.16
C THR A 223 -28.03 1.64 28.45
N ALA A 224 -28.94 2.38 29.17
CA ALA A 224 -30.28 2.78 28.71
C ALA A 224 -30.18 3.67 27.46
N PHE A 225 -29.17 4.56 27.41
CA PHE A 225 -28.90 5.45 26.28
C PHE A 225 -28.49 4.65 25.05
N LEU A 226 -27.46 3.79 25.17
CA LEU A 226 -26.94 2.96 24.08
C LEU A 226 -27.93 1.94 23.56
N ALA A 227 -28.71 1.31 24.47
CA ALA A 227 -29.73 0.34 24.10
C ALA A 227 -30.82 1.01 23.25
N GLY A 228 -31.25 2.21 23.67
CA GLY A 228 -32.23 3.01 22.94
C GLY A 228 -31.77 3.37 21.54
N GLU A 229 -30.47 3.75 21.43
CA GLU A 229 -29.83 4.07 20.16
C GLU A 229 -29.79 2.86 19.24
N PHE A 230 -29.53 1.66 19.81
CA PHE A 230 -29.54 0.40 19.08
C PHE A 230 -30.94 0.08 18.57
N ILE A 231 -31.95 0.25 19.45
CA ILE A 231 -33.36 0.00 19.15
C ILE A 231 -33.85 0.91 17.99
N ARG A 232 -33.51 2.21 18.01
CA ARG A 232 -33.88 3.13 16.92
C ARG A 232 -33.27 2.64 15.61
N TRP A 233 -31.95 2.34 15.62
CA TRP A 233 -31.21 1.82 14.47
C TRP A 233 -31.82 0.52 13.95
N LEU A 234 -32.21 -0.39 14.88
CA LEU A 234 -32.82 -1.68 14.58
C LEU A 234 -34.11 -1.51 13.76
N GLY A 235 -34.89 -0.48 14.09
CA GLY A 235 -36.12 -0.15 13.38
C GLY A 235 -35.92 0.25 11.94
N GLU A 236 -34.76 0.82 11.61
CA GLU A 236 -34.40 1.26 10.25
C GLU A 236 -33.92 0.10 9.36
N GLN A 237 -33.68 -1.08 9.92
CA GLN A 237 -33.15 -2.23 9.18
C GLN A 237 -34.19 -2.93 8.30
N ASP A 238 -33.82 -3.17 7.02
CA ASP A 238 -34.65 -3.80 5.99
C ASP A 238 -33.89 -4.94 5.28
N ALA A 239 -32.77 -5.39 5.86
CA ALA A 239 -31.89 -6.41 5.30
C ALA A 239 -31.06 -7.05 6.43
N PRO A 240 -30.35 -8.21 6.23
CA PRO A 240 -29.55 -8.78 7.34
C PRO A 240 -28.50 -7.81 7.83
N TRP A 241 -28.49 -7.57 9.15
CA TRP A 241 -27.63 -6.60 9.80
C TRP A 241 -26.61 -7.18 10.73
N PHE A 242 -25.54 -6.41 11.01
CA PHE A 242 -24.43 -6.78 11.88
C PHE A 242 -24.19 -5.62 12.84
N ALA A 243 -24.46 -5.85 14.14
CA ALA A 243 -24.27 -4.86 15.17
C ALA A 243 -23.37 -5.34 16.28
N HIS A 244 -22.51 -4.43 16.77
CA HIS A 244 -21.75 -4.64 17.98
C HIS A 244 -22.16 -3.58 18.99
N VAL A 245 -22.79 -4.01 20.10
CA VAL A 245 -23.21 -3.12 21.19
C VAL A 245 -22.24 -3.36 22.31
N SER A 246 -21.47 -2.33 22.64
CA SER A 246 -20.42 -2.37 23.65
C SER A 246 -20.80 -1.49 24.86
N PHE A 247 -21.33 -2.11 25.92
CA PHE A 247 -21.74 -1.44 27.17
C PHE A 247 -20.59 -1.23 28.11
N LEU A 248 -20.52 -0.07 28.78
CA LEU A 248 -19.46 0.18 29.74
C LEU A 248 -19.74 -0.56 31.03
N ARG A 249 -20.97 -0.50 31.52
CA ARG A 249 -21.31 -1.14 32.79
C ARG A 249 -21.28 -2.69 32.65
N PRO A 250 -20.92 -3.48 33.69
CA PRO A 250 -20.67 -3.11 35.10
C PRO A 250 -19.27 -2.54 35.42
N HIS A 251 -18.54 -2.00 34.42
CA HIS A 251 -17.25 -1.33 34.63
C HIS A 251 -17.46 -0.11 35.59
N PRO A 252 -16.49 0.15 36.52
CA PRO A 252 -16.61 1.32 37.42
C PRO A 252 -16.67 2.71 36.72
N PRO A 253 -17.01 3.85 37.38
CA PRO A 253 -17.36 4.06 38.80
C PRO A 253 -18.53 3.23 39.31
N PHE A 254 -18.40 2.70 40.53
CA PHE A 254 -19.44 1.89 41.14
C PHE A 254 -20.50 2.80 41.83
N SER A 255 -21.50 3.21 41.02
CA SER A 255 -22.66 4.04 41.35
C SER A 255 -23.75 3.57 40.42
N VAL A 256 -25.01 3.45 40.89
CA VAL A 256 -26.12 3.00 40.06
C VAL A 256 -27.47 3.61 40.55
N PRO A 257 -28.43 4.01 39.66
CA PRO A 257 -29.70 4.57 40.16
C PRO A 257 -30.61 3.51 40.80
N GLU A 258 -31.75 3.97 41.34
CA GLU A 258 -32.76 3.15 42.00
C GLU A 258 -33.46 2.24 40.96
N PRO A 259 -33.78 0.96 41.29
CA PRO A 259 -33.64 0.28 42.60
C PRO A 259 -32.28 -0.41 42.88
N TYR A 260 -31.49 -0.66 41.83
CA TYR A 260 -30.22 -1.40 41.81
C TYR A 260 -29.19 -1.02 42.90
N ASN A 261 -29.17 0.25 43.33
CA ASN A 261 -28.26 0.77 44.37
C ASN A 261 -28.37 0.08 45.76
N ARG A 262 -29.58 -0.36 46.11
CA ARG A 262 -29.84 -0.98 47.40
C ARG A 262 -30.44 -2.37 47.26
N MET A 263 -30.56 -2.85 46.02
CA MET A 263 -31.06 -4.18 45.66
C MET A 263 -30.31 -5.34 46.40
N PHE A 264 -29.03 -5.10 46.76
CA PHE A 264 -28.20 -6.09 47.44
C PHE A 264 -27.55 -5.51 48.69
N THR A 265 -27.45 -6.34 49.69
CA THR A 265 -26.90 -6.00 50.99
C THR A 265 -25.43 -6.34 51.01
N PRO A 266 -24.58 -5.46 51.57
CA PRO A 266 -23.14 -5.77 51.64
C PRO A 266 -22.81 -7.13 52.27
N SER A 267 -23.58 -7.55 53.32
CA SER A 267 -23.41 -8.82 54.04
C SER A 267 -23.65 -10.07 53.14
N ASP A 268 -24.48 -9.94 52.08
CA ASP A 268 -24.74 -11.01 51.11
C ASP A 268 -23.47 -11.33 50.30
N GLY A 269 -23.59 -12.27 49.38
CA GLY A 269 -22.47 -12.63 48.52
C GLY A 269 -21.58 -13.75 49.03
N PRO A 270 -20.92 -14.46 48.08
CA PRO A 270 -20.03 -15.57 48.49
C PRO A 270 -18.77 -15.11 49.21
N ALA A 271 -17.98 -16.10 49.68
CA ALA A 271 -16.71 -15.87 50.35
C ALA A 271 -15.71 -15.29 49.32
N PHE A 272 -14.78 -14.47 49.81
CA PHE A 272 -13.75 -13.87 48.98
C PHE A 272 -12.57 -14.84 48.91
N ALA A 273 -12.07 -15.11 47.69
CA ALA A 273 -10.91 -15.96 47.50
C ALA A 273 -9.69 -15.10 47.81
N ARG A 274 -9.29 -15.00 49.09
CA ARG A 274 -8.17 -14.16 49.51
C ARG A 274 -7.48 -14.69 50.72
N ALA A 275 -6.21 -14.30 50.92
CA ALA A 275 -5.42 -14.64 52.09
C ALA A 275 -6.00 -13.89 53.30
N ALA A 276 -5.56 -14.24 54.54
CA ALA A 276 -6.03 -13.65 55.79
C ALA A 276 -5.90 -12.13 55.80
N ASN A 277 -4.77 -11.62 55.27
CA ASN A 277 -4.47 -10.18 55.14
C ASN A 277 -3.71 -9.87 53.84
N ARG A 278 -3.71 -8.59 53.43
CA ARG A 278 -3.00 -8.03 52.26
C ARG A 278 -1.51 -8.36 52.21
N GLU A 279 -0.89 -8.35 53.37
CA GLU A 279 0.54 -8.58 53.55
C GLU A 279 0.93 -10.01 53.21
N ALA A 280 0.13 -10.99 53.67
CA ALA A 280 0.34 -12.41 53.39
C ALA A 280 0.05 -12.67 51.91
N GLU A 281 -0.97 -11.94 51.36
CA GLU A 281 -1.38 -11.99 49.94
C GLU A 281 -0.21 -11.54 49.03
N GLN A 282 0.31 -10.31 49.26
CA GLN A 282 1.41 -9.68 48.54
C GLN A 282 2.71 -10.43 48.63
N ALA A 283 2.91 -11.17 49.73
CA ALA A 283 4.14 -11.92 49.98
C ALA A 283 4.35 -13.13 49.03
N VAL A 284 3.26 -13.62 48.41
CA VAL A 284 3.29 -14.80 47.53
C VAL A 284 4.12 -14.56 46.25
N HIS A 285 4.03 -13.35 45.64
CA HIS A 285 4.75 -13.05 44.41
C HIS A 285 5.15 -11.57 44.30
N PRO A 286 6.36 -11.28 43.75
CA PRO A 286 6.79 -9.87 43.56
C PRO A 286 5.81 -8.96 42.82
N LEU A 287 5.09 -9.51 41.82
CA LEU A 287 4.10 -8.76 41.05
C LEU A 287 2.95 -8.29 41.95
N LEU A 288 2.56 -9.13 42.92
CA LEU A 288 1.47 -8.80 43.86
C LEU A 288 1.91 -7.67 44.82
N ALA A 289 3.18 -7.75 45.26
CA ALA A 289 3.80 -6.78 46.17
C ALA A 289 3.97 -5.41 45.50
N PHE A 290 4.13 -5.42 44.17
CA PHE A 290 4.27 -4.20 43.37
C PHE A 290 2.92 -3.60 43.03
N ALA A 291 2.03 -4.41 42.46
CA ALA A 291 0.75 -3.97 41.93
C ALA A 291 -0.31 -3.62 42.95
N LEU A 292 -0.49 -4.44 43.99
CA LEU A 292 -1.57 -4.25 44.97
C LEU A 292 -1.54 -2.88 45.66
N PRO A 293 -0.36 -2.36 46.12
CA PRO A 293 -0.36 -1.02 46.75
C PRO A 293 -0.70 0.12 45.80
N LEU A 294 -0.41 -0.05 44.48
CA LEU A 294 -0.66 0.95 43.44
C LEU A 294 -2.12 1.10 43.03
N ILE A 295 -3.00 0.17 43.44
CA ILE A 295 -4.44 0.26 43.10
C ILE A 295 -5.03 1.47 43.82
N GLY A 296 -5.57 2.39 43.02
CA GLY A 296 -6.13 3.65 43.49
C GLY A 296 -7.64 3.66 43.56
N LYS A 297 -8.18 4.44 44.50
CA LYS A 297 -9.63 4.58 44.74
C LYS A 297 -10.38 5.22 43.57
N ASP A 298 -9.74 6.19 42.89
CA ASP A 298 -10.25 6.93 41.72
C ASP A 298 -10.72 6.02 40.57
N SER A 299 -10.07 4.86 40.42
CA SER A 299 -10.37 3.84 39.42
C SER A 299 -11.70 3.11 39.69
N PHE A 300 -12.27 3.21 40.92
CA PHE A 300 -13.48 2.46 41.29
C PHE A 300 -14.65 3.31 41.78
N ILE A 301 -14.38 4.45 42.42
CA ILE A 301 -15.41 5.38 42.89
C ILE A 301 -15.10 6.76 42.29
N TYR A 302 -16.13 7.41 41.70
CA TYR A 302 -15.95 8.73 41.11
C TYR A 302 -15.50 9.76 42.15
N GLY A 303 -14.30 10.30 41.94
CA GLY A 303 -13.70 11.28 42.83
C GLY A 303 -12.82 10.67 43.92
N GLY A 304 -12.65 9.34 43.88
CA GLY A 304 -11.84 8.58 44.82
C GLY A 304 -10.43 9.12 44.92
N GLU A 305 -9.88 9.07 46.13
CA GLU A 305 -8.53 9.57 46.42
C GLU A 305 -7.73 8.63 47.28
N GLY A 306 -6.46 8.48 46.94
CA GLY A 306 -5.53 7.60 47.65
C GLY A 306 -5.62 6.15 47.24
N SER A 307 -5.02 5.26 48.06
CA SER A 307 -4.94 3.82 47.82
C SER A 307 -6.22 3.07 48.14
N ALA A 308 -6.51 2.01 47.36
CA ALA A 308 -7.68 1.16 47.56
C ALA A 308 -7.40 0.19 48.75
N SER A 309 -6.12 0.10 49.18
CA SER A 309 -5.62 -0.66 50.34
C SER A 309 -6.25 -0.12 51.66
N ASP A 310 -6.71 1.16 51.65
CA ASP A 310 -7.35 1.85 52.76
C ASP A 310 -8.82 1.46 52.92
N TRP A 311 -9.35 0.64 51.99
CA TRP A 311 -10.72 0.14 52.06
C TRP A 311 -10.71 -1.16 52.84
N THR A 312 -11.64 -1.30 53.78
CA THR A 312 -11.73 -2.50 54.64
C THR A 312 -12.54 -3.60 53.96
N SER A 313 -12.59 -4.78 54.60
CA SER A 313 -13.38 -5.92 54.15
C SER A 313 -14.86 -5.50 53.98
N GLU A 314 -15.32 -4.61 54.88
CA GLU A 314 -16.67 -4.07 54.88
C GLU A 314 -16.85 -3.15 53.68
N ASP A 315 -15.87 -2.25 53.43
CA ASP A 315 -15.87 -1.31 52.30
C ASP A 315 -15.98 -2.09 50.96
N LEU A 316 -15.19 -3.18 50.82
CA LEU A 316 -15.20 -4.05 49.64
C LEU A 316 -16.52 -4.76 49.49
N SER A 317 -17.13 -5.21 50.59
CA SER A 317 -18.44 -5.86 50.57
C SER A 317 -19.54 -4.87 50.10
N ALA A 318 -19.41 -3.59 50.47
CA ALA A 318 -20.31 -2.52 50.08
C ALA A 318 -20.19 -2.22 48.58
N ILE A 319 -18.95 -2.22 48.06
CA ILE A 319 -18.64 -2.02 46.64
C ILE A 319 -19.27 -3.18 45.83
N ARG A 320 -19.10 -4.44 46.32
CA ARG A 320 -19.65 -5.63 45.68
C ARG A 320 -21.19 -5.59 45.54
N ALA A 321 -21.88 -5.09 46.58
CA ALA A 321 -23.33 -4.92 46.63
C ALA A 321 -23.82 -4.00 45.51
N ILE A 322 -23.08 -2.90 45.26
CA ILE A 322 -23.34 -1.95 44.17
C ILE A 322 -23.03 -2.62 42.81
N TYR A 323 -21.88 -3.31 42.71
CA TYR A 323 -21.46 -4.07 41.52
C TYR A 323 -22.53 -5.07 41.09
N TYR A 324 -23.05 -5.85 42.06
CA TYR A 324 -24.11 -6.84 41.85
C TYR A 324 -25.38 -6.16 41.31
N GLY A 325 -25.67 -4.95 41.80
CA GLY A 325 -26.79 -4.16 41.34
C GLY A 325 -26.57 -3.60 39.94
N MET A 326 -25.33 -3.22 39.62
CA MET A 326 -24.94 -2.71 38.30
C MET A 326 -25.12 -3.75 37.22
N ILE A 327 -24.80 -5.03 37.56
CA ILE A 327 -24.98 -6.20 36.69
C ILE A 327 -26.46 -6.39 36.39
N ALA A 328 -27.32 -6.16 37.42
CA ALA A 328 -28.77 -6.29 37.31
C ALA A 328 -29.32 -5.23 36.35
N GLU A 329 -28.81 -3.99 36.46
CA GLU A 329 -29.19 -2.86 35.61
C GLU A 329 -28.89 -3.16 34.14
N VAL A 330 -27.70 -3.74 33.87
CA VAL A 330 -27.30 -4.12 32.52
C VAL A 330 -28.21 -5.26 31.99
N ASP A 331 -28.48 -6.27 32.85
CA ASP A 331 -29.36 -7.40 32.52
C ASP A 331 -30.75 -6.93 32.07
N THR A 332 -31.30 -5.90 32.75
CA THR A 332 -32.62 -5.33 32.44
C THR A 332 -32.61 -4.84 31.02
N GLN A 333 -31.58 -4.06 30.65
CA GLN A 333 -31.41 -3.51 29.31
C GLN A 333 -31.24 -4.60 28.25
N LEU A 334 -30.69 -5.76 28.65
CA LEU A 334 -30.60 -6.90 27.73
C LEU A 334 -31.99 -7.43 27.42
N GLY A 335 -32.86 -7.47 28.44
CA GLY A 335 -34.26 -7.89 28.29
C GLY A 335 -35.06 -6.98 27.36
N ARG A 336 -34.79 -5.68 27.49
CA ARG A 336 -35.37 -4.62 26.64
C ARG A 336 -34.94 -4.84 25.18
N ILE A 337 -33.65 -5.27 24.96
CA ILE A 337 -33.08 -5.57 23.65
C ILE A 337 -33.74 -6.83 23.07
N TRP A 338 -33.86 -7.90 23.90
CA TRP A 338 -34.49 -9.16 23.49
C TRP A 338 -35.94 -8.89 23.07
N GLN A 339 -36.64 -7.99 23.82
CA GLN A 339 -38.02 -7.66 23.45
C GLN A 339 -38.07 -6.89 22.13
N ALA A 340 -37.20 -5.86 21.99
CA ALA A 340 -37.08 -5.05 20.77
C ALA A 340 -36.83 -5.90 19.50
N LEU A 341 -36.05 -7.01 19.63
CA LEU A 341 -35.76 -7.96 18.55
C LEU A 341 -37.00 -8.75 18.17
N LYS A 342 -37.81 -9.16 19.19
CA LYS A 342 -39.06 -9.90 19.02
C LYS A 342 -40.07 -8.99 18.31
N ASN A 343 -40.19 -7.71 18.78
CA ASN A 343 -41.10 -6.69 18.24
C ASN A 343 -40.92 -6.44 16.74
N VAL A 344 -39.69 -6.50 16.24
CA VAL A 344 -39.39 -6.28 14.82
C VAL A 344 -39.38 -7.59 14.01
N GLY A 345 -39.44 -8.73 14.72
CA GLY A 345 -39.44 -10.06 14.14
C GLY A 345 -38.06 -10.59 13.76
N ALA A 346 -37.02 -10.11 14.46
CA ALA A 346 -35.63 -10.48 14.22
C ALA A 346 -35.15 -11.64 15.10
N TRP A 347 -35.76 -11.81 16.28
CA TRP A 347 -35.43 -12.80 17.31
C TRP A 347 -34.98 -14.20 16.81
N ASP A 348 -35.67 -14.77 15.81
CA ASP A 348 -35.34 -16.12 15.34
C ASP A 348 -34.45 -16.16 14.08
N ASP A 349 -33.92 -14.97 13.68
CA ASP A 349 -33.04 -14.79 12.53
C ASP A 349 -31.70 -14.17 12.98
N THR A 350 -31.57 -13.91 14.29
CA THR A 350 -30.40 -13.25 14.88
C THR A 350 -29.51 -14.17 15.73
N LEU A 351 -28.21 -14.22 15.37
CA LEU A 351 -27.17 -14.89 16.13
C LEU A 351 -26.75 -13.89 17.20
N ILE A 352 -27.04 -14.18 18.48
CA ILE A 352 -26.68 -13.28 19.58
C ILE A 352 -25.45 -13.81 20.30
N ILE A 353 -24.42 -12.96 20.49
CA ILE A 353 -23.24 -13.34 21.25
C ILE A 353 -23.09 -12.35 22.39
N PHE A 354 -23.36 -12.79 23.62
CA PHE A 354 -23.21 -11.94 24.80
C PHE A 354 -21.97 -12.40 25.55
N THR A 355 -21.10 -11.46 25.91
CA THR A 355 -19.83 -11.74 26.61
C THR A 355 -19.29 -10.47 27.27
N SER A 356 -18.09 -10.56 27.83
CA SER A 356 -17.35 -9.46 28.44
C SER A 356 -15.90 -9.54 27.95
N ASP A 357 -15.20 -8.40 27.89
CA ASP A 357 -13.78 -8.33 27.45
C ASP A 357 -12.85 -9.02 28.45
N HIS A 358 -12.99 -8.68 29.73
CA HIS A 358 -12.23 -9.19 30.89
C HIS A 358 -13.18 -9.12 32.09
N ALA A 359 -12.76 -9.65 33.26
CA ALA A 359 -13.62 -9.61 34.43
C ALA A 359 -13.16 -8.56 35.46
N GLU A 360 -13.42 -8.80 36.75
CA GLU A 360 -13.20 -7.92 37.89
C GLU A 360 -12.79 -8.77 39.07
N MET A 361 -11.79 -8.33 39.87
CA MET A 361 -11.33 -9.12 41.02
C MET A 361 -12.33 -9.09 42.17
N MET A 362 -13.04 -7.96 42.32
CA MET A 362 -14.11 -7.73 43.28
C MET A 362 -13.84 -8.29 44.70
N GLY A 363 -12.73 -7.85 45.30
CA GLY A 363 -12.34 -8.24 46.64
C GLY A 363 -11.49 -9.49 46.75
N ASP A 364 -11.57 -10.40 45.76
CA ASP A 364 -10.70 -11.59 45.77
C ASP A 364 -9.24 -11.12 45.71
N HIS A 365 -8.38 -11.78 46.49
CA HIS A 365 -6.95 -11.52 46.63
C HIS A 365 -6.65 -10.08 46.99
N TRP A 366 -7.58 -9.47 47.79
CA TRP A 366 -7.55 -8.08 48.32
C TRP A 366 -7.39 -7.04 47.19
N MET A 367 -7.80 -7.44 45.99
CA MET A 367 -7.71 -6.71 44.74
C MET A 367 -9.04 -6.23 44.24
N LEU A 368 -9.00 -5.11 43.53
CA LEU A 368 -10.08 -4.55 42.75
C LEU A 368 -9.50 -4.34 41.37
N GLY A 369 -10.34 -4.54 40.36
CA GLY A 369 -9.98 -4.37 38.97
C GLY A 369 -9.52 -5.61 38.25
N LYS A 370 -8.74 -5.40 37.20
CA LYS A 370 -8.30 -6.49 36.34
C LYS A 370 -6.78 -6.49 36.12
N GLY A 371 -6.26 -7.56 35.55
CA GLY A 371 -4.84 -7.77 35.32
C GLY A 371 -4.33 -8.86 36.24
N GLY A 372 -3.06 -9.19 36.10
CA GLY A 372 -2.45 -10.22 36.92
C GLY A 372 -2.67 -11.61 36.34
N PHE A 373 -2.85 -12.60 37.24
CA PHE A 373 -2.96 -13.99 36.85
C PHE A 373 -4.14 -14.76 37.51
N PHE A 374 -4.84 -14.16 38.49
CA PHE A 374 -5.95 -14.85 39.16
C PHE A 374 -7.18 -14.98 38.28
N ASP A 375 -7.94 -16.06 38.50
CA ASP A 375 -9.17 -16.40 37.77
C ASP A 375 -10.21 -15.28 37.74
N GLY A 376 -10.37 -14.60 38.86
CA GLY A 376 -11.35 -13.53 39.04
C GLY A 376 -11.34 -12.47 37.97
N SER A 377 -10.15 -12.14 37.46
CA SER A 377 -9.90 -11.14 36.43
C SER A 377 -10.10 -11.62 34.96
N TYR A 378 -10.06 -12.95 34.73
CA TYR A 378 -10.12 -13.55 33.38
C TYR A 378 -11.36 -14.38 33.06
N HIS A 379 -11.95 -15.08 34.05
CA HIS A 379 -13.17 -15.84 33.84
C HIS A 379 -14.32 -14.88 33.58
N VAL A 380 -14.89 -14.97 32.37
CA VAL A 380 -15.95 -14.08 31.84
C VAL A 380 -17.19 -14.85 31.35
N PRO A 381 -18.38 -14.19 31.28
CA PRO A 381 -19.55 -14.89 30.72
C PRO A 381 -19.44 -15.04 29.21
N LEU A 382 -20.13 -16.05 28.66
CA LEU A 382 -20.34 -16.31 27.24
C LEU A 382 -21.64 -17.09 27.06
N VAL A 383 -22.59 -16.45 26.42
CA VAL A 383 -23.88 -17.04 26.07
C VAL A 383 -24.06 -16.74 24.60
N ILE A 384 -24.19 -17.79 23.80
CA ILE A 384 -24.45 -17.68 22.36
C ILE A 384 -25.85 -18.29 22.03
N ARG A 385 -26.77 -17.47 21.51
CA ARG A 385 -28.08 -17.92 21.04
C ARG A 385 -28.08 -17.97 19.52
N ASP A 386 -28.01 -19.19 18.97
CA ASP A 386 -28.01 -19.40 17.53
C ASP A 386 -29.33 -20.11 17.12
N PRO A 387 -30.32 -19.34 16.57
CA PRO A 387 -31.59 -19.96 16.14
C PRO A 387 -31.43 -20.97 14.98
N GLY A 388 -30.26 -20.91 14.30
CA GLY A 388 -29.87 -21.78 13.21
C GLY A 388 -29.42 -23.16 13.67
N HIS A 389 -29.17 -23.32 14.98
CA HIS A 389 -28.76 -24.61 15.57
C HIS A 389 -29.61 -24.87 16.83
N PRO A 390 -30.88 -25.33 16.67
CA PRO A 390 -31.73 -25.59 17.86
C PRO A 390 -31.30 -26.85 18.63
N GLY A 391 -30.50 -27.69 17.98
CA GLY A 391 -29.94 -28.94 18.51
C GLY A 391 -29.06 -28.81 19.73
N GLY A 392 -28.53 -27.60 19.98
CA GLY A 392 -27.70 -27.30 21.13
C GLY A 392 -28.36 -26.38 22.15
N ALA A 393 -29.61 -25.94 21.91
CA ALA A 393 -30.34 -25.04 22.82
C ALA A 393 -30.52 -25.64 24.24
N GLY A 394 -30.45 -24.77 25.26
CA GLY A 394 -30.54 -25.17 26.67
C GLY A 394 -29.28 -25.76 27.29
N ARG A 395 -28.27 -26.07 26.46
CA ARG A 395 -27.02 -26.70 26.84
C ARG A 395 -26.01 -25.77 27.54
N GLN A 396 -25.15 -26.36 28.36
CA GLN A 396 -24.07 -25.71 29.10
C GLN A 396 -22.78 -26.44 28.76
N VAL A 397 -21.76 -25.69 28.31
CA VAL A 397 -20.45 -26.23 27.89
C VAL A 397 -19.44 -26.07 29.03
N GLU A 398 -18.73 -27.15 29.33
CA GLU A 398 -17.73 -27.18 30.41
C GLU A 398 -16.28 -27.31 29.85
N ARG A 399 -16.10 -27.41 28.51
CA ARG A 399 -14.74 -27.38 27.96
C ARG A 399 -14.22 -25.91 28.08
N PHE A 400 -12.86 -25.70 28.07
CA PHE A 400 -12.23 -24.36 28.14
C PHE A 400 -12.34 -23.61 26.85
N THR A 401 -12.97 -22.45 26.92
CA THR A 401 -13.16 -21.60 25.74
C THR A 401 -12.45 -20.27 25.98
N SER A 402 -12.07 -19.61 24.87
CA SER A 402 -11.33 -18.36 24.90
C SER A 402 -12.06 -17.25 24.16
N ALA A 403 -11.74 -15.98 24.48
CA ALA A 403 -12.28 -14.84 23.74
C ALA A 403 -11.76 -14.88 22.30
N ALA A 404 -10.62 -15.58 22.09
CA ALA A 404 -9.95 -15.85 20.81
C ALA A 404 -10.79 -16.73 19.87
N ASP A 405 -11.83 -17.40 20.40
CA ASP A 405 -12.70 -18.33 19.68
C ASP A 405 -13.86 -17.66 18.98
N ILE A 406 -14.22 -16.43 19.39
CA ILE A 406 -15.36 -15.69 18.83
C ILE A 406 -15.22 -15.42 17.34
N PHE A 407 -14.08 -14.84 16.91
CA PHE A 407 -13.86 -14.52 15.49
C PHE A 407 -13.86 -15.79 14.66
N PRO A 408 -13.10 -16.88 15.02
CA PRO A 408 -13.22 -18.16 14.27
C PRO A 408 -14.66 -18.72 14.17
N THR A 409 -15.45 -18.58 15.25
CA THR A 409 -16.87 -19.02 15.31
C THR A 409 -17.68 -18.31 14.24
N LEU A 410 -17.58 -16.95 14.18
CA LEU A 410 -18.27 -16.11 13.20
C LEU A 410 -17.88 -16.48 11.77
N CYS A 411 -16.59 -16.75 11.53
CA CYS A 411 -16.11 -17.12 10.22
C CYS A 411 -16.77 -18.40 9.72
N ASP A 412 -16.83 -19.44 10.59
CA ASP A 412 -17.43 -20.73 10.33
C ASP A 412 -18.92 -20.57 10.01
N ARG A 413 -19.67 -20.01 10.98
CA ARG A 413 -21.10 -19.77 10.94
C ARG A 413 -21.53 -18.90 9.79
N LEU A 414 -20.76 -17.87 9.44
CA LEU A 414 -21.13 -16.97 8.35
C LEU A 414 -20.46 -17.29 7.03
N GLY A 415 -19.71 -18.40 6.97
CA GLY A 415 -19.01 -18.81 5.75
C GLY A 415 -17.97 -17.81 5.26
N LEU A 416 -17.22 -17.20 6.19
CA LEU A 416 -16.16 -16.25 5.86
C LEU A 416 -14.80 -16.92 6.03
N VAL A 417 -13.79 -16.46 5.27
CA VAL A 417 -12.42 -16.97 5.37
C VAL A 417 -11.56 -15.86 5.96
N PRO A 418 -10.90 -16.09 7.14
CA PRO A 418 -10.03 -15.04 7.69
C PRO A 418 -8.80 -14.82 6.80
N ASP A 419 -8.28 -13.57 6.77
CA ASP A 419 -7.13 -13.20 5.91
C ASP A 419 -5.75 -13.56 6.50
N ASN A 420 -5.72 -14.11 7.71
CA ASN A 420 -4.48 -14.50 8.38
C ASN A 420 -4.78 -15.60 9.37
N HIS A 421 -3.71 -16.15 10.00
CA HIS A 421 -3.75 -17.16 11.06
C HIS A 421 -4.65 -16.65 12.22
N LEU A 422 -5.35 -17.55 12.90
CA LEU A 422 -6.16 -17.22 14.08
C LEU A 422 -5.74 -18.18 15.19
N ASP A 423 -5.79 -17.75 16.44
CA ASP A 423 -5.39 -18.62 17.54
C ASP A 423 -6.55 -19.43 18.11
N GLY A 424 -7.76 -18.85 18.09
CA GLY A 424 -8.95 -19.52 18.57
C GLY A 424 -9.46 -20.59 17.60
N GLY A 425 -10.48 -21.32 18.06
CA GLY A 425 -11.15 -22.36 17.29
C GLY A 425 -12.64 -22.10 17.23
N THR A 426 -13.32 -22.64 16.19
CA THR A 426 -14.77 -22.50 16.04
C THR A 426 -15.55 -23.23 17.15
N LEU A 427 -16.56 -22.53 17.67
CA LEU A 427 -17.43 -23.03 18.74
C LEU A 427 -18.71 -23.61 18.10
N VAL A 428 -18.82 -23.58 16.76
CA VAL A 428 -19.98 -24.08 16.03
C VAL A 428 -20.30 -25.54 16.46
N PRO A 429 -19.31 -26.49 16.53
CA PRO A 429 -19.64 -27.86 16.99
C PRO A 429 -20.34 -27.93 18.36
N PHE A 430 -20.07 -26.98 19.26
CA PHE A 430 -20.74 -26.91 20.55
C PHE A 430 -22.18 -26.41 20.39
N LEU A 431 -22.41 -25.47 19.46
CA LEU A 431 -23.74 -24.90 19.18
C LEU A 431 -24.64 -25.97 18.51
N GLU A 432 -24.03 -26.87 17.70
CA GLU A 432 -24.70 -27.99 17.02
C GLU A 432 -25.19 -29.02 18.04
N GLY A 433 -24.61 -28.98 19.23
CA GLY A 433 -24.95 -29.89 20.32
C GLY A 433 -23.91 -30.97 20.55
N GLY A 434 -22.85 -30.96 19.75
CA GLY A 434 -21.74 -31.90 19.84
C GLY A 434 -20.49 -31.34 20.51
N GLU A 435 -19.34 -31.90 20.15
CA GLU A 435 -18.04 -31.50 20.70
C GLU A 435 -17.03 -31.47 19.58
N PRO A 436 -16.16 -30.44 19.49
CA PRO A 436 -15.16 -30.42 18.41
C PRO A 436 -14.04 -31.44 18.70
N GLU A 437 -13.46 -31.95 17.64
CA GLU A 437 -12.37 -32.87 17.79
C GLU A 437 -11.12 -32.00 18.03
N GLY A 438 -10.26 -32.47 18.92
CA GLY A 438 -8.98 -31.82 19.22
C GLY A 438 -9.09 -30.46 19.83
N TRP A 439 -10.12 -30.23 20.66
CA TRP A 439 -10.30 -28.97 21.36
C TRP A 439 -9.24 -28.93 22.47
N ARG A 440 -8.91 -27.73 22.97
CA ARG A 440 -7.90 -27.54 24.05
C ARG A 440 -8.28 -28.21 25.39
N ASP A 441 -7.29 -28.71 26.14
CA ASP A 441 -7.45 -29.33 27.49
C ASP A 441 -7.33 -28.27 28.60
N ALA A 442 -6.80 -27.08 28.28
CA ALA A 442 -6.60 -26.04 29.29
C ALA A 442 -6.83 -24.70 28.72
N ALA A 443 -7.23 -23.78 29.58
CA ALA A 443 -7.39 -22.38 29.26
C ALA A 443 -5.98 -21.76 29.17
N PHE A 444 -5.80 -20.85 28.20
CA PHE A 444 -4.56 -20.13 27.98
C PHE A 444 -4.84 -18.66 27.93
N TRP A 445 -4.05 -17.87 28.68
CA TRP A 445 -4.13 -16.41 28.64
C TRP A 445 -2.79 -15.81 28.98
N GLU A 446 -2.63 -14.53 28.67
CA GLU A 446 -1.39 -13.79 28.87
C GLU A 446 -1.64 -12.47 29.54
N PHE A 447 -0.62 -11.92 30.17
CA PHE A 447 -0.72 -10.59 30.75
C PHE A 447 0.63 -9.90 30.66
N ASP A 448 0.62 -8.68 30.16
CA ASP A 448 1.82 -7.86 30.02
C ASP A 448 1.66 -6.58 30.88
N PHE A 449 2.69 -6.26 31.68
CA PHE A 449 2.71 -5.13 32.62
C PHE A 449 3.83 -4.10 32.35
N ARG A 450 4.34 -4.05 31.09
CA ARG A 450 5.34 -3.06 30.64
C ARG A 450 4.75 -1.64 30.77
N ASP A 451 5.62 -0.62 30.83
CA ASP A 451 5.23 0.78 30.93
C ASP A 451 6.11 1.57 29.96
N ILE A 452 5.69 1.70 28.70
CA ILE A 452 6.47 2.41 27.68
C ILE A 452 6.63 3.89 28.05
N ALA A 453 5.52 4.55 28.45
CA ALA A 453 5.49 5.97 28.79
C ALA A 453 6.28 6.36 30.01
N LYS A 454 6.14 5.61 31.15
CA LYS A 454 6.80 5.95 32.40
C LYS A 454 7.91 5.00 32.86
N GLY A 455 7.91 3.74 32.44
CA GLY A 455 8.93 2.76 32.83
C GLY A 455 9.01 2.38 34.30
N GLU A 456 7.90 2.51 35.04
CA GLU A 456 7.82 2.21 36.48
C GLU A 456 8.08 0.74 36.82
N ALA A 457 7.31 -0.20 36.19
CA ALA A 457 7.47 -1.63 36.43
C ALA A 457 8.89 -2.08 36.08
N GLU A 458 9.43 -1.57 34.96
CA GLU A 458 10.77 -1.88 34.45
C GLU A 458 11.85 -1.50 35.48
N ARG A 459 11.72 -0.31 36.08
CA ARG A 459 12.66 0.20 37.10
C ARG A 459 12.58 -0.58 38.39
N HIS A 460 11.32 -0.82 38.86
CA HIS A 460 11.00 -1.57 40.06
C HIS A 460 11.56 -2.98 40.00
N PHE A 461 11.27 -3.71 38.92
CA PHE A 461 11.72 -5.10 38.79
C PHE A 461 13.14 -5.25 38.26
N GLY A 462 13.64 -4.23 37.58
CA GLY A 462 14.98 -4.30 36.99
C GLY A 462 14.94 -5.15 35.74
N LEU A 463 13.81 -5.01 34.98
CA LEU A 463 13.56 -5.78 33.76
C LEU A 463 13.33 -4.88 32.56
N LYS A 464 13.74 -5.38 31.39
CA LYS A 464 13.42 -4.75 30.09
C LYS A 464 11.87 -4.90 29.86
N SER A 465 11.27 -4.04 29.04
CA SER A 465 9.82 -4.08 28.74
C SER A 465 9.34 -5.42 28.15
N ASN A 466 10.20 -6.10 27.37
CA ASN A 466 9.88 -7.39 26.79
C ASN A 466 9.84 -8.55 27.80
N ALA A 467 10.30 -8.27 29.04
CA ALA A 467 10.35 -9.27 30.13
C ALA A 467 9.28 -9.01 31.23
N CYS A 468 8.47 -7.97 31.07
CA CYS A 468 7.39 -7.59 31.96
C CYS A 468 6.07 -8.26 31.60
N ASN A 469 6.09 -9.58 31.48
CA ASN A 469 4.89 -10.36 31.11
C ASN A 469 4.84 -11.74 31.78
N LEU A 470 3.65 -12.35 31.71
CA LEU A 470 3.35 -13.71 32.19
C LEU A 470 2.43 -14.43 31.18
N ALA A 471 2.43 -15.78 31.24
CA ALA A 471 1.55 -16.65 30.48
C ALA A 471 0.93 -17.65 31.47
N VAL A 472 -0.39 -17.88 31.32
CA VAL A 472 -1.13 -18.80 32.19
C VAL A 472 -1.61 -20.00 31.42
N ILE A 473 -1.37 -21.20 31.99
CA ILE A 473 -1.93 -22.47 31.53
C ILE A 473 -2.80 -23.00 32.69
N ARG A 474 -4.11 -23.04 32.50
CA ARG A 474 -5.01 -23.42 33.58
C ARG A 474 -6.02 -24.47 33.16
N ASP A 475 -5.98 -25.62 33.84
CA ASP A 475 -6.93 -26.66 33.61
C ASP A 475 -7.84 -26.82 34.85
N GLU A 476 -8.50 -27.95 34.99
CA GLU A 476 -9.41 -28.21 36.10
C GLU A 476 -8.67 -28.48 37.39
N ARG A 477 -7.42 -28.99 37.29
CA ARG A 477 -6.66 -29.31 38.47
C ARG A 477 -5.49 -28.35 38.78
N PHE A 478 -4.77 -27.83 37.77
CA PHE A 478 -3.62 -26.93 38.03
C PHE A 478 -3.64 -25.63 37.29
N LYS A 479 -2.96 -24.63 37.85
CA LYS A 479 -2.69 -23.34 37.22
C LYS A 479 -1.20 -23.12 37.32
N TYR A 480 -0.55 -23.03 36.17
CA TYR A 480 0.87 -22.73 36.05
C TYR A 480 0.99 -21.35 35.39
N VAL A 481 1.65 -20.42 36.10
CA VAL A 481 1.88 -19.05 35.66
C VAL A 481 3.34 -18.90 35.51
N HIS A 482 3.81 -18.72 34.27
CA HIS A 482 5.22 -18.49 34.00
C HIS A 482 5.43 -17.00 33.72
N PHE A 483 6.41 -16.40 34.41
CA PHE A 483 6.79 -15.01 34.23
C PHE A 483 8.09 -14.99 33.44
N ALA A 484 8.19 -14.11 32.40
CA ALA A 484 9.43 -13.99 31.63
C ALA A 484 10.65 -13.60 32.51
N GLY A 485 10.41 -12.77 33.55
CA GLY A 485 11.53 -12.34 34.39
C GLY A 485 11.37 -12.43 35.90
N LEU A 486 10.30 -13.06 36.39
CA LEU A 486 10.00 -13.22 37.80
C LEU A 486 9.83 -14.72 38.13
N PRO A 487 9.71 -15.16 39.41
CA PRO A 487 9.57 -16.62 39.66
C PRO A 487 8.24 -17.20 39.17
N PRO A 488 8.17 -18.50 38.79
CA PRO A 488 6.87 -19.05 38.38
C PRO A 488 5.89 -19.28 39.55
N LEU A 489 4.61 -19.53 39.21
CA LEU A 489 3.56 -19.86 40.19
C LEU A 489 2.87 -21.20 39.82
N LEU A 490 2.57 -22.00 40.82
CA LEU A 490 1.87 -23.25 40.58
C LEU A 490 0.82 -23.37 41.65
N TYR A 491 -0.46 -23.47 41.23
CA TYR A 491 -1.57 -23.65 42.14
C TYR A 491 -2.28 -24.99 41.88
N ASP A 492 -2.44 -25.81 42.95
CA ASP A 492 -3.17 -27.08 42.90
C ASP A 492 -4.62 -26.70 43.18
N LEU A 493 -5.43 -26.53 42.12
CA LEU A 493 -6.82 -26.12 42.23
C LEU A 493 -7.70 -27.15 42.92
N ALA A 494 -7.31 -28.43 42.89
CA ALA A 494 -8.03 -29.51 43.57
C ALA A 494 -7.99 -29.31 45.13
N LYS A 495 -6.78 -29.02 45.69
CA LYS A 495 -6.54 -28.81 47.12
C LYS A 495 -6.81 -27.34 47.52
N ASP A 496 -6.56 -26.43 46.57
CA ASP A 496 -6.57 -25.00 46.81
C ASP A 496 -7.33 -24.24 45.69
N PRO A 497 -8.67 -24.31 45.68
CA PRO A 497 -9.43 -23.61 44.62
C PRO A 497 -9.37 -22.09 44.68
N MET A 498 -9.03 -21.54 45.86
CA MET A 498 -8.93 -20.11 46.07
C MET A 498 -7.59 -19.46 45.62
N GLU A 499 -6.60 -20.28 45.15
CA GLU A 499 -5.29 -19.83 44.65
C GLU A 499 -4.49 -19.08 45.71
N LEU A 500 -4.30 -19.69 46.90
CA LEU A 500 -3.57 -19.02 47.99
C LEU A 500 -2.20 -19.63 48.29
N THR A 501 -1.94 -20.85 47.80
CA THR A 501 -0.69 -21.56 48.07
C THR A 501 0.09 -21.84 46.83
N ASN A 502 1.23 -21.21 46.73
CA ASN A 502 2.11 -21.46 45.59
C ASN A 502 2.95 -22.68 45.93
N VAL A 503 2.81 -23.70 45.12
CA VAL A 503 3.54 -24.95 45.31
C VAL A 503 4.65 -25.17 44.28
N ALA A 504 5.06 -24.12 43.53
CA ALA A 504 6.08 -24.24 42.47
C ALA A 504 7.43 -24.75 42.96
N ALA A 505 7.85 -24.30 44.15
CA ALA A 505 9.13 -24.67 44.78
C ALA A 505 9.11 -25.99 45.58
N ASP A 506 7.89 -26.55 45.88
CA ASP A 506 7.71 -27.84 46.59
C ASP A 506 8.28 -28.94 45.70
N ALA A 507 9.25 -29.70 46.21
CA ALA A 507 9.93 -30.79 45.47
C ALA A 507 8.99 -31.92 44.99
N ASP A 508 7.83 -32.07 45.65
CA ASP A 508 6.86 -33.13 45.32
C ASP A 508 6.01 -32.77 44.07
N TYR A 509 5.99 -31.47 43.72
CA TYR A 509 5.29 -30.94 42.55
C TYR A 509 6.23 -30.66 41.38
N ALA A 510 7.50 -31.05 41.50
CA ALA A 510 8.52 -30.81 40.48
C ALA A 510 8.17 -31.35 39.10
N ALA A 511 7.61 -32.55 39.03
CA ALA A 511 7.23 -33.17 37.76
C ALA A 511 5.96 -32.55 37.16
N VAL A 512 5.03 -32.06 38.03
CA VAL A 512 3.80 -31.34 37.66
C VAL A 512 4.26 -30.01 37.01
N ARG A 513 5.17 -29.27 37.71
CA ARG A 513 5.78 -28.05 37.20
C ARG A 513 6.45 -28.25 35.85
N LEU A 514 7.26 -29.32 35.70
CA LEU A 514 7.93 -29.65 34.43
C LEU A 514 6.94 -29.94 33.29
N GLY A 515 5.86 -30.65 33.63
CA GLY A 515 4.83 -31.02 32.67
C GLY A 515 4.11 -29.81 32.09
N TYR A 516 3.74 -28.85 32.96
CA TYR A 516 3.05 -27.63 32.54
C TYR A 516 3.97 -26.65 31.80
N ALA A 517 5.27 -26.65 32.14
CA ALA A 517 6.27 -25.81 31.48
C ALA A 517 6.44 -26.27 30.04
N GLU A 518 6.52 -27.60 29.83
CA GLU A 518 6.68 -28.20 28.48
C GLU A 518 5.40 -28.13 27.67
N LYS A 519 4.24 -28.16 28.33
CA LYS A 519 2.93 -28.02 27.70
C LYS A 519 2.81 -26.57 27.19
N LEU A 520 3.19 -25.60 28.03
CA LEU A 520 3.21 -24.18 27.64
C LEU A 520 4.22 -23.96 26.48
N LEU A 521 5.38 -24.66 26.52
CA LEU A 521 6.35 -24.60 25.43
C LEU A 521 5.74 -25.07 24.08
N SER A 522 4.91 -26.13 24.13
CA SER A 522 4.21 -26.69 22.97
C SER A 522 3.20 -25.71 22.37
N LEU A 523 2.40 -25.03 23.23
CA LEU A 523 1.48 -23.98 22.85
C LEU A 523 2.18 -22.84 22.12
N ARG A 524 3.30 -22.31 22.71
CA ARG A 524 4.11 -21.23 22.14
C ARG A 524 4.56 -21.56 20.73
N ALA A 525 5.04 -22.80 20.50
CA ALA A 525 5.49 -23.28 19.21
C ALA A 525 4.33 -23.45 18.20
N GLN A 526 3.17 -23.94 18.68
CA GLN A 526 2.01 -24.18 17.82
C GLN A 526 1.30 -22.90 17.40
N HIS A 527 1.29 -21.89 18.30
CA HIS A 527 0.64 -20.62 18.09
C HIS A 527 1.51 -19.53 17.45
N LEU A 528 2.70 -19.90 16.90
CA LEU A 528 3.50 -18.98 16.11
C LEU A 528 2.66 -18.68 14.84
N ASP A 529 2.82 -17.47 14.28
CA ASP A 529 2.05 -17.01 13.12
C ASP A 529 2.14 -17.95 11.91
N GLN A 530 1.01 -18.60 11.55
CA GLN A 530 0.96 -19.55 10.41
C GLN A 530 0.37 -18.93 9.12
N THR A 531 0.16 -17.59 9.09
CA THR A 531 -0.37 -16.85 7.93
C THR A 531 0.32 -17.27 6.63
N LEU A 532 1.66 -17.25 6.60
CA LEU A 532 2.43 -17.64 5.41
C LEU A 532 3.07 -19.00 5.55
N ALA A 533 3.38 -19.44 6.79
CA ALA A 533 4.01 -20.73 7.10
C ALA A 533 3.17 -21.95 6.65
N TYR A 534 1.84 -21.77 6.43
CA TYR A 534 0.95 -22.81 5.90
C TYR A 534 0.93 -22.82 4.35
N THR A 535 1.87 -22.12 3.71
CA THR A 535 2.02 -22.01 2.26
C THR A 535 3.41 -22.44 1.85
N GLU A 536 3.49 -23.12 0.72
CA GLU A 536 4.74 -23.57 0.14
C GLU A 536 4.71 -23.27 -1.34
N LEU A 537 5.77 -22.63 -1.82
CA LEU A 537 5.92 -22.27 -3.21
C LEU A 537 6.51 -23.47 -3.96
N THR A 538 5.72 -24.02 -4.87
CA THR A 538 6.07 -25.19 -5.67
C THR A 538 6.20 -24.81 -7.16
N GLU A 539 6.66 -25.78 -8.01
CA GLU A 539 6.80 -25.64 -9.48
C GLU A 539 5.47 -25.24 -10.14
N LYS A 540 4.37 -25.71 -9.55
CA LYS A 540 2.98 -25.48 -9.95
C LYS A 540 2.40 -24.24 -9.19
N GLY A 541 3.29 -23.42 -8.63
CA GLY A 541 2.92 -22.23 -7.88
C GLY A 541 2.61 -22.49 -6.41
N PRO A 542 1.96 -21.54 -5.71
CA PRO A 542 1.69 -21.74 -4.28
C PRO A 542 0.74 -22.88 -3.96
N VAL A 543 1.01 -23.56 -2.85
CA VAL A 543 0.22 -24.66 -2.32
C VAL A 543 0.00 -24.34 -0.85
N SER A 544 -1.24 -24.36 -0.39
CA SER A 544 -1.57 -24.03 0.98
C SER A 544 -2.31 -25.10 1.73
N ARG A 545 -2.17 -25.07 3.06
CA ARG A 545 -2.83 -25.96 3.98
C ARG A 545 -3.87 -25.12 4.73
N ARG A 546 -4.96 -25.77 5.11
CA ARG A 546 -6.04 -25.11 5.85
C ARG A 546 -5.97 -25.50 7.32
N PRO A 547 -6.01 -24.49 8.23
CA PRO A 547 -6.00 -24.83 9.66
C PRO A 547 -7.27 -25.56 10.12
N ARG B 44 -6.32 25.96 15.26
CA ARG B 44 -6.62 27.34 15.64
C ARG B 44 -8.12 27.71 15.41
N PRO B 45 -8.61 28.05 14.17
CA PRO B 45 -10.04 28.37 14.04
C PRO B 45 -10.94 27.12 13.92
N ASN B 46 -12.25 27.32 14.04
CA ASN B 46 -13.23 26.25 13.86
C ASN B 46 -13.65 26.38 12.42
N VAL B 47 -13.83 25.26 11.70
CA VAL B 47 -14.24 25.33 10.30
C VAL B 47 -15.65 24.78 10.16
N LEU B 48 -16.53 25.54 9.52
CA LEU B 48 -17.90 25.09 9.27
C LEU B 48 -18.22 25.21 7.79
N LEU B 49 -18.17 24.07 7.07
CA LEU B 49 -18.49 24.02 5.65
C LEU B 49 -19.93 23.61 5.53
N ILE B 50 -20.76 24.55 5.08
CA ILE B 50 -22.18 24.29 4.88
C ILE B 50 -22.48 24.30 3.42
N SER B 51 -23.14 23.24 2.95
CA SER B 51 -23.62 23.12 1.60
C SER B 51 -25.12 22.82 1.67
N ALA B 52 -25.86 23.35 0.71
CA ALA B 52 -27.30 23.15 0.55
C ALA B 52 -27.44 22.84 -0.93
N ASP B 53 -27.87 21.61 -1.22
CA ASP B 53 -27.96 21.08 -2.56
C ASP B 53 -28.91 21.80 -3.47
N GLN B 54 -28.48 22.00 -4.74
CA GLN B 54 -29.29 22.54 -5.84
C GLN B 54 -29.83 23.94 -5.58
N TRP B 55 -28.97 24.84 -5.13
CA TRP B 55 -29.32 26.24 -4.84
C TRP B 55 -28.67 27.16 -5.89
N ARG B 56 -29.51 27.96 -6.59
CA ARG B 56 -29.12 28.92 -7.63
C ARG B 56 -28.34 30.10 -7.05
N GLY B 57 -27.26 30.49 -7.72
CA GLY B 57 -26.42 31.60 -7.29
C GLY B 57 -27.07 32.97 -7.32
N ASP B 58 -28.08 33.13 -8.20
CA ASP B 58 -28.85 34.37 -8.35
C ASP B 58 -29.99 34.46 -7.34
N CYS B 59 -30.29 33.35 -6.63
CA CYS B 59 -31.37 33.31 -5.64
C CYS B 59 -30.89 33.61 -4.22
N LEU B 60 -30.43 34.84 -4.04
CA LEU B 60 -30.01 35.44 -2.78
C LEU B 60 -30.48 36.89 -2.78
N SER B 61 -31.12 37.35 -1.67
CA SER B 61 -31.55 38.74 -1.58
C SER B 61 -30.35 39.73 -1.60
N ALA B 62 -29.20 39.30 -1.07
CA ALA B 62 -27.94 40.07 -1.03
C ALA B 62 -27.36 40.36 -2.42
N VAL B 63 -27.87 39.69 -3.46
CA VAL B 63 -27.38 39.84 -4.84
C VAL B 63 -28.43 40.59 -5.67
N GLY B 64 -29.55 40.94 -5.03
CA GLY B 64 -30.59 41.72 -5.67
C GLY B 64 -31.74 40.97 -6.29
N HIS B 65 -32.07 39.78 -5.77
CA HIS B 65 -33.20 39.04 -6.29
C HIS B 65 -34.48 39.73 -5.84
N ALA B 66 -35.43 39.90 -6.79
CA ALA B 66 -36.72 40.56 -6.59
C ALA B 66 -37.61 39.83 -5.59
N SER B 67 -37.84 38.52 -5.81
CA SER B 67 -38.70 37.67 -4.98
C SER B 67 -37.99 37.06 -3.75
N VAL B 68 -36.93 36.25 -3.98
CA VAL B 68 -36.16 35.49 -2.98
C VAL B 68 -35.76 36.32 -1.76
N LYS B 69 -36.01 35.75 -0.58
CA LYS B 69 -35.69 36.31 0.73
C LYS B 69 -34.68 35.35 1.44
N THR B 70 -33.40 35.77 1.57
CA THR B 70 -32.35 35.01 2.28
C THR B 70 -31.71 35.89 3.38
N PRO B 71 -32.46 36.34 4.43
CA PRO B 71 -31.85 37.26 5.44
C PRO B 71 -30.62 36.76 6.19
N ASN B 72 -30.59 35.45 6.50
CA ASN B 72 -29.48 34.86 7.27
C ASN B 72 -28.23 34.66 6.42
N VAL B 73 -28.39 34.42 5.09
CA VAL B 73 -27.25 34.33 4.18
C VAL B 73 -26.69 35.74 4.07
N ASP B 74 -27.60 36.73 3.89
CA ASP B 74 -27.30 38.17 3.79
C ASP B 74 -26.49 38.63 5.02
N ALA B 75 -26.92 38.20 6.23
CA ALA B 75 -26.28 38.48 7.52
C ALA B 75 -24.83 37.97 7.56
N LEU B 76 -24.62 36.73 7.05
CA LEU B 76 -23.30 36.10 6.99
C LEU B 76 -22.40 36.90 6.01
N ALA B 77 -22.98 37.30 4.86
CA ALA B 77 -22.32 38.09 3.82
C ALA B 77 -21.96 39.48 4.28
N GLN B 78 -22.84 40.13 5.07
CA GLN B 78 -22.64 41.48 5.61
C GLN B 78 -21.34 41.55 6.43
N ASP B 79 -21.01 40.47 7.16
CA ASP B 79 -19.79 40.30 7.97
C ASP B 79 -18.65 39.62 7.20
N GLY B 80 -18.96 39.08 6.01
CA GLY B 80 -18.00 38.36 5.19
C GLY B 80 -17.89 38.76 3.74
N VAL B 81 -17.32 37.85 2.94
CA VAL B 81 -17.10 38.03 1.50
C VAL B 81 -18.12 37.21 0.70
N LEU B 82 -18.88 37.89 -0.17
CA LEU B 82 -19.85 37.24 -1.04
C LEU B 82 -19.25 37.17 -2.44
N PHE B 83 -19.34 36.00 -3.07
CA PHE B 83 -18.79 35.74 -4.41
C PHE B 83 -19.96 35.66 -5.42
N THR B 84 -20.06 36.67 -6.30
CA THR B 84 -21.16 36.90 -7.24
C THR B 84 -21.09 36.10 -8.55
N ARG B 85 -19.89 35.61 -8.94
CA ARG B 85 -19.66 34.85 -10.17
C ARG B 85 -19.02 33.49 -9.80
N HIS B 86 -19.67 32.75 -8.88
CA HIS B 86 -19.20 31.43 -8.40
C HIS B 86 -19.84 30.29 -9.18
N PHE B 87 -18.99 29.44 -9.76
CA PHE B 87 -19.44 28.31 -10.56
C PHE B 87 -19.01 26.96 -10.06
N ALA B 88 -19.93 25.99 -10.19
CA ALA B 88 -19.70 24.57 -9.87
C ALA B 88 -18.64 24.06 -10.85
N GLY B 89 -17.90 23.04 -10.45
CA GLY B 89 -16.88 22.47 -11.33
C GLY B 89 -17.51 21.63 -12.43
N THR B 90 -18.71 21.08 -12.11
CA THR B 90 -19.50 20.19 -12.98
C THR B 90 -20.85 19.86 -12.30
N ALA B 91 -21.58 18.86 -12.85
CA ALA B 91 -22.87 18.35 -12.36
C ALA B 91 -23.10 16.89 -12.86
N PRO B 92 -23.96 16.05 -12.23
CA PRO B 92 -24.79 16.30 -11.05
C PRO B 92 -24.02 16.24 -9.71
N SER B 94 -22.52 13.94 -7.37
CA SER B 94 -21.21 13.27 -7.19
C SER B 94 -20.07 13.91 -7.98
N PRO B 95 -20.20 14.23 -9.30
CA PRO B 95 -19.08 14.90 -9.98
C PRO B 95 -18.81 16.29 -9.41
N ALA B 96 -19.91 17.01 -9.02
CA ALA B 96 -19.87 18.39 -8.49
C ALA B 96 -19.14 18.43 -7.15
N ARG B 97 -19.48 17.47 -6.26
CA ARG B 97 -18.91 17.32 -4.92
C ARG B 97 -17.49 16.86 -4.95
N ALA B 98 -17.14 16.12 -5.96
CA ALA B 98 -15.76 15.68 -6.12
C ALA B 98 -14.87 16.93 -6.37
N THR B 99 -15.31 17.92 -7.18
CA THR B 99 -14.53 19.15 -7.38
C THR B 99 -14.39 19.95 -6.02
N LEU B 100 -15.53 20.13 -5.33
CA LEU B 100 -15.66 20.77 -4.05
C LEU B 100 -14.68 20.23 -3.03
N TYR B 101 -14.67 18.91 -2.81
CA TYR B 101 -13.80 18.32 -1.79
C TYR B 101 -12.35 18.12 -2.19
N THR B 102 -12.03 18.06 -3.48
CA THR B 102 -10.67 17.73 -3.91
C THR B 102 -9.94 18.88 -4.54
N GLY B 103 -10.66 19.97 -4.80
CA GLY B 103 -10.09 21.15 -5.45
C GLY B 103 -9.62 20.84 -6.86
N LEU B 104 -10.28 19.84 -7.51
CA LEU B 104 -9.94 19.41 -8.86
C LEU B 104 -11.03 19.65 -9.85
N TYR B 105 -10.65 19.88 -11.09
CA TYR B 105 -11.58 19.95 -12.21
C TYR B 105 -11.87 18.49 -12.59
N GLN B 106 -13.03 18.21 -13.18
CA GLN B 106 -13.44 16.87 -13.64
C GLN B 106 -12.40 16.21 -14.56
N MET B 107 -11.62 17.00 -15.31
CA MET B 107 -10.54 16.48 -16.16
C MET B 107 -9.47 15.80 -15.36
N ASN B 108 -9.43 16.06 -14.03
CA ASN B 108 -8.46 15.45 -13.12
C ASN B 108 -9.10 14.44 -12.17
N HIS B 109 -10.25 14.75 -11.52
CA HIS B 109 -10.83 13.82 -10.58
C HIS B 109 -11.54 12.60 -11.28
N ARG B 110 -11.93 12.77 -12.57
CA ARG B 110 -12.55 11.79 -13.44
C ARG B 110 -13.91 11.25 -12.94
N VAL B 111 -14.60 11.96 -11.98
CA VAL B 111 -15.96 11.57 -11.52
C VAL B 111 -16.95 12.20 -12.52
N CYS B 112 -17.27 11.44 -13.60
CA CYS B 112 -18.14 11.86 -14.72
C CYS B 112 -19.62 11.81 -14.44
N ARG B 113 -20.10 10.76 -13.72
CA ARG B 113 -21.53 10.63 -13.42
C ARG B 113 -21.69 10.20 -12.01
N ASN B 114 -22.93 10.25 -11.49
CA ASN B 114 -23.27 9.68 -10.18
C ASN B 114 -23.06 8.14 -10.33
N GLY B 115 -22.03 7.60 -9.68
CA GLY B 115 -21.64 6.20 -9.78
C GLY B 115 -20.21 6.05 -10.27
N SER B 116 -19.63 7.12 -10.86
CA SER B 116 -18.21 7.11 -11.32
C SER B 116 -17.33 7.10 -10.06
N PRO B 117 -16.42 6.10 -9.89
CA PRO B 117 -15.56 6.09 -8.69
C PRO B 117 -14.58 7.27 -8.62
N LEU B 118 -14.25 7.68 -7.38
CA LEU B 118 -13.24 8.70 -7.13
C LEU B 118 -11.98 7.98 -6.68
N ASP B 119 -10.90 8.11 -7.47
CA ASP B 119 -9.60 7.49 -7.17
C ASP B 119 -9.17 7.78 -5.74
N ALA B 120 -8.74 6.71 -5.05
CA ALA B 120 -8.27 6.71 -3.67
C ALA B 120 -7.00 7.54 -3.47
N ARG B 121 -6.26 7.81 -4.55
CA ARG B 121 -5.01 8.57 -4.53
C ARG B 121 -5.19 10.07 -4.18
N PHE B 122 -6.39 10.60 -4.43
CA PHE B 122 -6.68 12.02 -4.27
C PHE B 122 -6.89 12.48 -2.85
N ASP B 123 -6.13 13.55 -2.52
CA ASP B 123 -6.24 14.27 -1.28
C ASP B 123 -7.57 15.02 -1.30
N ASN B 124 -8.07 15.35 -0.12
CA ASN B 124 -9.28 16.15 0.03
C ASN B 124 -9.25 17.01 1.33
N LEU B 125 -10.24 17.93 1.46
CA LEU B 125 -10.36 18.86 2.58
C LEU B 125 -10.57 18.13 3.91
N ALA B 126 -11.16 16.90 3.91
CA ALA B 126 -11.35 16.15 5.16
C ALA B 126 -10.02 15.49 5.56
N LEU B 127 -9.31 14.92 4.59
CA LEU B 127 -8.02 14.31 4.80
C LEU B 127 -7.01 15.33 5.27
N ALA B 128 -6.99 16.54 4.63
CA ALA B 128 -6.05 17.63 4.93
C ALA B 128 -6.23 18.18 6.33
N ALA B 129 -7.48 18.35 6.75
CA ALA B 129 -7.91 18.78 8.08
C ALA B 129 -7.32 17.92 9.17
N ARG B 130 -7.25 16.58 8.93
CA ARG B 130 -6.65 15.61 9.86
C ARG B 130 -5.15 15.86 10.00
N ARG B 131 -4.49 16.31 8.93
CA ARG B 131 -3.04 16.66 8.97
C ARG B 131 -2.84 18.01 9.73
N GLY B 132 -3.93 18.72 9.94
CA GLY B 132 -3.94 19.97 10.71
C GLY B 132 -4.48 19.80 12.11
N GLY B 133 -4.59 18.55 12.57
CA GLY B 133 -5.05 18.21 13.90
C GLY B 133 -6.53 18.27 14.15
N TYR B 134 -7.33 18.33 13.08
CA TYR B 134 -8.79 18.37 13.25
C TYR B 134 -9.37 16.97 13.06
N ASP B 135 -10.60 16.78 13.54
CA ASP B 135 -11.40 15.58 13.37
C ASP B 135 -12.58 15.99 12.50
N PRO B 136 -12.40 16.06 11.14
CA PRO B 136 -13.51 16.53 10.27
C PRO B 136 -14.73 15.63 10.41
N THR B 137 -15.86 16.24 10.82
CA THR B 137 -17.14 15.59 11.15
C THR B 137 -18.23 15.92 10.15
N LEU B 138 -18.95 14.88 9.68
CA LEU B 138 -19.99 14.99 8.68
C LEU B 138 -21.41 14.88 9.21
N PHE B 139 -22.30 15.77 8.70
CA PHE B 139 -23.75 15.84 8.98
C PHE B 139 -24.38 15.87 7.60
N GLY B 140 -24.99 14.76 7.20
CA GLY B 140 -25.57 14.64 5.87
C GLY B 140 -24.82 13.69 4.97
N TYR B 141 -24.37 14.16 3.78
CA TYR B 141 -23.72 13.32 2.76
C TYR B 141 -22.64 14.01 1.94
N THR B 142 -21.77 13.21 1.30
CA THR B 142 -20.72 13.69 0.40
C THR B 142 -20.92 13.15 -1.00
N ASP B 143 -21.75 12.09 -1.17
CA ASP B 143 -22.02 11.42 -2.44
C ASP B 143 -20.72 11.01 -3.17
N THR B 144 -19.82 10.32 -2.43
CA THR B 144 -18.55 9.82 -2.95
C THR B 144 -18.67 8.31 -3.31
N ALA B 145 -18.55 7.96 -4.60
CA ALA B 145 -18.49 6.54 -4.97
C ALA B 145 -17.03 6.16 -4.67
N PRO B 146 -16.79 5.12 -3.83
CA PRO B 146 -15.37 4.75 -3.51
C PRO B 146 -14.60 4.14 -4.69
N ASP B 147 -13.27 4.06 -4.56
CA ASP B 147 -12.40 3.44 -5.57
C ASP B 147 -12.60 1.91 -5.33
N PRO B 148 -13.16 1.18 -6.32
CA PRO B 148 -13.45 -0.25 -6.10
C PRO B 148 -12.23 -1.15 -6.03
N ARG B 149 -11.10 -0.70 -6.57
CA ARG B 149 -9.86 -1.47 -6.65
C ARG B 149 -9.37 -1.94 -5.30
N GLY B 150 -9.19 -3.26 -5.23
CA GLY B 150 -8.76 -3.97 -4.03
C GLY B 150 -9.87 -4.29 -3.05
N MET B 151 -11.01 -3.58 -3.12
CA MET B 151 -12.16 -3.75 -2.22
C MET B 151 -12.78 -5.11 -2.49
N ASP B 152 -13.27 -5.75 -1.41
CA ASP B 152 -13.90 -7.04 -1.54
C ASP B 152 -15.18 -6.89 -2.38
N PRO B 153 -15.40 -7.79 -3.39
CA PRO B 153 -16.59 -7.66 -4.23
C PRO B 153 -17.94 -7.72 -3.50
N ASN B 154 -17.97 -8.28 -2.27
CA ASN B 154 -19.20 -8.37 -1.50
C ASN B 154 -19.42 -7.18 -0.60
N ASP B 155 -18.45 -6.25 -0.54
CA ASP B 155 -18.55 -5.04 0.29
C ASP B 155 -19.75 -4.19 -0.13
N PRO B 156 -20.70 -3.90 0.82
CA PRO B 156 -21.86 -3.07 0.44
C PRO B 156 -21.51 -1.68 -0.10
N HIS B 157 -20.27 -1.17 0.13
CA HIS B 157 -19.83 0.13 -0.35
C HIS B 157 -19.77 0.20 -1.85
N LEU B 158 -19.68 -0.95 -2.53
CA LEU B 158 -19.60 -1.04 -3.97
C LEU B 158 -20.93 -0.95 -4.69
N THR B 159 -22.04 -0.86 -3.93
CA THR B 159 -23.41 -0.85 -4.47
C THR B 159 -24.06 0.56 -4.57
N THR B 160 -23.30 1.62 -4.26
CA THR B 160 -23.82 2.99 -4.32
C THR B 160 -22.72 4.05 -4.50
N TYR B 161 -23.15 5.25 -4.95
CA TYR B 161 -22.32 6.44 -5.10
C TYR B 161 -22.49 7.29 -3.85
N GLU B 162 -23.42 6.90 -2.96
CA GLU B 162 -23.76 7.60 -1.70
C GLU B 162 -22.80 7.28 -0.55
N GLY B 163 -21.55 7.00 -0.88
CA GLY B 163 -20.54 6.70 0.11
C GLY B 163 -20.03 7.97 0.77
N VAL B 164 -19.33 7.80 1.90
CA VAL B 164 -18.74 8.90 2.67
C VAL B 164 -17.32 9.17 2.15
N LEU B 165 -16.98 10.43 1.94
CA LEU B 165 -15.67 10.86 1.50
C LEU B 165 -14.60 10.44 2.54
N PRO B 166 -13.51 9.75 2.08
CA PRO B 166 -12.41 9.40 3.01
C PRO B 166 -11.88 10.63 3.79
N GLY B 167 -11.71 10.45 5.10
CA GLY B 167 -11.25 11.49 6.02
C GLY B 167 -12.30 11.99 6.99
N PHE B 168 -13.59 11.93 6.61
CA PHE B 168 -14.69 12.35 7.45
C PHE B 168 -15.06 11.29 8.47
N SER B 169 -15.39 11.72 9.69
CA SER B 169 -15.94 10.87 10.73
C SER B 169 -17.44 11.22 10.68
N ALA B 170 -18.29 10.23 10.50
CA ALA B 170 -19.74 10.49 10.37
C ALA B 170 -20.47 10.62 11.71
N ARG B 171 -21.02 11.78 12.02
CA ARG B 171 -21.78 12.01 13.27
C ARG B 171 -23.29 11.83 13.01
N GLN B 172 -23.76 12.27 11.85
CA GLN B 172 -25.16 12.08 11.47
C GLN B 172 -25.24 11.87 9.98
N LEU B 173 -25.52 10.64 9.57
CA LEU B 173 -25.67 10.34 8.15
C LEU B 173 -27.10 10.52 7.69
N LEU B 174 -27.30 10.93 6.44
CA LEU B 174 -28.63 11.07 5.88
C LEU B 174 -28.62 10.85 4.36
N PRO B 175 -28.69 9.57 3.92
CA PRO B 175 -28.69 9.27 2.49
C PRO B 175 -30.08 9.46 1.87
N GLU B 176 -30.22 9.14 0.58
CA GLU B 176 -31.44 9.23 -0.22
C GLU B 176 -32.61 8.54 0.44
N HIS B 177 -32.38 7.39 1.12
CA HIS B 177 -33.44 6.63 1.78
C HIS B 177 -34.05 7.38 2.98
N GLU B 178 -33.29 8.32 3.58
CA GLU B 178 -33.67 9.17 4.72
C GLU B 178 -34.25 8.41 5.94
N LYS B 179 -33.85 7.15 6.13
CA LYS B 179 -34.31 6.29 7.22
C LYS B 179 -34.01 6.84 8.63
N GLN B 180 -32.93 7.63 8.77
CA GLN B 180 -32.52 8.24 10.06
C GLN B 180 -33.45 9.39 10.45
N TRP B 181 -33.96 10.12 9.44
CA TRP B 181 -34.89 11.23 9.60
C TRP B 181 -36.28 10.68 9.89
N LEU B 182 -36.71 9.64 9.17
CA LEU B 182 -38.00 8.96 9.37
C LEU B 182 -38.11 8.42 10.81
N SER B 183 -37.05 7.71 11.29
CA SER B 183 -37.02 7.16 12.64
C SER B 183 -37.07 8.27 13.68
N TRP B 184 -36.49 9.45 13.37
CA TRP B 184 -36.50 10.63 14.24
C TRP B 184 -37.93 11.19 14.30
N LEU B 185 -38.63 11.18 13.15
CA LEU B 185 -40.03 11.63 13.04
C LEU B 185 -40.93 10.71 13.84
N ARG B 186 -40.70 9.38 13.75
CA ARG B 186 -41.45 8.35 14.48
C ARG B 186 -41.36 8.61 16.01
N SER B 187 -40.15 8.98 16.49
CA SER B 187 -39.86 9.30 17.89
C SER B 187 -40.52 10.63 18.32
N ARG B 188 -41.00 11.41 17.34
CA ARG B 188 -41.65 12.70 17.54
C ARG B 188 -43.20 12.60 17.46
N GLY B 189 -43.72 11.38 17.30
CA GLY B 189 -45.14 11.09 17.22
C GLY B 189 -45.71 10.95 15.82
N HIS B 190 -44.90 10.51 14.86
CA HIS B 190 -45.34 10.31 13.49
C HIS B 190 -45.28 8.82 13.15
N PRO B 191 -46.29 8.01 13.52
CA PRO B 191 -46.24 6.58 13.16
C PRO B 191 -46.47 6.36 11.66
N GLU B 192 -46.82 7.44 10.94
CA GLU B 192 -47.05 7.51 9.49
C GLU B 192 -45.71 7.56 8.74
N ALA B 193 -44.66 8.07 9.41
CA ALA B 193 -43.30 8.22 8.89
C ALA B 193 -42.58 6.87 8.84
N THR B 194 -43.05 6.00 7.94
CA THR B 194 -42.54 4.65 7.73
C THR B 194 -41.88 4.55 6.35
N SER B 195 -42.11 5.57 5.49
CA SER B 195 -41.55 5.67 4.14
C SER B 195 -41.45 7.12 3.70
N ARG B 196 -40.80 7.34 2.55
CA ARG B 196 -40.60 8.67 1.94
C ARG B 196 -41.93 9.27 1.42
N ASP B 197 -43.02 8.48 1.48
CA ASP B 197 -44.40 8.86 1.12
C ASP B 197 -44.86 10.05 1.95
N ILE B 198 -44.28 10.24 3.16
CA ILE B 198 -44.52 11.35 4.08
C ILE B 198 -44.26 12.73 3.41
N HIS B 199 -43.54 12.74 2.26
CA HIS B 199 -43.24 13.95 1.47
C HIS B 199 -44.44 14.45 0.67
N ILE B 200 -45.44 13.57 0.39
CA ILE B 200 -46.68 13.92 -0.33
C ILE B 200 -47.52 14.85 0.56
N PRO B 201 -47.88 16.08 0.09
CA PRO B 201 -48.71 16.99 0.92
C PRO B 201 -50.04 16.37 1.38
N VAL B 202 -50.50 16.74 2.58
CA VAL B 202 -51.73 16.22 3.19
C VAL B 202 -52.96 16.39 2.27
N GLY B 203 -53.55 15.27 1.88
CA GLY B 203 -54.72 15.24 1.02
C GLY B 203 -54.45 15.27 -0.47
N ALA B 204 -53.31 15.88 -0.87
CA ALA B 204 -52.88 16.03 -2.26
C ALA B 204 -52.72 14.71 -3.02
N THR B 205 -52.92 14.76 -4.35
CA THR B 205 -52.77 13.62 -5.24
C THR B 205 -51.26 13.35 -5.46
N PRO B 206 -50.80 12.09 -5.30
CA PRO B 206 -49.37 11.80 -5.51
C PRO B 206 -48.94 12.05 -6.95
N GLY B 207 -47.89 12.85 -7.11
CA GLY B 207 -47.31 13.20 -8.40
C GLY B 207 -47.78 14.49 -9.02
N GLU B 208 -48.56 15.27 -8.25
CA GLU B 208 -49.11 16.55 -8.69
C GLU B 208 -48.46 17.70 -7.97
N ILE B 209 -48.25 18.83 -8.68
CA ILE B 209 -47.68 20.03 -8.06
C ILE B 209 -48.68 20.50 -7.01
N SER B 210 -48.23 20.63 -5.76
CA SER B 210 -49.11 21.05 -4.67
C SER B 210 -48.45 22.05 -3.73
N ASP B 211 -49.22 23.08 -3.37
CA ASP B 211 -48.81 24.15 -2.46
C ASP B 211 -49.30 23.85 -1.04
N VAL B 212 -49.84 22.64 -0.83
CA VAL B 212 -50.28 22.15 0.48
C VAL B 212 -49.02 21.63 1.22
N ALA B 213 -49.01 21.73 2.55
CA ALA B 213 -47.90 21.29 3.38
C ALA B 213 -47.94 19.77 3.65
N PRO B 214 -46.77 19.09 3.76
CA PRO B 214 -46.79 17.67 4.12
C PRO B 214 -47.09 17.49 5.63
N ALA B 215 -47.30 16.24 6.08
CA ALA B 215 -47.62 15.89 7.48
C ALA B 215 -46.67 16.44 8.56
N TYR B 216 -45.39 16.69 8.22
CA TYR B 216 -44.36 17.21 9.15
C TYR B 216 -44.28 18.74 9.14
N SER B 217 -43.88 19.34 10.27
CA SER B 217 -43.76 20.80 10.44
C SER B 217 -42.44 21.38 9.87
N LYS B 218 -42.27 22.72 9.94
CA LYS B 218 -41.07 23.44 9.51
C LYS B 218 -39.86 23.08 10.41
N ASP B 219 -40.14 22.68 11.66
CA ASP B 219 -39.15 22.27 12.65
C ASP B 219 -38.93 20.74 12.61
N GLU B 220 -39.51 20.08 11.60
CA GLU B 220 -39.43 18.64 11.38
C GLU B 220 -38.88 18.26 9.99
N THR B 221 -38.31 19.27 9.25
CA THR B 221 -37.73 19.00 7.93
C THR B 221 -36.36 18.35 8.10
N GLN B 222 -35.82 17.76 7.02
CA GLN B 222 -34.49 17.13 7.03
C GLN B 222 -33.45 18.18 7.48
N THR B 223 -33.69 19.45 7.08
CA THR B 223 -32.87 20.65 7.41
C THR B 223 -32.89 20.89 8.94
N ALA B 224 -34.10 20.92 9.54
CA ALA B 224 -34.31 21.12 10.98
C ALA B 224 -33.71 19.97 11.81
N PHE B 225 -33.82 18.73 11.31
CA PHE B 225 -33.26 17.54 11.93
C PHE B 225 -31.73 17.61 11.97
N LEU B 226 -31.07 17.85 10.82
CA LEU B 226 -29.62 17.95 10.68
C LEU B 226 -29.01 19.09 11.48
N ALA B 227 -29.70 20.25 11.48
CA ALA B 227 -29.26 21.45 12.19
C ALA B 227 -29.22 21.17 13.69
N GLY B 228 -30.26 20.53 14.19
CA GLY B 228 -30.38 20.13 15.59
C GLY B 228 -29.28 19.18 16.01
N GLU B 229 -28.96 18.20 15.14
CA GLU B 229 -27.88 17.23 15.33
C GLU B 229 -26.52 17.95 15.37
N PHE B 230 -26.33 18.96 14.50
CA PHE B 230 -25.11 19.78 14.49
C PHE B 230 -24.98 20.57 15.79
N ILE B 231 -26.09 21.20 16.22
CA ILE B 231 -26.16 22.02 17.44
C ILE B 231 -25.83 21.17 18.69
N ARG B 232 -26.39 19.92 18.81
CA ARG B 232 -26.07 19.02 19.94
C ARG B 232 -24.57 18.70 19.95
N TRP B 233 -24.02 18.33 18.78
CA TRP B 233 -22.60 18.03 18.61
C TRP B 233 -21.74 19.24 18.96
N LEU B 234 -22.15 20.45 18.52
CA LEU B 234 -21.47 21.72 18.78
C LEU B 234 -21.30 21.96 20.30
N GLY B 235 -22.34 21.60 21.07
CA GLY B 235 -22.35 21.72 22.53
C GLY B 235 -21.30 20.86 23.22
N GLU B 236 -20.94 19.71 22.61
CA GLU B 236 -19.95 18.78 23.13
C GLU B 236 -18.50 19.22 22.87
N GLN B 237 -18.29 20.20 21.99
CA GLN B 237 -16.94 20.65 21.59
C GLN B 237 -16.23 21.48 22.66
N ASP B 238 -14.98 21.11 22.95
CA ASP B 238 -14.10 21.74 23.93
C ASP B 238 -12.70 22.10 23.33
N ALA B 239 -12.58 22.07 21.99
CA ALA B 239 -11.35 22.30 21.24
C ALA B 239 -11.69 22.76 19.81
N PRO B 240 -10.74 23.29 18.99
CA PRO B 240 -11.10 23.71 17.61
C PRO B 240 -11.63 22.53 16.79
N TRP B 241 -12.83 22.72 16.21
CA TRP B 241 -13.55 21.69 15.48
C TRP B 241 -13.70 21.98 13.99
N PHE B 242 -13.97 20.92 13.22
CA PHE B 242 -14.14 20.96 11.77
C PHE B 242 -15.41 20.20 11.44
N ALA B 243 -16.43 20.90 10.95
CA ALA B 243 -17.69 20.27 10.61
C ALA B 243 -18.12 20.59 9.18
N HIS B 244 -18.68 19.57 8.50
CA HIS B 244 -19.29 19.75 7.19
C HIS B 244 -20.76 19.37 7.33
N VAL B 245 -21.65 20.38 7.17
CA VAL B 245 -23.09 20.17 7.23
C VAL B 245 -23.58 20.24 5.81
N SER B 246 -24.13 19.13 5.33
CA SER B 246 -24.59 18.96 3.96
C SER B 246 -26.10 18.78 3.91
N PHE B 247 -26.80 19.87 3.59
CA PHE B 247 -28.26 19.91 3.55
C PHE B 247 -28.79 19.47 2.19
N LEU B 248 -29.84 18.62 2.19
CA LEU B 248 -30.49 18.18 0.97
C LEU B 248 -31.19 19.36 0.28
N ARG B 249 -32.19 19.97 0.96
CA ARG B 249 -32.95 21.12 0.44
C ARG B 249 -32.01 22.31 0.15
N PRO B 250 -32.24 23.13 -0.90
CA PRO B 250 -33.43 23.23 -1.79
C PRO B 250 -33.66 22.15 -2.87
N HIS B 251 -32.85 21.06 -2.90
CA HIS B 251 -32.99 19.93 -3.82
C HIS B 251 -34.43 19.32 -3.78
N PRO B 252 -35.00 18.89 -4.95
CA PRO B 252 -36.35 18.27 -4.95
C PRO B 252 -36.47 16.95 -4.14
N PRO B 253 -37.67 16.38 -3.86
CA PRO B 253 -39.04 16.82 -4.20
C PRO B 253 -39.41 18.22 -3.73
N PHE B 254 -40.12 18.97 -4.61
CA PHE B 254 -40.55 20.32 -4.32
C PHE B 254 -41.88 20.31 -3.54
N SER B 255 -41.74 20.23 -2.19
CA SER B 255 -42.78 20.22 -1.15
C SER B 255 -42.13 20.84 0.07
N VAL B 256 -42.87 21.65 0.83
CA VAL B 256 -42.31 22.32 2.02
C VAL B 256 -43.44 22.64 3.04
N PRO B 257 -43.23 22.52 4.38
CA PRO B 257 -44.32 22.84 5.33
C PRO B 257 -44.62 24.33 5.45
N GLU B 258 -45.66 24.65 6.24
CA GLU B 258 -46.11 26.03 6.49
C GLU B 258 -45.04 26.81 7.29
N PRO B 259 -44.77 28.11 7.00
CA PRO B 259 -45.44 28.99 6.01
C PRO B 259 -44.91 28.98 4.57
N TYR B 260 -43.67 28.48 4.39
CA TYR B 260 -42.88 28.46 3.15
C TYR B 260 -43.61 27.98 1.87
N ASN B 261 -44.57 27.06 2.02
CA ASN B 261 -45.37 26.49 0.91
C ASN B 261 -46.15 27.52 0.09
N ARG B 262 -46.67 28.56 0.77
CA ARG B 262 -47.49 29.60 0.15
C ARG B 262 -46.87 30.99 0.27
N MET B 263 -45.69 31.06 0.92
CA MET B 263 -44.90 32.27 1.15
C MET B 263 -44.67 33.09 -0.15
N PHE B 264 -44.64 32.41 -1.32
CA PHE B 264 -44.41 33.03 -2.63
C PHE B 264 -45.55 32.71 -3.61
N THR B 265 -45.86 33.67 -4.51
CA THR B 265 -46.92 33.54 -5.51
C THR B 265 -46.32 33.05 -6.83
N PRO B 266 -46.94 32.09 -7.53
CA PRO B 266 -46.40 31.64 -8.83
C PRO B 266 -46.13 32.77 -9.83
N SER B 267 -46.99 33.83 -9.85
CA SER B 267 -46.90 35.00 -10.73
C SER B 267 -45.65 35.87 -10.48
N ASP B 268 -45.10 35.83 -9.24
CA ASP B 268 -43.87 36.53 -8.86
C ASP B 268 -42.66 35.91 -9.59
N GLY B 269 -41.49 36.45 -9.32
CA GLY B 269 -40.26 35.92 -9.88
C GLY B 269 -39.83 36.56 -11.18
N PRO B 270 -38.51 36.52 -11.46
CA PRO B 270 -38.01 37.11 -12.72
C PRO B 270 -38.44 36.36 -13.97
N ALA B 271 -38.10 36.92 -15.14
CA ALA B 271 -38.39 36.30 -16.44
C ALA B 271 -37.54 35.03 -16.58
N PHE B 272 -38.06 34.05 -17.33
CA PHE B 272 -37.35 32.81 -17.58
C PHE B 272 -36.46 33.00 -18.78
N ALA B 273 -35.19 32.59 -18.67
CA ALA B 273 -34.23 32.66 -19.78
C ALA B 273 -34.55 31.47 -20.68
N ARG B 274 -35.54 31.61 -21.58
CA ARG B 274 -35.96 30.54 -22.49
C ARG B 274 -36.47 31.02 -23.82
N ALA B 275 -36.42 30.11 -24.82
CA ALA B 275 -36.94 30.30 -26.16
C ALA B 275 -38.47 30.35 -26.09
N ALA B 276 -39.14 30.77 -27.19
CA ALA B 276 -40.60 30.90 -27.27
C ALA B 276 -41.33 29.58 -26.90
N ASN B 277 -40.78 28.43 -27.36
CA ASN B 277 -41.27 27.07 -27.15
C ASN B 277 -40.11 26.05 -27.05
N ARG B 278 -40.39 24.86 -26.45
CA ARG B 278 -39.45 23.74 -26.24
C ARG B 278 -38.73 23.26 -27.49
N GLU B 279 -39.44 23.24 -28.62
CA GLU B 279 -38.96 22.76 -29.93
C GLU B 279 -37.90 23.69 -30.49
N ALA B 280 -38.12 25.02 -30.39
CA ALA B 280 -37.14 26.02 -30.84
C ALA B 280 -35.92 25.94 -29.92
N GLU B 281 -36.18 25.68 -28.62
CA GLU B 281 -35.16 25.49 -27.59
C GLU B 281 -34.26 24.25 -27.92
N GLN B 282 -34.87 23.07 -28.12
CA GLN B 282 -34.21 21.81 -28.43
C GLN B 282 -33.50 21.81 -29.76
N ALA B 283 -33.99 22.63 -30.70
CA ALA B 283 -33.42 22.72 -32.06
C ALA B 283 -32.01 23.32 -32.10
N VAL B 284 -31.62 24.08 -31.05
CA VAL B 284 -30.32 24.77 -30.97
C VAL B 284 -29.13 23.77 -30.97
N HIS B 285 -29.24 22.65 -30.19
CA HIS B 285 -28.14 21.67 -30.09
C HIS B 285 -28.64 20.23 -29.92
N PRO B 286 -27.95 19.22 -30.56
CA PRO B 286 -28.37 17.80 -30.39
C PRO B 286 -28.51 17.31 -28.94
N LEU B 287 -27.66 17.81 -28.02
CA LEU B 287 -27.74 17.45 -26.61
C LEU B 287 -29.06 17.89 -26.00
N LEU B 288 -29.57 19.08 -26.41
CA LEU B 288 -30.83 19.62 -25.90
C LEU B 288 -32.02 18.78 -26.39
N ALA B 289 -31.94 18.36 -27.67
CA ALA B 289 -32.95 17.53 -28.35
C ALA B 289 -33.04 16.14 -27.72
N PHE B 290 -31.91 15.64 -27.20
CA PHE B 290 -31.81 14.35 -26.55
C PHE B 290 -32.26 14.43 -25.08
N ALA B 291 -31.66 15.35 -24.32
CA ALA B 291 -31.86 15.48 -22.89
C ALA B 291 -33.20 16.03 -22.43
N LEU B 292 -33.69 17.10 -23.07
CA LEU B 292 -34.94 17.74 -22.62
C LEU B 292 -36.16 16.82 -22.59
N PRO B 293 -36.41 15.96 -23.61
CA PRO B 293 -37.57 15.05 -23.52
C PRO B 293 -37.47 14.00 -22.40
N LEU B 294 -36.23 13.62 -22.02
CA LEU B 294 -35.95 12.61 -20.99
C LEU B 294 -36.18 13.09 -19.56
N ILE B 295 -36.35 14.41 -19.34
CA ILE B 295 -36.59 14.95 -17.99
C ILE B 295 -37.95 14.45 -17.50
N GLY B 296 -37.94 13.74 -16.36
CA GLY B 296 -39.12 13.13 -15.77
C GLY B 296 -39.66 13.84 -14.56
N LYS B 297 -40.99 13.78 -14.39
CA LYS B 297 -41.71 14.43 -13.30
C LYS B 297 -41.34 13.90 -11.91
N ASP B 298 -41.04 12.59 -11.80
CA ASP B 298 -40.62 11.87 -10.57
C ASP B 298 -39.40 12.49 -9.90
N SER B 299 -38.50 13.08 -10.70
CA SER B 299 -37.28 13.74 -10.26
C SER B 299 -37.55 15.06 -9.52
N PHE B 300 -38.78 15.65 -9.66
CA PHE B 300 -39.08 16.97 -9.08
C PHE B 300 -40.25 17.00 -8.10
N ILE B 301 -41.25 16.14 -8.31
CA ILE B 301 -42.42 16.04 -7.43
C ILE B 301 -42.52 14.58 -6.97
N TYR B 302 -42.67 14.37 -5.65
CA TYR B 302 -42.78 13.02 -5.09
C TYR B 302 -43.99 12.28 -5.68
N GLY B 303 -43.72 11.20 -6.38
CA GLY B 303 -44.74 10.38 -7.03
C GLY B 303 -45.05 10.79 -8.46
N GLY B 304 -44.29 11.75 -8.97
CA GLY B 304 -44.39 12.28 -10.32
C GLY B 304 -44.30 11.19 -11.37
N GLU B 305 -45.12 11.31 -12.43
CA GLU B 305 -45.18 10.32 -13.50
C GLU B 305 -45.16 10.98 -14.87
N GLY B 306 -44.42 10.35 -15.80
CA GLY B 306 -44.27 10.83 -17.17
C GLY B 306 -43.24 11.93 -17.32
N SER B 307 -43.26 12.59 -18.50
CA SER B 307 -42.33 13.66 -18.88
C SER B 307 -42.63 15.01 -18.23
N ALA B 308 -41.57 15.77 -17.91
CA ALA B 308 -41.68 17.12 -17.33
C ALA B 308 -42.06 18.12 -18.44
N SER B 309 -41.96 17.70 -19.73
CA SER B 309 -42.37 18.42 -20.94
C SER B 309 -43.89 18.69 -20.94
N ASP B 310 -44.66 17.88 -20.17
CA ASP B 310 -46.12 17.98 -19.98
C ASP B 310 -46.51 19.08 -18.97
N TRP B 311 -45.51 19.72 -18.35
CA TRP B 311 -45.75 20.83 -17.42
C TRP B 311 -45.75 22.13 -18.21
N THR B 312 -46.73 22.99 -17.95
CA THR B 312 -46.90 24.27 -18.63
C THR B 312 -46.07 25.36 -17.97
N SER B 313 -46.01 26.55 -18.59
CA SER B 313 -45.33 27.73 -18.06
C SER B 313 -45.88 28.07 -16.67
N GLU B 314 -47.20 27.82 -16.47
CA GLU B 314 -47.92 28.04 -15.22
C GLU B 314 -47.44 27.02 -14.18
N ASP B 315 -47.34 25.73 -14.59
CA ASP B 315 -46.87 24.62 -13.75
C ASP B 315 -45.46 24.91 -13.23
N LEU B 316 -44.56 25.37 -14.13
CA LEU B 316 -43.18 25.71 -13.79
C LEU B 316 -43.10 26.90 -12.84
N SER B 317 -43.97 27.90 -13.03
CA SER B 317 -44.05 29.07 -12.16
C SER B 317 -44.50 28.67 -10.75
N ALA B 318 -45.41 27.66 -10.66
CA ALA B 318 -45.91 27.11 -9.39
C ALA B 318 -44.80 26.35 -8.65
N ILE B 319 -43.97 25.58 -9.41
CA ILE B 319 -42.83 24.83 -8.89
C ILE B 319 -41.80 25.82 -8.32
N ARG B 320 -41.51 26.90 -9.05
CA ARG B 320 -40.57 27.96 -8.65
C ARG B 320 -40.96 28.63 -7.33
N ALA B 321 -42.27 28.87 -7.13
CA ALA B 321 -42.85 29.47 -5.92
C ALA B 321 -42.56 28.60 -4.70
N ILE B 322 -42.65 27.27 -4.86
CA ILE B 322 -42.33 26.28 -3.81
C ILE B 322 -40.80 26.26 -3.58
N TYR B 323 -40.01 26.23 -4.68
CA TYR B 323 -38.55 26.27 -4.63
C TYR B 323 -38.04 27.49 -3.85
N TYR B 324 -38.62 28.67 -4.14
CA TYR B 324 -38.30 29.94 -3.48
C TYR B 324 -38.58 29.87 -1.97
N GLY B 325 -39.66 29.18 -1.59
CA GLY B 325 -40.05 28.95 -0.19
C GLY B 325 -39.13 27.96 0.50
N MET B 326 -38.64 26.94 -0.27
CA MET B 326 -37.71 25.92 0.22
C MET B 326 -36.38 26.56 0.59
N ILE B 327 -35.93 27.54 -0.24
CA ILE B 327 -34.71 28.33 -0.03
C ILE B 327 -34.82 29.14 1.28
N ALA B 328 -36.02 29.69 1.55
CA ALA B 328 -36.34 30.45 2.76
C ALA B 328 -36.25 29.54 3.99
N GLU B 329 -36.75 28.29 3.87
CA GLU B 329 -36.70 27.26 4.93
C GLU B 329 -35.24 26.94 5.34
N VAL B 330 -34.33 26.71 4.36
CA VAL B 330 -32.93 26.44 4.63
C VAL B 330 -32.27 27.67 5.25
N ASP B 331 -32.63 28.90 4.75
CA ASP B 331 -32.10 30.17 5.28
C ASP B 331 -32.40 30.35 6.78
N THR B 332 -33.66 30.06 7.20
CA THR B 332 -34.08 30.17 8.62
C THR B 332 -33.22 29.24 9.47
N GLN B 333 -33.02 28.00 8.99
CA GLN B 333 -32.21 27.01 9.69
C GLN B 333 -30.74 27.47 9.79
N LEU B 334 -30.23 28.17 8.73
CA LEU B 334 -28.89 28.76 8.75
C LEU B 334 -28.80 29.85 9.85
N GLY B 335 -29.91 30.56 10.07
CA GLY B 335 -30.04 31.58 11.11
C GLY B 335 -29.92 30.98 12.48
N ARG B 336 -30.57 29.82 12.67
CA ARG B 336 -30.53 29.00 13.87
C ARG B 336 -29.08 28.49 14.15
N ILE B 337 -28.31 28.18 13.08
CA ILE B 337 -26.91 27.75 13.15
C ILE B 337 -26.08 28.93 13.66
N TRP B 338 -26.27 30.16 13.06
CA TRP B 338 -25.53 31.38 13.45
C TRP B 338 -25.73 31.69 14.94
N GLN B 339 -26.98 31.52 15.43
CA GLN B 339 -27.32 31.77 16.84
C GLN B 339 -26.66 30.80 17.78
N ALA B 340 -26.71 29.48 17.44
CA ALA B 340 -26.09 28.42 18.22
C ALA B 340 -24.58 28.65 18.35
N LEU B 341 -23.92 29.18 17.29
CA LEU B 341 -22.49 29.50 17.27
C LEU B 341 -22.17 30.64 18.23
N LYS B 342 -23.04 31.68 18.25
CA LYS B 342 -22.95 32.85 19.13
C LYS B 342 -23.13 32.38 20.59
N ASN B 343 -24.18 31.56 20.83
CA ASN B 343 -24.54 31.02 22.15
C ASN B 343 -23.39 30.28 22.85
N VAL B 344 -22.54 29.57 22.09
CA VAL B 344 -21.42 28.80 22.62
C VAL B 344 -20.11 29.62 22.61
N GLY B 345 -20.14 30.78 21.95
CA GLY B 345 -19.02 31.69 21.85
C GLY B 345 -18.03 31.33 20.76
N ALA B 346 -18.51 30.63 19.72
CA ALA B 346 -17.71 30.17 18.58
C ALA B 346 -17.69 31.16 17.40
N TRP B 347 -18.76 31.95 17.25
CA TRP B 347 -19.00 32.91 16.18
C TRP B 347 -17.77 33.67 15.63
N ASP B 348 -16.89 34.18 16.51
CA ASP B 348 -15.74 34.96 16.08
C ASP B 348 -14.43 34.17 15.97
N ASP B 349 -14.53 32.83 16.10
CA ASP B 349 -13.41 31.89 16.01
C ASP B 349 -13.66 30.86 14.90
N THR B 350 -14.82 30.98 14.21
CA THR B 350 -15.23 30.05 13.16
C THR B 350 -15.20 30.64 11.74
N LEU B 351 -14.48 29.93 10.85
CA LEU B 351 -14.41 30.19 9.42
C LEU B 351 -15.64 29.49 8.84
N ILE B 352 -16.63 30.26 8.35
CA ILE B 352 -17.85 29.69 7.80
C ILE B 352 -17.79 29.73 6.28
N ILE B 353 -18.04 28.58 5.62
CA ILE B 353 -18.09 28.53 4.16
C ILE B 353 -19.45 28.01 3.77
N PHE B 354 -20.30 28.88 3.21
CA PHE B 354 -21.64 28.47 2.76
C PHE B 354 -21.61 28.46 1.25
N THR B 355 -22.09 27.36 0.64
CA THR B 355 -22.11 27.17 -0.81
C THR B 355 -23.11 26.09 -1.20
N SER B 356 -23.12 25.71 -2.49
CA SER B 356 -23.96 24.66 -3.06
C SER B 356 -23.06 23.88 -4.02
N ASP B 357 -23.37 22.58 -4.23
CA ASP B 357 -22.60 21.70 -5.12
C ASP B 357 -22.81 22.11 -6.59
N HIS B 358 -24.08 22.27 -6.97
CA HIS B 358 -24.55 22.68 -8.30
C HIS B 358 -25.90 23.38 -8.07
N ALA B 359 -26.44 23.99 -9.14
CA ALA B 359 -27.68 24.73 -9.10
C ALA B 359 -28.87 23.98 -9.72
N GLU B 360 -29.92 24.70 -10.09
CA GLU B 360 -31.18 24.19 -10.63
C GLU B 360 -31.59 25.11 -11.79
N MET B 361 -32.02 24.53 -12.93
CA MET B 361 -32.42 25.26 -14.13
C MET B 361 -33.66 26.10 -13.91
N MET B 362 -34.58 25.60 -13.07
CA MET B 362 -35.79 26.26 -12.60
C MET B 362 -36.56 27.01 -13.70
N GLY B 363 -36.96 26.27 -14.75
CA GLY B 363 -37.74 26.81 -15.85
C GLY B 363 -36.94 27.43 -16.97
N ASP B 364 -35.72 27.91 -16.68
CA ASP B 364 -34.83 28.47 -17.69
C ASP B 364 -34.61 27.40 -18.75
N HIS B 365 -34.64 27.78 -20.02
CA HIS B 365 -34.42 26.91 -21.16
C HIS B 365 -35.34 25.69 -21.20
N TRP B 366 -36.57 25.82 -20.63
CA TRP B 366 -37.58 24.76 -20.61
C TRP B 366 -37.10 23.50 -19.85
N MET B 367 -36.11 23.72 -18.96
CA MET B 367 -35.41 22.72 -18.18
C MET B 367 -35.65 22.82 -16.72
N LEU B 368 -35.60 21.66 -16.07
CA LEU B 368 -35.62 21.47 -14.63
C LEU B 368 -34.45 20.54 -14.38
N GLY B 369 -33.80 20.73 -13.24
CA GLY B 369 -32.66 19.92 -12.84
C GLY B 369 -31.34 20.58 -13.13
N LYS B 370 -30.32 19.76 -13.33
CA LYS B 370 -28.97 20.25 -13.56
C LYS B 370 -28.38 19.49 -14.70
N GLY B 371 -27.15 19.81 -15.05
CA GLY B 371 -26.46 19.23 -16.19
C GLY B 371 -26.51 20.15 -17.40
N GLY B 372 -25.80 19.78 -18.44
CA GLY B 372 -25.75 20.55 -19.67
C GLY B 372 -24.66 21.61 -19.64
N PHE B 373 -24.97 22.79 -20.22
CA PHE B 373 -24.01 23.88 -20.35
C PHE B 373 -24.56 25.26 -19.95
N PHE B 374 -25.89 25.39 -19.68
CA PHE B 374 -26.45 26.70 -19.31
C PHE B 374 -26.06 27.14 -17.90
N ASP B 375 -25.94 28.46 -17.72
CA ASP B 375 -25.58 29.13 -16.48
C ASP B 375 -26.42 28.69 -15.28
N GLY B 376 -27.73 28.56 -15.48
CA GLY B 376 -28.69 28.23 -14.44
C GLY B 376 -28.39 27.00 -13.59
N SER B 377 -27.70 26.02 -14.19
CA SER B 377 -27.29 24.78 -13.56
C SER B 377 -25.93 24.85 -12.83
N TYR B 378 -25.07 25.84 -13.17
CA TYR B 378 -23.71 25.96 -12.65
C TYR B 378 -23.45 27.14 -11.71
N HIS B 379 -24.10 28.30 -11.93
CA HIS B 379 -23.94 29.46 -11.08
C HIS B 379 -24.55 29.15 -9.71
N VAL B 380 -23.68 29.15 -8.69
CA VAL B 380 -24.00 28.79 -7.29
C VAL B 380 -23.60 29.88 -6.26
N PRO B 381 -24.24 29.90 -5.06
CA PRO B 381 -23.82 30.87 -4.05
C PRO B 381 -22.48 30.47 -3.42
N LEU B 382 -21.76 31.47 -2.88
CA LEU B 382 -20.54 31.36 -2.09
C LEU B 382 -20.39 32.57 -1.19
N VAL B 383 -20.52 32.33 0.10
CA VAL B 383 -20.34 33.33 1.13
C VAL B 383 -19.33 32.73 2.12
N ILE B 384 -18.21 33.41 2.30
CA ILE B 384 -17.18 33.01 3.26
C ILE B 384 -17.04 34.08 4.37
N ARG B 385 -17.35 33.71 5.63
CA ARG B 385 -17.15 34.59 6.78
C ARG B 385 -15.89 34.16 7.53
N ASP B 386 -14.82 34.96 7.37
CA ASP B 386 -13.55 34.70 8.03
C ASP B 386 -13.29 35.79 9.11
N PRO B 387 -13.54 35.49 10.42
CA PRO B 387 -13.29 36.50 11.47
C PRO B 387 -11.81 36.88 11.62
N GLY B 388 -10.93 36.06 11.04
CA GLY B 388 -9.49 36.26 11.02
C GLY B 388 -9.02 37.29 10.01
N HIS B 389 -9.91 37.70 9.07
CA HIS B 389 -9.64 38.72 8.06
C HIS B 389 -10.82 39.72 8.02
N PRO B 390 -10.86 40.68 8.99
CA PRO B 390 -11.96 41.66 8.99
C PRO B 390 -11.84 42.69 7.88
N GLY B 391 -10.63 42.81 7.31
CA GLY B 391 -10.26 43.71 6.21
C GLY B 391 -11.03 43.55 4.90
N GLY B 392 -11.66 42.39 4.72
CA GLY B 392 -12.49 42.07 3.56
C GLY B 392 -13.96 41.95 3.87
N ALA B 393 -14.39 42.17 5.14
CA ALA B 393 -15.80 42.08 5.56
C ALA B 393 -16.70 43.04 4.79
N GLY B 394 -17.94 42.59 4.49
CA GLY B 394 -18.94 43.36 3.75
C GLY B 394 -18.75 43.42 2.24
N ARG B 395 -17.57 43.01 1.75
CA ARG B 395 -17.17 43.00 0.34
C ARG B 395 -17.90 41.95 -0.53
N GLN B 396 -18.01 42.26 -1.83
CA GLN B 396 -18.57 41.43 -2.88
C GLN B 396 -17.52 41.27 -4.00
N VAL B 397 -17.21 40.02 -4.35
CA VAL B 397 -16.21 39.70 -5.38
C VAL B 397 -16.93 39.43 -6.71
N GLU B 398 -16.42 40.04 -7.79
CA GLU B 398 -17.00 39.92 -9.12
C GLU B 398 -16.11 39.11 -10.06
N ARG B 399 -14.96 38.62 -9.55
CA ARG B 399 -14.07 37.78 -10.35
C ARG B 399 -14.71 36.37 -10.42
N PHE B 400 -14.33 35.60 -11.46
CA PHE B 400 -14.87 34.24 -11.61
C PHE B 400 -14.19 33.32 -10.65
N THR B 401 -14.99 32.68 -9.79
CA THR B 401 -14.51 31.72 -8.81
C THR B 401 -15.12 30.33 -9.11
N SER B 402 -14.42 29.27 -8.69
CA SER B 402 -14.83 27.89 -8.90
C SER B 402 -15.00 27.13 -7.60
N ALA B 403 -15.80 26.03 -7.63
CA ALA B 403 -15.94 25.14 -6.47
C ALA B 403 -14.55 24.50 -6.17
N ALA B 404 -13.63 24.48 -7.19
CA ALA B 404 -12.24 23.99 -7.12
C ALA B 404 -11.35 24.82 -6.22
N ASP B 405 -11.81 26.03 -5.90
CA ASP B 405 -11.05 26.98 -5.11
C ASP B 405 -11.18 26.78 -3.63
N ILE B 406 -12.23 26.10 -3.16
CA ILE B 406 -12.51 25.87 -1.74
C ILE B 406 -11.40 25.13 -1.01
N PHE B 407 -10.96 23.97 -1.56
CA PHE B 407 -9.89 23.16 -0.96
C PHE B 407 -8.58 23.96 -0.94
N PRO B 408 -8.11 24.58 -2.04
CA PRO B 408 -6.91 25.45 -1.96
C PRO B 408 -7.00 26.61 -0.92
N THR B 409 -8.20 27.21 -0.76
CA THR B 409 -8.47 28.28 0.23
C THR B 409 -8.21 27.76 1.64
N LEU B 410 -8.79 26.58 1.99
CA LEU B 410 -8.62 25.95 3.29
C LEU B 410 -7.15 25.61 3.57
N CYS B 411 -6.43 25.13 2.56
CA CYS B 411 -5.01 24.80 2.70
C CYS B 411 -4.20 26.01 3.10
N ASP B 412 -4.43 27.14 2.42
CA ASP B 412 -3.75 28.41 2.66
C ASP B 412 -4.05 28.93 4.08
N ARG B 413 -5.34 29.15 4.36
CA ARG B 413 -5.87 29.62 5.62
C ARG B 413 -5.51 28.75 6.80
N LEU B 414 -5.49 27.42 6.65
CA LEU B 414 -5.16 26.53 7.76
C LEU B 414 -3.72 26.06 7.76
N GLY B 415 -2.89 26.61 6.89
CA GLY B 415 -1.48 26.26 6.81
C GLY B 415 -1.18 24.81 6.45
N LEU B 416 -2.04 24.21 5.63
CA LEU B 416 -1.92 22.82 5.17
C LEU B 416 -1.30 22.75 3.77
N VAL B 417 -0.58 21.67 3.50
CA VAL B 417 0.02 21.42 2.20
C VAL B 417 -0.79 20.29 1.53
N PRO B 418 -1.41 20.51 0.34
CA PRO B 418 -2.11 19.39 -0.33
C PRO B 418 -1.11 18.36 -0.83
N ASP B 419 -1.53 17.06 -0.84
CA ASP B 419 -0.66 15.92 -1.21
C ASP B 419 -0.38 15.74 -2.72
N ASN B 420 -1.23 16.37 -3.52
CA ASN B 420 -1.18 16.33 -4.96
C ASN B 420 -1.59 17.70 -5.53
N HIS B 421 -1.40 17.87 -6.87
CA HIS B 421 -1.81 19.00 -7.71
C HIS B 421 -3.27 19.35 -7.43
N LEU B 422 -3.61 20.64 -7.49
CA LEU B 422 -4.99 21.12 -7.33
C LEU B 422 -5.29 22.04 -8.52
N ASP B 423 -6.54 22.10 -8.93
CA ASP B 423 -6.91 22.94 -10.06
C ASP B 423 -7.34 24.35 -9.65
N GLY B 424 -7.95 24.47 -8.48
CA GLY B 424 -8.37 25.75 -7.96
C GLY B 424 -7.24 26.57 -7.39
N GLY B 425 -7.57 27.80 -7.01
CA GLY B 425 -6.63 28.74 -6.40
C GLY B 425 -7.17 29.28 -5.09
N THR B 426 -6.27 29.74 -4.20
CA THR B 426 -6.66 30.30 -2.91
C THR B 426 -7.44 31.60 -3.04
N LEU B 427 -8.54 31.69 -2.28
CA LEU B 427 -9.42 32.84 -2.24
C LEU B 427 -9.02 33.75 -1.07
N VAL B 428 -7.98 33.36 -0.30
CA VAL B 428 -7.51 34.12 0.86
C VAL B 428 -7.22 35.61 0.47
N PRO B 429 -6.50 35.91 -0.65
CA PRO B 429 -6.31 37.33 -1.03
C PRO B 429 -7.62 38.13 -1.17
N PHE B 430 -8.72 37.50 -1.56
CA PHE B 430 -10.02 38.17 -1.64
C PHE B 430 -10.59 38.40 -0.25
N LEU B 431 -10.35 37.47 0.69
CA LEU B 431 -10.82 37.58 2.09
C LEU B 431 -10.05 38.69 2.83
N GLU B 432 -8.75 38.89 2.47
CA GLU B 432 -7.86 39.91 3.00
C GLU B 432 -8.33 41.31 2.58
N GLY B 433 -9.15 41.37 1.52
CA GLY B 433 -9.70 42.60 0.96
C GLY B 433 -9.03 43.02 -0.33
N GLY B 434 -8.01 42.26 -0.76
CA GLY B 434 -7.26 42.49 -2.00
C GLY B 434 -7.67 41.62 -3.17
N GLU B 435 -6.72 41.36 -4.08
CA GLU B 435 -6.92 40.57 -5.29
C GLU B 435 -5.69 39.68 -5.51
N PRO B 436 -5.86 38.37 -5.80
CA PRO B 436 -4.69 37.52 -6.02
C PRO B 436 -3.95 37.88 -7.30
N GLU B 437 -2.71 37.45 -7.37
CA GLU B 437 -1.86 37.62 -8.54
C GLU B 437 -2.19 36.48 -9.51
N GLY B 438 -2.33 36.86 -10.78
CA GLY B 438 -2.61 35.96 -11.90
C GLY B 438 -3.82 35.05 -11.79
N TRP B 439 -4.95 35.59 -11.30
CA TRP B 439 -6.22 34.91 -11.20
C TRP B 439 -6.78 34.78 -12.61
N ARG B 440 -7.68 33.82 -12.81
CA ARG B 440 -8.34 33.56 -14.07
C ARG B 440 -9.24 34.74 -14.48
N ASP B 441 -9.50 34.83 -15.80
CA ASP B 441 -10.36 35.83 -16.44
C ASP B 441 -11.68 35.22 -16.96
N ALA B 442 -11.86 33.90 -16.81
CA ALA B 442 -13.07 33.20 -17.23
C ALA B 442 -13.32 32.00 -16.37
N ALA B 443 -14.61 31.74 -16.09
CA ALA B 443 -15.13 30.53 -15.41
C ALA B 443 -14.91 29.31 -16.35
N PHE B 444 -14.52 28.19 -15.76
CA PHE B 444 -14.31 26.93 -16.46
C PHE B 444 -15.08 25.84 -15.75
N TRP B 445 -15.82 25.04 -16.53
CA TRP B 445 -16.54 23.89 -16.01
C TRP B 445 -16.70 22.85 -17.11
N GLU B 446 -17.06 21.63 -16.69
CA GLU B 446 -17.17 20.48 -17.57
C GLU B 446 -18.43 19.74 -17.29
N PHE B 447 -18.89 18.98 -18.29
CA PHE B 447 -20.06 18.13 -18.10
C PHE B 447 -19.89 16.91 -18.95
N ASP B 448 -20.07 15.74 -18.32
CA ASP B 448 -19.97 14.44 -18.98
C ASP B 448 -21.35 13.76 -18.88
N PHE B 449 -21.83 13.23 -20.02
CA PHE B 449 -23.15 12.59 -20.15
C PHE B 449 -23.07 11.11 -20.64
N ARG B 450 -21.90 10.44 -20.41
CA ARG B 450 -21.69 9.01 -20.69
C ARG B 450 -22.68 8.18 -19.84
N ASP B 451 -22.94 6.95 -20.26
CA ASP B 451 -23.86 6.04 -19.56
C ASP B 451 -23.19 4.68 -19.54
N ILE B 452 -22.36 4.40 -18.54
CA ILE B 452 -21.64 3.12 -18.43
C ILE B 452 -22.63 1.95 -18.28
N ALA B 453 -23.62 2.09 -17.38
CA ALA B 453 -24.62 1.05 -17.10
C ALA B 453 -25.55 0.72 -18.24
N LYS B 454 -26.14 1.74 -18.91
CA LYS B 454 -27.13 1.53 -19.96
C LYS B 454 -26.69 1.89 -21.39
N GLY B 455 -25.72 2.80 -21.57
CA GLY B 455 -25.24 3.21 -22.89
C GLY B 455 -26.21 3.94 -23.79
N GLU B 456 -27.24 4.61 -23.22
CA GLU B 456 -28.28 5.32 -23.97
C GLU B 456 -27.77 6.49 -24.83
N ALA B 457 -27.04 7.44 -24.19
CA ALA B 457 -26.47 8.60 -24.89
C ALA B 457 -25.51 8.15 -25.99
N GLU B 458 -24.67 7.13 -25.69
CA GLU B 458 -23.69 6.57 -26.63
C GLU B 458 -24.37 6.03 -27.88
N ARG B 459 -25.50 5.30 -27.71
CA ARG B 459 -26.26 4.72 -28.83
C ARG B 459 -26.96 5.78 -29.65
N HIS B 460 -27.63 6.73 -28.95
CA HIS B 460 -28.32 7.87 -29.54
C HIS B 460 -27.38 8.73 -30.41
N PHE B 461 -26.26 9.15 -29.86
CA PHE B 461 -25.34 9.99 -30.58
C PHE B 461 -24.39 9.24 -31.50
N GLY B 462 -24.18 7.95 -31.25
CA GLY B 462 -23.23 7.16 -32.03
C GLY B 462 -21.80 7.52 -31.64
N LEU B 463 -21.62 7.74 -30.32
CA LEU B 463 -20.33 8.11 -29.75
C LEU B 463 -19.87 7.18 -28.68
N LYS B 464 -18.55 7.00 -28.57
CA LYS B 464 -17.91 6.27 -27.47
C LYS B 464 -18.14 7.09 -26.16
N SER B 465 -18.05 6.43 -25.00
CA SER B 465 -18.27 7.06 -23.68
C SER B 465 -17.32 8.20 -23.38
N ASN B 466 -16.07 8.13 -23.91
CA ASN B 466 -15.01 9.12 -23.78
C ASN B 466 -15.23 10.42 -24.61
N ALA B 467 -16.29 10.44 -25.49
CA ALA B 467 -16.63 11.60 -26.29
C ALA B 467 -18.05 12.12 -25.92
N CYS B 468 -18.60 11.59 -24.83
CA CYS B 468 -19.89 12.05 -24.33
C CYS B 468 -19.68 13.13 -23.28
N ASN B 469 -18.96 14.21 -23.67
CA ASN B 469 -18.64 15.31 -22.76
C ASN B 469 -18.51 16.68 -23.47
N LEU B 470 -18.59 17.74 -22.65
CA LEU B 470 -18.41 19.14 -23.03
C LEU B 470 -17.49 19.87 -22.01
N ALA B 471 -16.89 20.99 -22.45
CA ALA B 471 -16.08 21.88 -21.63
C ALA B 471 -16.57 23.32 -21.92
N VAL B 472 -16.79 24.11 -20.85
CA VAL B 472 -17.29 25.47 -20.94
C VAL B 472 -16.23 26.47 -20.52
N ILE B 473 -16.06 27.53 -21.34
CA ILE B 473 -15.24 28.69 -21.02
C ILE B 473 -16.19 29.89 -21.05
N ARG B 474 -16.43 30.49 -19.90
CA ARG B 474 -17.40 31.57 -19.80
C ARG B 474 -16.87 32.79 -19.07
N ASP B 475 -16.79 33.93 -19.79
CA ASP B 475 -16.42 35.22 -19.21
C ASP B 475 -17.64 36.15 -19.19
N GLU B 476 -17.42 37.48 -19.00
CA GLU B 476 -18.49 38.51 -18.98
C GLU B 476 -19.17 38.69 -20.35
N ARG B 477 -18.38 38.55 -21.45
CA ARG B 477 -18.81 38.77 -22.82
C ARG B 477 -19.30 37.49 -23.57
N PHE B 478 -18.53 36.39 -23.49
CA PHE B 478 -18.86 35.18 -24.22
C PHE B 478 -18.92 33.88 -23.41
N LYS B 479 -19.66 32.89 -23.96
CA LYS B 479 -19.70 31.52 -23.49
C LYS B 479 -19.41 30.64 -24.69
N TYR B 480 -18.31 29.90 -24.61
CA TYR B 480 -17.90 28.94 -25.63
C TYR B 480 -18.00 27.55 -25.01
N VAL B 481 -18.75 26.68 -25.70
CA VAL B 481 -19.03 25.29 -25.33
C VAL B 481 -18.41 24.38 -26.35
N HIS B 482 -17.45 23.60 -25.93
CA HIS B 482 -16.90 22.65 -26.88
C HIS B 482 -17.34 21.25 -26.47
N PHE B 483 -17.89 20.48 -27.44
CA PHE B 483 -18.30 19.10 -27.26
C PHE B 483 -17.26 18.20 -27.89
N ALA B 484 -16.84 17.13 -27.19
CA ALA B 484 -15.87 16.19 -27.80
C ALA B 484 -16.42 15.53 -29.10
N GLY B 485 -17.74 15.31 -29.16
CA GLY B 485 -18.31 14.66 -30.34
C GLY B 485 -19.51 15.28 -31.02
N LEU B 486 -19.93 16.44 -30.57
CA LEU B 486 -21.08 17.17 -31.11
C LEU B 486 -20.64 18.58 -31.58
N PRO B 487 -21.50 19.40 -32.25
CA PRO B 487 -21.04 20.73 -32.70
C PRO B 487 -20.81 21.72 -31.54
N PRO B 488 -19.90 22.72 -31.68
CA PRO B 488 -19.72 23.68 -30.56
C PRO B 488 -20.86 24.69 -30.45
N LEU B 489 -20.93 25.40 -29.30
CA LEU B 489 -21.89 26.48 -29.05
C LEU B 489 -21.15 27.76 -28.61
N LEU B 490 -21.58 28.91 -29.15
CA LEU B 490 -21.00 30.23 -28.83
C LEU B 490 -22.16 31.17 -28.55
N TYR B 491 -22.17 31.76 -27.34
CA TYR B 491 -23.18 32.73 -26.94
C TYR B 491 -22.53 34.09 -26.64
N ASP B 492 -23.04 35.17 -27.29
CA ASP B 492 -22.59 36.54 -27.05
C ASP B 492 -23.46 37.04 -25.90
N LEU B 493 -22.96 36.95 -24.67
CA LEU B 493 -23.66 37.35 -23.45
C LEU B 493 -23.98 38.83 -23.39
N ALA B 494 -23.16 39.64 -24.10
CA ALA B 494 -23.28 41.09 -24.26
C ALA B 494 -24.61 41.48 -24.98
N LYS B 495 -24.96 40.77 -26.08
CA LYS B 495 -26.17 40.95 -26.91
C LYS B 495 -27.31 40.01 -26.47
N ASP B 496 -26.90 38.84 -25.94
CA ASP B 496 -27.76 37.72 -25.59
C ASP B 496 -27.45 37.15 -24.19
N PRO B 497 -27.91 37.86 -23.14
CA PRO B 497 -27.66 37.35 -21.77
C PRO B 497 -28.46 36.08 -21.40
N MET B 498 -29.53 35.79 -22.16
CA MET B 498 -30.41 34.64 -21.93
C MET B 498 -29.94 33.34 -22.62
N GLU B 499 -28.85 33.42 -23.42
CA GLU B 499 -28.19 32.32 -24.16
C GLU B 499 -29.16 31.55 -25.09
N LEU B 500 -29.89 32.29 -25.95
CA LEU B 500 -30.87 31.74 -26.87
C LEU B 500 -30.37 31.66 -28.30
N THR B 501 -29.28 32.39 -28.62
CA THR B 501 -28.75 32.44 -29.97
C THR B 501 -27.37 31.85 -30.09
N ASN B 502 -27.25 30.74 -30.81
CA ASN B 502 -25.95 30.14 -31.02
C ASN B 502 -25.34 30.85 -32.21
N VAL B 503 -24.20 31.50 -32.00
CA VAL B 503 -23.51 32.23 -33.06
C VAL B 503 -22.21 31.52 -33.52
N ALA B 504 -22.01 30.25 -33.15
CA ALA B 504 -20.78 29.51 -33.50
C ALA B 504 -20.53 29.41 -34.99
N ALA B 505 -21.60 29.21 -35.78
CA ALA B 505 -21.56 29.05 -37.23
C ALA B 505 -21.52 30.38 -38.02
N ASP B 506 -21.89 31.52 -37.37
CA ASP B 506 -21.84 32.88 -37.97
C ASP B 506 -20.38 33.20 -38.32
N ALA B 507 -20.10 33.48 -39.59
CA ALA B 507 -18.75 33.80 -40.09
C ALA B 507 -18.11 35.07 -39.46
N ASP B 508 -18.95 35.99 -38.90
CA ASP B 508 -18.46 37.21 -38.26
C ASP B 508 -17.89 36.96 -36.83
N TYR B 509 -18.22 35.80 -36.25
CA TYR B 509 -17.76 35.37 -34.95
C TYR B 509 -16.66 34.33 -35.05
N ALA B 510 -16.17 34.06 -36.26
CA ALA B 510 -15.13 33.06 -36.51
C ALA B 510 -13.87 33.26 -35.69
N ALA B 511 -13.38 34.50 -35.57
CA ALA B 511 -12.17 34.82 -34.81
C ALA B 511 -12.39 34.74 -33.29
N VAL B 512 -13.61 35.08 -32.81
CA VAL B 512 -14.07 34.97 -31.42
C VAL B 512 -14.06 33.47 -31.06
N ARG B 513 -14.71 32.63 -31.90
CA ARG B 513 -14.74 31.17 -31.77
C ARG B 513 -13.33 30.60 -31.70
N LEU B 514 -12.43 31.01 -32.63
CA LEU B 514 -11.04 30.54 -32.63
C LEU B 514 -10.28 30.94 -31.35
N GLY B 515 -10.53 32.16 -30.87
CA GLY B 515 -9.88 32.68 -29.67
C GLY B 515 -10.21 31.88 -28.43
N TYR B 516 -11.51 31.56 -28.24
CA TYR B 516 -12.00 30.78 -27.11
C TYR B 516 -11.59 29.31 -27.17
N ALA B 517 -11.46 28.74 -28.39
CA ALA B 517 -11.01 27.37 -28.63
C ALA B 517 -9.55 27.24 -28.21
N GLU B 518 -8.73 28.25 -28.56
CA GLU B 518 -7.30 28.25 -28.23
C GLU B 518 -7.01 28.62 -26.77
N LYS B 519 -7.95 29.32 -26.13
CA LYS B 519 -7.91 29.68 -24.71
C LYS B 519 -8.27 28.39 -23.92
N LEU B 520 -9.35 27.68 -24.36
CA LEU B 520 -9.73 26.39 -23.79
C LEU B 520 -8.59 25.39 -23.98
N LEU B 521 -7.86 25.42 -25.13
CA LEU B 521 -6.70 24.54 -25.29
C LEU B 521 -5.62 24.80 -24.27
N SER B 522 -5.45 26.09 -23.86
CA SER B 522 -4.45 26.56 -22.89
C SER B 522 -4.75 26.05 -21.48
N LEU B 523 -6.03 26.12 -21.05
CA LEU B 523 -6.45 25.61 -19.77
C LEU B 523 -6.15 24.10 -19.72
N ARG B 524 -6.51 23.33 -20.80
CA ARG B 524 -6.28 21.88 -20.88
C ARG B 524 -4.85 21.53 -20.63
N ALA B 525 -3.94 22.26 -21.26
CA ALA B 525 -2.49 22.06 -21.11
C ALA B 525 -1.97 22.44 -19.72
N GLN B 526 -2.50 23.53 -19.16
CA GLN B 526 -2.05 24.02 -17.85
C GLN B 526 -2.56 23.18 -16.69
N HIS B 527 -3.79 22.62 -16.85
CA HIS B 527 -4.46 21.81 -15.84
C HIS B 527 -4.21 20.33 -15.94
N LEU B 528 -3.15 19.91 -16.68
CA LEU B 528 -2.73 18.52 -16.68
C LEU B 528 -2.14 18.27 -15.28
N ASP B 529 -2.21 17.03 -14.79
CA ASP B 529 -1.75 16.69 -13.45
C ASP B 529 -0.26 17.02 -13.20
N GLN B 530 -0.01 18.00 -12.29
CA GLN B 530 1.35 18.43 -11.96
C GLN B 530 1.89 17.86 -10.65
N THR B 531 1.22 16.84 -10.06
CA THR B 531 1.62 16.15 -8.81
C THR B 531 3.10 15.78 -8.83
N LEU B 532 3.56 15.11 -9.90
CA LEU B 532 4.96 14.72 -10.02
C LEU B 532 5.72 15.56 -11.04
N ALA B 533 5.02 16.16 -12.02
CA ALA B 533 5.57 17.00 -13.09
C ALA B 533 6.25 18.30 -12.57
N TYR B 534 5.92 18.72 -11.32
CA TYR B 534 6.59 19.87 -10.66
C TYR B 534 7.82 19.42 -9.87
N THR B 535 8.31 18.20 -10.11
CA THR B 535 9.48 17.61 -9.46
C THR B 535 10.48 17.19 -10.50
N GLU B 536 11.75 17.31 -10.16
CA GLU B 536 12.86 16.90 -10.98
C GLU B 536 13.86 16.19 -10.11
N LEU B 537 14.27 15.01 -10.55
CA LEU B 537 15.23 14.18 -9.85
C LEU B 537 16.61 14.63 -10.28
N THR B 538 17.31 15.25 -9.32
CA THR B 538 18.67 15.78 -9.49
C THR B 538 19.73 14.93 -8.72
N GLU B 539 21.05 15.19 -8.95
CA GLU B 539 22.17 14.49 -8.29
C GLU B 539 22.08 14.61 -6.73
N LYS B 540 21.54 15.75 -6.24
CA LYS B 540 21.31 15.99 -4.82
C LYS B 540 20.16 15.13 -4.30
N GLY B 541 19.17 14.98 -5.17
CA GLY B 541 17.95 14.23 -4.92
C GLY B 541 16.80 15.01 -5.52
N PRO B 542 15.56 14.73 -5.14
CA PRO B 542 14.44 15.47 -5.73
C PRO B 542 14.43 16.96 -5.43
N VAL B 543 13.99 17.74 -6.41
CA VAL B 543 13.83 19.19 -6.35
C VAL B 543 12.43 19.48 -6.83
N SER B 544 11.67 20.27 -6.08
CA SER B 544 10.29 20.57 -6.44
C SER B 544 10.00 22.05 -6.55
N ARG B 545 8.96 22.37 -7.32
CA ARG B 545 8.44 23.71 -7.55
C ARG B 545 7.13 23.79 -6.81
N ARG B 546 6.84 24.95 -6.25
CA ARG B 546 5.59 25.18 -5.52
C ARG B 546 4.64 25.88 -6.52
N PRO B 547 3.38 25.43 -6.69
CA PRO B 547 2.48 26.10 -7.64
C PRO B 547 2.22 27.58 -7.37
N ARG C 44 29.78 5.60 4.42
CA ARG C 44 31.23 5.76 4.48
C ARG C 44 32.03 4.46 4.22
N PRO C 45 32.01 3.37 5.04
CA PRO C 45 32.82 2.20 4.66
C PRO C 45 32.16 1.38 3.55
N ASN C 46 32.92 0.51 2.91
CA ASN C 46 32.35 -0.38 1.92
C ASN C 46 31.94 -1.55 2.73
N VAL C 47 30.88 -2.25 2.30
CA VAL C 47 30.44 -3.43 3.03
C VAL C 47 30.54 -4.63 2.11
N LEU C 48 31.20 -5.70 2.57
CA LEU C 48 31.33 -6.93 1.82
C LEU C 48 30.87 -8.10 2.65
N LEU C 49 29.64 -8.58 2.38
CA LEU C 49 29.09 -9.72 3.08
C LEU C 49 29.33 -10.93 2.23
N ILE C 50 30.19 -11.82 2.67
CA ILE C 50 30.50 -13.05 1.98
C ILE C 50 29.94 -14.20 2.76
N SER C 51 29.17 -15.04 2.07
CA SER C 51 28.66 -16.28 2.59
C SER C 51 29.10 -17.40 1.64
N ALA C 52 29.36 -18.57 2.20
CA ALA C 52 29.73 -19.78 1.51
C ALA C 52 28.87 -20.85 2.14
N ASP C 53 28.00 -21.46 1.35
CA ASP C 53 27.01 -22.41 1.83
C ASP C 53 27.54 -23.69 2.43
N GLN C 54 26.84 -24.21 3.45
CA GLN C 54 27.10 -25.51 4.09
C GLN C 54 28.51 -25.69 4.69
N TRP C 55 29.14 -24.62 5.16
CA TRP C 55 30.50 -24.63 5.77
C TRP C 55 30.45 -24.79 7.33
N ARG C 56 31.10 -25.83 7.85
CA ARG C 56 31.17 -26.16 9.29
C ARG C 56 32.03 -25.14 10.05
N GLY C 57 31.57 -24.74 11.23
CA GLY C 57 32.26 -23.76 12.06
C GLY C 57 33.58 -24.24 12.64
N ASP C 58 33.72 -25.57 12.80
CA ASP C 58 34.93 -26.21 13.30
C ASP C 58 35.97 -26.44 12.18
N CYS C 59 35.57 -26.26 10.90
CA CYS C 59 36.46 -26.45 9.76
C CYS C 59 37.15 -25.16 9.32
N LEU C 60 38.00 -24.66 10.21
CA LEU C 60 38.87 -23.50 10.01
C LEU C 60 40.20 -23.81 10.71
N SER C 61 41.33 -23.56 10.03
CA SER C 61 42.64 -23.80 10.66
C SER C 61 42.88 -22.87 11.86
N ALA C 62 42.30 -21.63 11.82
CA ALA C 62 42.36 -20.61 12.87
C ALA C 62 41.70 -21.04 14.19
N VAL C 63 40.90 -22.12 14.15
CA VAL C 63 40.16 -22.63 15.31
C VAL C 63 40.80 -23.96 15.78
N GLY C 64 41.88 -24.37 15.12
CA GLY C 64 42.62 -25.57 15.50
C GLY C 64 42.22 -26.87 14.85
N HIS C 65 41.72 -26.83 13.62
CA HIS C 65 41.38 -28.06 12.94
C HIS C 65 42.68 -28.74 12.49
N ALA C 66 42.77 -30.07 12.74
CA ALA C 66 43.92 -30.92 12.43
C ALA C 66 44.21 -31.01 10.92
N SER C 67 43.18 -31.36 10.13
CA SER C 67 43.27 -31.53 8.68
C SER C 67 43.09 -30.23 7.88
N VAL C 68 41.91 -29.58 8.03
CA VAL C 68 41.44 -28.39 7.29
C VAL C 68 42.44 -27.25 7.29
N LYS C 69 42.66 -26.69 6.07
CA LYS C 69 43.58 -25.58 5.80
C LYS C 69 42.79 -24.41 5.22
N THR C 70 42.67 -23.30 5.99
CA THR C 70 41.95 -22.09 5.58
C THR C 70 42.85 -20.86 5.77
N PRO C 71 43.99 -20.73 5.03
CA PRO C 71 44.91 -19.59 5.28
C PRO C 71 44.33 -18.18 5.08
N ASN C 72 43.45 -18.02 4.08
CA ASN C 72 42.88 -16.71 3.76
C ASN C 72 41.79 -16.29 4.75
N VAL C 73 41.05 -17.27 5.34
CA VAL C 73 40.07 -16.98 6.38
C VAL C 73 40.88 -16.55 7.61
N ASP C 74 41.96 -17.34 7.92
CA ASP C 74 42.92 -17.10 9.03
C ASP C 74 43.48 -15.70 8.95
N ALA C 75 43.89 -15.28 7.74
CA ALA C 75 44.47 -13.96 7.43
C ALA C 75 43.47 -12.83 7.74
N LEU C 76 42.18 -13.03 7.39
CA LEU C 76 41.11 -12.07 7.66
C LEU C 76 40.91 -11.97 9.19
N ALA C 77 40.98 -13.12 9.91
CA ALA C 77 40.83 -13.26 11.38
C ALA C 77 42.02 -12.74 12.18
N GLN C 78 43.20 -12.67 11.53
CA GLN C 78 44.43 -12.14 12.14
C GLN C 78 44.26 -10.66 12.39
N ASP C 79 43.60 -9.98 11.44
CA ASP C 79 43.32 -8.55 11.50
C ASP C 79 41.87 -8.27 11.92
N GLY C 80 41.12 -9.34 12.21
CA GLY C 80 39.73 -9.22 12.60
C GLY C 80 39.29 -10.07 13.77
N VAL C 81 38.01 -9.97 14.09
CA VAL C 81 37.40 -10.73 15.16
C VAL C 81 36.82 -12.05 14.65
N LEU C 82 37.26 -13.16 15.25
CA LEU C 82 36.76 -14.48 14.92
C LEU C 82 35.77 -14.89 16.02
N PHE C 83 34.60 -15.42 15.63
CA PHE C 83 33.56 -15.85 16.54
C PHE C 83 33.51 -17.39 16.55
N THR C 84 33.91 -17.98 17.70
CA THR C 84 34.10 -19.42 17.93
C THR C 84 32.83 -20.22 18.25
N ARG C 85 31.76 -19.53 18.76
CA ARG C 85 30.51 -20.17 19.12
C ARG C 85 29.35 -19.50 18.32
N HIS C 86 29.50 -19.46 16.98
CA HIS C 86 28.52 -18.86 16.05
C HIS C 86 27.56 -19.90 15.51
N PHE C 87 26.24 -19.65 15.71
CA PHE C 87 25.20 -20.56 15.28
C PHE C 87 24.19 -19.97 14.32
N ALA C 88 23.78 -20.81 13.37
CA ALA C 88 22.73 -20.49 12.38
C ALA C 88 21.42 -20.31 13.17
N GLY C 89 20.51 -19.53 12.64
CA GLY C 89 19.21 -19.34 13.29
C GLY C 89 18.33 -20.56 13.13
N THR C 90 18.55 -21.28 12.03
CA THR C 90 17.78 -22.48 11.62
C THR C 90 18.42 -23.13 10.38
N ALA C 91 17.73 -24.12 9.79
CA ALA C 91 18.11 -24.87 8.58
C ALA C 91 16.84 -25.37 7.82
N PRO C 92 16.86 -25.56 6.46
CA PRO C 92 17.98 -25.43 5.51
C PRO C 92 18.21 -24.02 4.97
N SER C 94 16.78 -21.63 2.73
CA SER C 94 15.80 -20.51 2.80
C SER C 94 15.50 -20.09 4.24
N PRO C 95 15.15 -21.02 5.21
CA PRO C 95 14.95 -20.59 6.62
C PRO C 95 16.18 -19.95 7.24
N ALA C 96 17.37 -20.53 6.99
CA ALA C 96 18.68 -20.07 7.48
C ALA C 96 19.08 -18.68 7.00
N ARG C 97 18.80 -18.37 5.73
CA ARG C 97 19.09 -17.08 5.10
C ARG C 97 18.11 -16.00 5.51
N ALA C 98 16.88 -16.39 5.85
CA ALA C 98 15.89 -15.44 6.35
C ALA C 98 16.39 -14.87 7.71
N THR C 99 17.02 -15.70 8.57
CA THR C 99 17.60 -15.23 9.84
C THR C 99 18.71 -14.24 9.55
N LEU C 100 19.66 -14.67 8.71
CA LEU C 100 20.80 -13.88 8.27
C LEU C 100 20.41 -12.51 7.77
N TYR C 101 19.50 -12.41 6.81
CA TYR C 101 19.14 -11.14 6.22
C TYR C 101 18.16 -10.29 7.01
N THR C 102 17.27 -10.91 7.81
CA THR C 102 16.26 -10.12 8.53
C THR C 102 16.63 -9.84 9.99
N GLY C 103 17.61 -10.56 10.54
CA GLY C 103 17.99 -10.42 11.95
C GLY C 103 16.95 -11.01 12.89
N LEU C 104 16.16 -11.97 12.38
CA LEU C 104 15.06 -12.57 13.12
C LEU C 104 15.25 -14.05 13.33
N TYR C 105 14.68 -14.53 14.46
CA TYR C 105 14.59 -15.95 14.76
C TYR C 105 13.40 -16.45 13.92
N GLN C 106 13.40 -17.74 13.58
CA GLN C 106 12.34 -18.38 12.78
C GLN C 106 10.95 -18.19 13.41
N MET C 107 10.89 -18.02 14.74
CA MET C 107 9.63 -17.76 15.45
C MET C 107 9.02 -16.43 15.03
N ASN C 108 9.84 -15.55 14.40
CA ASN C 108 9.37 -14.26 13.89
C ASN C 108 9.30 -14.19 12.36
N HIS C 109 10.35 -14.66 11.62
CA HIS C 109 10.33 -14.57 10.16
C HIS C 109 9.38 -15.62 9.50
N ARG C 110 9.10 -16.73 10.21
CA ARG C 110 8.18 -17.79 9.86
C ARG C 110 8.55 -18.57 8.56
N VAL C 111 9.82 -18.52 8.12
CA VAL C 111 10.28 -19.27 6.95
C VAL C 111 10.71 -20.61 7.48
N CYS C 112 9.78 -21.58 7.46
CA CYS C 112 9.94 -22.92 8.04
C CYS C 112 10.66 -23.90 7.14
N ARG C 113 10.45 -23.83 5.80
CA ARG C 113 11.09 -24.77 4.85
C ARG C 113 11.48 -24.02 3.60
N ASN C 114 12.26 -24.66 2.70
CA ASN C 114 12.58 -24.10 1.39
C ASN C 114 11.22 -24.04 0.66
N GLY C 115 10.74 -22.85 0.34
CA GLY C 115 9.43 -22.68 -0.27
C GLY C 115 8.45 -21.92 0.62
N SER C 116 8.78 -21.78 1.93
CA SER C 116 7.99 -20.99 2.88
C SER C 116 8.16 -19.51 2.52
N PRO C 117 7.08 -18.74 2.26
CA PRO C 117 7.26 -17.31 1.91
C PRO C 117 7.79 -16.47 3.06
N LEU C 118 8.56 -15.42 2.71
CA LEU C 118 9.07 -14.45 3.66
C LEU C 118 8.19 -13.23 3.52
N ASP C 119 7.47 -12.87 4.59
CA ASP C 119 6.57 -11.71 4.62
C ASP C 119 7.28 -10.46 4.14
N ALA C 120 6.59 -9.75 3.24
CA ALA C 120 7.04 -8.52 2.60
C ALA C 120 7.19 -7.37 3.60
N ARG C 121 6.56 -7.47 4.78
CA ARG C 121 6.62 -6.45 5.84
C ARG C 121 7.99 -6.29 6.47
N PHE C 122 8.81 -7.34 6.46
CA PHE C 122 10.11 -7.39 7.11
C PHE C 122 11.20 -6.60 6.44
N ASP C 123 11.90 -5.81 7.25
CA ASP C 123 13.06 -5.05 6.86
C ASP C 123 14.18 -6.10 6.77
N ASN C 124 15.28 -5.78 6.10
CA ASN C 124 16.42 -6.66 5.89
C ASN C 124 17.64 -5.79 5.63
N LEU C 125 18.85 -6.41 5.60
CA LEU C 125 20.11 -5.67 5.44
C LEU C 125 20.21 -4.96 4.07
N ALA C 126 19.62 -5.52 2.99
CA ALA C 126 19.62 -4.85 1.68
C ALA C 126 18.78 -3.58 1.72
N LEU C 127 17.52 -3.68 2.18
CA LEU C 127 16.61 -2.53 2.32
C LEU C 127 17.18 -1.45 3.24
N ALA C 128 17.76 -1.85 4.39
CA ALA C 128 18.37 -0.88 5.31
C ALA C 128 19.61 -0.20 4.67
N ALA C 129 20.55 -0.98 4.05
CA ALA C 129 21.70 -0.45 3.28
C ALA C 129 21.30 0.72 2.38
N ARG C 130 20.17 0.60 1.63
CA ARG C 130 19.63 1.65 0.74
C ARG C 130 19.24 2.94 1.50
N ARG C 131 18.72 2.81 2.74
CA ARG C 131 18.36 3.95 3.59
C ARG C 131 19.64 4.69 4.06
N GLY C 132 20.79 4.03 3.91
CA GLY C 132 22.09 4.59 4.21
C GLY C 132 22.86 5.07 2.98
N GLY C 133 22.15 5.25 1.86
CA GLY C 133 22.71 5.73 0.59
C GLY C 133 23.51 4.72 -0.21
N TYR C 134 23.44 3.43 0.11
CA TYR C 134 24.15 2.41 -0.66
C TYR C 134 23.22 1.77 -1.69
N ASP C 135 23.83 1.09 -2.68
CA ASP C 135 23.15 0.32 -3.70
C ASP C 135 23.58 -1.12 -3.46
N PRO C 136 22.91 -1.84 -2.52
CA PRO C 136 23.33 -3.22 -2.21
C PRO C 136 23.23 -4.14 -3.42
N THR C 137 24.38 -4.74 -3.81
CA THR C 137 24.58 -5.54 -5.01
C THR C 137 24.84 -7.00 -4.71
N LEU C 138 24.10 -7.89 -5.42
CA LEU C 138 24.16 -9.34 -5.23
C LEU C 138 24.94 -10.09 -6.31
N PHE C 139 25.76 -11.06 -5.86
CA PHE C 139 26.55 -11.99 -6.65
C PHE C 139 26.21 -13.35 -6.07
N GLY C 140 25.43 -14.13 -6.82
CA GLY C 140 24.96 -15.42 -6.37
C GLY C 140 23.47 -15.44 -6.06
N TYR C 141 23.10 -15.86 -4.82
CA TYR C 141 21.69 -16.05 -4.45
C TYR C 141 21.37 -15.70 -2.98
N THR C 142 20.08 -15.48 -2.68
CA THR C 142 19.57 -15.22 -1.34
C THR C 142 18.58 -16.30 -0.91
N ASP C 143 18.05 -17.07 -1.88
CA ASP C 143 17.04 -18.12 -1.67
C ASP C 143 15.82 -17.59 -0.89
N THR C 144 15.25 -16.47 -1.37
CA THR C 144 14.07 -15.84 -0.76
C THR C 144 12.79 -16.21 -1.53
N ALA C 145 11.89 -16.99 -0.90
CA ALA C 145 10.60 -17.24 -1.51
C ALA C 145 9.81 -15.94 -1.26
N PRO C 146 9.28 -15.27 -2.31
CA PRO C 146 8.56 -14.00 -2.08
C PRO C 146 7.24 -14.15 -1.36
N ASP C 147 6.66 -13.03 -0.88
CA ASP C 147 5.34 -13.02 -0.25
C ASP C 147 4.35 -13.11 -1.44
N PRO C 148 3.56 -14.20 -1.56
CA PRO C 148 2.68 -14.36 -2.72
C PRO C 148 1.49 -13.43 -2.76
N ARG C 149 1.09 -12.91 -1.58
CA ARG C 149 -0.07 -12.03 -1.46
C ARG C 149 -0.01 -10.82 -2.37
N GLY C 150 -1.10 -10.67 -3.13
CA GLY C 150 -1.26 -9.61 -4.12
C GLY C 150 -0.60 -9.87 -5.46
N MET C 151 0.45 -10.74 -5.51
CA MET C 151 1.20 -11.08 -6.72
C MET C 151 0.30 -11.81 -7.69
N ASP C 152 0.51 -11.55 -8.99
CA ASP C 152 -0.29 -12.16 -10.01
C ASP C 152 -0.01 -13.68 -10.01
N PRO C 153 -1.08 -14.52 -10.06
CA PRO C 153 -0.86 -15.98 -10.05
C PRO C 153 0.01 -16.53 -11.18
N ASN C 154 0.15 -15.79 -12.28
CA ASN C 154 0.95 -16.24 -13.42
C ASN C 154 2.39 -15.77 -13.34
N ASP C 155 2.74 -15.00 -12.27
CA ASP C 155 4.10 -14.47 -12.11
C ASP C 155 5.08 -15.61 -11.88
N PRO C 156 6.16 -15.74 -12.70
CA PRO C 156 7.14 -16.82 -12.49
C PRO C 156 7.82 -16.82 -11.13
N HIS C 157 7.77 -15.68 -10.37
CA HIS C 157 8.36 -15.60 -9.02
C HIS C 157 7.66 -16.50 -8.02
N LEU C 158 6.43 -16.92 -8.30
CA LEU C 158 5.63 -17.78 -7.44
C LEU C 158 5.96 -19.25 -7.58
N THR C 159 6.91 -19.58 -8.47
CA THR C 159 7.21 -20.98 -8.78
C THR C 159 8.48 -21.51 -8.11
N THR C 160 9.23 -20.65 -7.39
CA THR C 160 10.46 -21.08 -6.69
C THR C 160 10.71 -20.32 -5.37
N TYR C 161 11.64 -20.86 -4.58
CA TYR C 161 12.11 -20.26 -3.34
C TYR C 161 13.41 -19.53 -3.67
N GLU C 162 13.90 -19.70 -4.90
CA GLU C 162 15.16 -19.13 -5.40
C GLU C 162 15.03 -17.68 -5.85
N GLY C 163 14.13 -16.93 -5.23
CA GLY C 163 13.97 -15.52 -5.54
C GLY C 163 15.05 -14.67 -4.89
N VAL C 164 15.15 -13.43 -5.35
CA VAL C 164 16.11 -12.45 -4.84
C VAL C 164 15.45 -11.66 -3.68
N LEU C 165 16.20 -11.48 -2.59
CA LEU C 165 15.77 -10.73 -1.44
C LEU C 165 15.47 -9.27 -1.83
N PRO C 166 14.26 -8.74 -1.47
CA PRO C 166 13.95 -7.32 -1.78
C PRO C 166 15.02 -6.36 -1.21
N GLY C 167 15.43 -5.41 -2.05
CA GLY C 167 16.46 -4.42 -1.75
C GLY C 167 17.76 -4.60 -2.50
N PHE C 168 18.09 -5.84 -2.89
CA PHE C 168 19.30 -6.14 -3.67
C PHE C 168 19.10 -5.85 -5.15
N SER C 169 20.13 -5.29 -5.77
CA SER C 169 20.22 -5.09 -7.21
C SER C 169 21.14 -6.24 -7.66
N ALA C 170 20.66 -7.08 -8.59
CA ALA C 170 21.43 -8.25 -9.03
C ALA C 170 22.50 -7.94 -10.10
N ARG C 171 23.78 -8.14 -9.76
CA ARG C 171 24.85 -7.93 -10.75
C ARG C 171 25.15 -9.25 -11.47
N GLN C 172 25.22 -10.33 -10.71
CA GLN C 172 25.47 -11.65 -11.24
C GLN C 172 24.62 -12.68 -10.50
N LEU C 173 23.60 -13.21 -11.18
CA LEU C 173 22.74 -14.21 -10.57
C LEU C 173 23.27 -15.59 -10.86
N LEU C 174 23.08 -16.51 -9.92
CA LEU C 174 23.48 -17.89 -10.11
C LEU C 174 22.60 -18.84 -9.31
N PRO C 175 21.44 -19.22 -9.89
CA PRO C 175 20.55 -20.17 -9.21
C PRO C 175 21.03 -21.62 -9.35
N GLU C 176 20.24 -22.56 -8.80
CA GLU C 176 20.48 -24.00 -8.82
C GLU C 176 20.73 -24.53 -10.24
N HIS C 177 20.05 -23.96 -11.28
CA HIS C 177 20.22 -24.39 -12.67
C HIS C 177 21.62 -24.06 -13.23
N GLU C 178 22.32 -23.06 -12.65
CA GLU C 178 23.67 -22.59 -12.98
C GLU C 178 23.90 -22.28 -14.46
N LYS C 179 22.85 -21.90 -15.21
CA LYS C 179 22.89 -21.58 -16.64
C LYS C 179 23.88 -20.45 -17.01
N GLN C 180 24.10 -19.50 -16.09
CA GLN C 180 25.00 -18.36 -16.30
C GLN C 180 26.47 -18.77 -16.23
N TRP C 181 26.75 -19.78 -15.39
CA TRP C 181 28.09 -20.34 -15.20
C TRP C 181 28.41 -21.26 -16.39
N LEU C 182 27.42 -22.11 -16.81
CA LEU C 182 27.53 -23.01 -17.94
C LEU C 182 27.84 -22.22 -19.23
N SER C 183 27.12 -21.09 -19.48
CA SER C 183 27.34 -20.21 -20.64
C SER C 183 28.70 -19.53 -20.60
N TRP C 184 29.21 -19.26 -19.38
CA TRP C 184 30.53 -18.67 -19.17
C TRP C 184 31.59 -19.72 -19.52
N LEU C 185 31.36 -20.98 -19.15
CA LEU C 185 32.25 -22.11 -19.45
C LEU C 185 32.31 -22.33 -20.97
N ARG C 186 31.14 -22.26 -21.65
CA ARG C 186 31.02 -22.40 -23.10
C ARG C 186 31.89 -21.36 -23.82
N SER C 187 31.90 -20.10 -23.31
CA SER C 187 32.69 -18.98 -23.83
C SER C 187 34.19 -19.18 -23.55
N ARG C 188 34.53 -20.15 -22.69
CA ARG C 188 35.90 -20.48 -22.30
C ARG C 188 36.45 -21.72 -23.04
N GLY C 189 35.65 -22.27 -23.96
CA GLY C 189 36.02 -23.43 -24.76
C GLY C 189 35.49 -24.75 -24.26
N HIS C 190 34.33 -24.74 -23.57
CA HIS C 190 33.71 -25.97 -23.08
C HIS C 190 32.38 -26.19 -23.78
N PRO C 191 32.36 -26.76 -25.02
CA PRO C 191 31.07 -26.99 -25.69
C PRO C 191 30.28 -28.13 -25.02
N GLU C 192 30.92 -28.83 -24.06
CA GLU C 192 30.37 -29.93 -23.27
C GLU C 192 29.49 -29.37 -22.13
N ALA C 193 29.76 -28.11 -21.71
CA ALA C 193 29.04 -27.38 -20.66
C ALA C 193 27.66 -26.91 -21.14
N THR C 194 26.77 -27.86 -21.37
CA THR C 194 25.41 -27.65 -21.85
C THR C 194 24.40 -28.05 -20.77
N SER C 195 24.87 -28.77 -19.73
CA SER C 195 24.06 -29.21 -18.59
C SER C 195 24.93 -29.36 -17.34
N ARG C 196 24.28 -29.57 -16.18
CA ARG C 196 24.93 -29.74 -14.87
C ARG C 196 25.72 -31.07 -14.79
N ASP C 197 25.61 -31.91 -15.84
CA ASP C 197 26.33 -33.18 -16.02
C ASP C 197 27.83 -32.97 -15.99
N ILE C 198 28.29 -31.74 -16.33
CA ILE C 198 29.69 -31.30 -16.32
C ILE C 198 30.34 -31.47 -14.91
N HIS C 199 29.50 -31.64 -13.85
CA HIS C 199 29.93 -31.86 -12.47
C HIS C 199 30.46 -33.28 -12.21
N ILE C 200 30.08 -34.26 -13.09
CA ILE C 200 30.54 -35.66 -13.02
C ILE C 200 32.06 -35.70 -13.36
N PRO C 201 32.93 -36.23 -12.46
CA PRO C 201 34.38 -36.30 -12.76
C PRO C 201 34.67 -37.07 -14.05
N VAL C 202 35.73 -36.65 -14.77
CA VAL C 202 36.15 -37.23 -16.06
C VAL C 202 36.36 -38.76 -15.98
N GLY C 203 35.54 -39.49 -16.72
CA GLY C 203 35.58 -40.95 -16.79
C GLY C 203 34.82 -41.69 -15.71
N ALA C 204 34.63 -41.04 -14.54
CA ALA C 204 33.94 -41.60 -13.37
C ALA C 204 32.48 -42.01 -13.65
N THR C 205 31.98 -42.99 -12.87
CA THR C 205 30.61 -43.50 -12.97
C THR C 205 29.64 -42.47 -12.33
N PRO C 206 28.55 -42.07 -13.02
CA PRO C 206 27.61 -41.11 -12.39
C PRO C 206 26.94 -41.68 -11.15
N GLY C 207 27.02 -40.93 -10.05
CA GLY C 207 26.42 -41.30 -8.78
C GLY C 207 27.34 -41.98 -7.79
N GLU C 208 28.64 -42.05 -8.13
CA GLU C 208 29.67 -42.70 -7.32
C GLU C 208 30.63 -41.68 -6.74
N ILE C 209 31.07 -41.92 -5.49
CA ILE C 209 32.04 -41.05 -4.83
C ILE C 209 33.34 -41.16 -5.63
N SER C 210 33.85 -40.01 -6.12
CA SER C 210 35.07 -39.99 -6.94
C SER C 210 36.02 -38.86 -6.57
N ASP C 211 37.32 -39.22 -6.53
CA ASP C 211 38.48 -38.38 -6.22
C ASP C 211 39.00 -37.68 -7.48
N VAL C 212 38.45 -38.07 -8.65
CA VAL C 212 38.83 -37.56 -9.95
C VAL C 212 38.23 -36.15 -10.13
N ALA C 213 38.93 -35.29 -10.86
CA ALA C 213 38.51 -33.93 -11.14
C ALA C 213 37.48 -33.86 -12.29
N PRO C 214 36.50 -32.92 -12.23
CA PRO C 214 35.58 -32.77 -13.37
C PRO C 214 36.27 -32.05 -14.53
N ALA C 215 35.61 -31.97 -15.71
CA ALA C 215 36.13 -31.35 -16.94
C ALA C 215 36.67 -29.90 -16.80
N TYR C 216 36.15 -29.11 -15.83
CA TYR C 216 36.55 -27.73 -15.59
C TYR C 216 37.70 -27.61 -14.57
N SER C 217 38.53 -26.56 -14.71
CA SER C 217 39.69 -26.31 -13.83
C SER C 217 39.31 -25.63 -12.50
N LYS C 218 40.31 -25.42 -11.61
CA LYS C 218 40.15 -24.73 -10.32
C LYS C 218 39.76 -23.24 -10.52
N ASP C 219 40.17 -22.66 -11.69
CA ASP C 219 39.89 -21.29 -12.07
C ASP C 219 38.58 -21.21 -12.90
N GLU C 220 37.85 -22.34 -12.96
CA GLU C 220 36.58 -22.47 -13.70
C GLU C 220 35.38 -22.97 -12.82
N THR C 221 35.54 -23.03 -11.49
CA THR C 221 34.45 -23.41 -10.58
C THR C 221 33.44 -22.23 -10.53
N GLN C 222 32.27 -22.44 -9.90
CA GLN C 222 31.23 -21.39 -9.75
C GLN C 222 31.80 -20.26 -8.85
N THR C 223 32.68 -20.69 -7.90
CA THR C 223 33.40 -19.84 -6.94
C THR C 223 34.32 -18.88 -7.71
N ALA C 224 35.19 -19.43 -8.61
CA ALA C 224 36.11 -18.64 -9.44
C ALA C 224 35.33 -17.71 -10.38
N PHE C 225 34.19 -18.21 -10.94
CA PHE C 225 33.33 -17.42 -11.80
C PHE C 225 32.76 -16.20 -11.07
N LEU C 226 32.10 -16.42 -9.91
CA LEU C 226 31.48 -15.37 -9.09
C LEU C 226 32.49 -14.36 -8.56
N ALA C 227 33.67 -14.85 -8.12
CA ALA C 227 34.74 -13.99 -7.61
C ALA C 227 35.21 -13.03 -8.69
N GLY C 228 35.41 -13.55 -9.91
CA GLY C 228 35.81 -12.76 -11.06
C GLY C 228 34.81 -11.69 -11.41
N GLU C 229 33.51 -12.05 -11.36
CA GLU C 229 32.40 -11.11 -11.59
C GLU C 229 32.39 -10.00 -10.53
N PHE C 230 32.68 -10.36 -9.24
CA PHE C 230 32.78 -9.40 -8.16
C PHE C 230 33.94 -8.44 -8.39
N ILE C 231 35.11 -9.02 -8.77
CA ILE C 231 36.34 -8.26 -9.02
C ILE C 231 36.14 -7.25 -10.16
N ARG C 232 35.48 -7.65 -11.28
CA ARG C 232 35.20 -6.73 -12.40
C ARG C 232 34.32 -5.57 -11.90
N TRP C 233 33.24 -5.90 -11.18
CA TRP C 233 32.31 -4.92 -10.59
C TRP C 233 33.04 -3.98 -9.64
N LEU C 234 33.94 -4.53 -8.80
CA LEU C 234 34.75 -3.79 -7.83
C LEU C 234 35.58 -2.70 -8.53
N GLY C 235 36.12 -3.03 -9.71
CA GLY C 235 36.91 -2.09 -10.53
C GLY C 235 36.13 -0.87 -11.00
N GLU C 236 34.80 -1.03 -11.21
CA GLU C 236 33.89 0.02 -11.65
C GLU C 236 33.47 0.99 -10.52
N GLN C 237 33.74 0.63 -9.25
CA GLN C 237 33.31 1.45 -8.11
C GLN C 237 34.14 2.70 -7.89
N ASP C 238 33.45 3.84 -7.72
CA ASP C 238 34.04 5.17 -7.53
C ASP C 238 33.44 5.90 -6.29
N ALA C 239 32.76 5.13 -5.41
CA ALA C 239 32.07 5.64 -4.23
C ALA C 239 31.88 4.47 -3.23
N PRO C 240 31.48 4.71 -1.94
CA PRO C 240 31.31 3.57 -1.00
C PRO C 240 30.24 2.61 -1.51
N TRP C 241 30.63 1.32 -1.58
CA TRP C 241 29.80 0.25 -2.11
C TRP C 241 29.37 -0.78 -1.10
N PHE C 242 28.29 -1.52 -1.43
CA PHE C 242 27.72 -2.55 -0.60
C PHE C 242 27.52 -3.78 -1.47
N ALA C 243 28.18 -4.89 -1.12
CA ALA C 243 28.08 -6.11 -1.89
C ALA C 243 27.90 -7.32 -1.04
N HIS C 244 27.06 -8.24 -1.55
CA HIS C 244 26.85 -9.55 -0.94
C HIS C 244 27.24 -10.59 -1.97
N VAL C 245 28.30 -11.34 -1.66
CA VAL C 245 28.79 -12.41 -2.50
C VAL C 245 28.38 -13.68 -1.81
N SER C 246 27.54 -14.45 -2.49
CA SER C 246 26.98 -15.69 -1.99
C SER C 246 27.49 -16.90 -2.80
N PHE C 247 28.56 -17.57 -2.29
CA PHE C 247 29.19 -18.76 -2.88
C PHE C 247 28.42 -19.99 -2.53
N LEU C 248 28.24 -20.85 -3.52
CA LEU C 248 27.55 -22.11 -3.36
C LEU C 248 28.41 -23.08 -2.59
N ARG C 249 29.69 -23.21 -2.97
CA ARG C 249 30.62 -24.17 -2.37
C ARG C 249 31.05 -23.74 -0.94
N PRO C 250 31.31 -24.66 0.03
CA PRO C 250 31.36 -26.15 -0.07
C PRO C 250 30.06 -26.93 -0.01
N HIS C 251 28.97 -26.37 -0.49
CA HIS C 251 27.70 -27.09 -0.56
C HIS C 251 27.85 -28.22 -1.65
N PRO C 252 27.22 -29.40 -1.48
CA PRO C 252 27.29 -30.46 -2.52
C PRO C 252 26.70 -30.09 -3.91
N PRO C 253 26.92 -30.85 -5.02
CA PRO C 253 27.67 -32.12 -5.17
C PRO C 253 29.12 -32.05 -4.74
N PHE C 254 29.59 -33.12 -4.08
CA PHE C 254 30.96 -33.21 -3.58
C PHE C 254 31.91 -33.73 -4.68
N SER C 255 32.39 -32.77 -5.51
CA SER C 255 33.31 -32.90 -6.65
C SER C 255 34.09 -31.60 -6.70
N VAL C 256 35.40 -31.66 -6.97
CA VAL C 256 36.25 -30.46 -7.01
C VAL C 256 37.47 -30.68 -7.97
N PRO C 257 37.92 -29.66 -8.75
CA PRO C 257 39.08 -29.88 -9.64
C PRO C 257 40.41 -29.97 -8.89
N GLU C 258 41.49 -30.25 -9.64
CA GLU C 258 42.86 -30.38 -9.12
C GLU C 258 43.37 -29.01 -8.62
N PRO C 259 44.12 -28.93 -7.48
CA PRO C 259 44.62 -30.03 -6.62
C PRO C 259 43.69 -30.55 -5.51
N TYR C 260 42.71 -29.73 -5.14
CA TYR C 260 41.75 -29.90 -4.02
C TYR C 260 41.10 -31.29 -3.88
N ASN C 261 40.86 -31.99 -5.01
CA ASN C 261 40.25 -33.32 -5.06
C ASN C 261 41.00 -34.40 -4.26
N ARG C 262 42.34 -34.32 -4.25
CA ARG C 262 43.19 -35.30 -3.60
C ARG C 262 44.04 -34.71 -2.49
N MET C 263 43.92 -33.38 -2.25
CA MET C 263 44.62 -32.58 -1.23
C MET C 263 44.54 -33.19 0.20
N PHE C 264 43.49 -33.98 0.46
CA PHE C 264 43.22 -34.61 1.76
C PHE C 264 42.99 -36.11 1.60
N THR C 265 43.43 -36.90 2.59
CA THR C 265 43.28 -38.36 2.59
C THR C 265 42.04 -38.75 3.37
N PRO C 266 41.23 -39.71 2.87
CA PRO C 266 40.05 -40.14 3.64
C PRO C 266 40.31 -40.54 5.09
N SER C 267 41.47 -41.20 5.36
CA SER C 267 41.89 -41.65 6.69
C SER C 267 42.14 -40.48 7.69
N ASP C 268 42.51 -39.28 7.17
CA ASP C 268 42.72 -38.07 7.97
C ASP C 268 41.39 -37.59 8.58
N GLY C 269 41.44 -36.47 9.31
CA GLY C 269 40.26 -35.89 9.90
C GLY C 269 39.93 -36.37 11.29
N PRO C 270 39.20 -35.52 12.06
CA PRO C 270 38.83 -35.90 13.44
C PRO C 270 37.84 -37.05 13.53
N ALA C 271 37.60 -37.52 14.76
CA ALA C 271 36.65 -38.60 15.04
C ALA C 271 35.23 -38.11 14.71
N PHE C 272 34.36 -39.05 14.31
CA PHE C 272 32.97 -38.70 14.01
C PHE C 272 32.17 -38.76 15.29
N ALA C 273 31.35 -37.72 15.56
CA ALA C 273 30.48 -37.67 16.72
C ALA C 273 29.29 -38.52 16.39
N ARG C 274 29.40 -39.84 16.60
CA ARG C 274 28.31 -40.73 16.26
C ARG C 274 28.27 -41.94 17.15
N ALA C 275 27.10 -42.61 17.17
CA ALA C 275 26.84 -43.86 17.89
C ALA C 275 27.56 -45.00 17.14
N ALA C 276 27.68 -46.18 17.76
CA ALA C 276 28.37 -47.35 17.19
C ALA C 276 27.80 -47.76 15.82
N ASN C 277 26.45 -47.70 15.70
CA ASN C 277 25.70 -48.03 14.47
C ASN C 277 24.49 -47.11 14.27
N ARG C 278 24.05 -46.99 13.00
CA ARG C 278 22.92 -46.20 12.52
C ARG C 278 21.60 -46.48 13.24
N GLU C 279 21.37 -47.74 13.58
CA GLU C 279 20.17 -48.26 14.24
C GLU C 279 20.05 -47.73 15.65
N ALA C 280 21.18 -47.71 16.38
CA ALA C 280 21.28 -47.25 17.76
C ALA C 280 21.12 -45.73 17.78
N GLU C 281 21.76 -45.03 16.82
CA GLU C 281 21.69 -43.59 16.63
C GLU C 281 20.21 -43.16 16.47
N GLN C 282 19.48 -43.80 15.53
CA GLN C 282 18.08 -43.56 15.21
C GLN C 282 17.14 -43.86 16.36
N ALA C 283 17.53 -44.80 17.23
CA ALA C 283 16.74 -45.23 18.38
C ALA C 283 16.59 -44.15 19.47
N VAL C 284 17.49 -43.13 19.49
CA VAL C 284 17.49 -42.07 20.51
C VAL C 284 16.22 -41.19 20.43
N HIS C 285 15.82 -40.79 19.18
CA HIS C 285 14.65 -39.93 18.98
C HIS C 285 13.81 -40.28 17.71
N PRO C 286 12.45 -40.22 17.79
CA PRO C 286 11.60 -40.49 16.61
C PRO C 286 11.96 -39.71 15.34
N LEU C 287 12.41 -38.43 15.49
CA LEU C 287 12.82 -37.61 14.36
C LEU C 287 14.03 -38.22 13.64
N LEU C 288 14.97 -38.81 14.40
CA LEU C 288 16.17 -39.44 13.82
C LEU C 288 15.79 -40.70 13.04
N ALA C 289 14.83 -41.47 13.59
CA ALA C 289 14.32 -42.71 13.01
C ALA C 289 13.55 -42.44 11.70
N PHE C 290 12.94 -41.26 11.60
CA PHE C 290 12.21 -40.83 10.43
C PHE C 290 13.15 -40.25 9.38
N ALA C 291 13.96 -39.27 9.77
CA ALA C 291 14.81 -38.50 8.87
C ALA C 291 16.03 -39.22 8.30
N LEU C 292 16.77 -39.98 9.12
CA LEU C 292 18.02 -40.61 8.69
C LEU C 292 17.85 -41.57 7.50
N PRO C 293 16.81 -42.46 7.47
CA PRO C 293 16.65 -43.34 6.30
C PRO C 293 16.33 -42.60 4.99
N LEU C 294 15.65 -41.42 5.09
CA LEU C 294 15.23 -40.61 3.96
C LEU C 294 16.36 -39.85 3.26
N ILE C 295 17.55 -39.75 3.88
CA ILE C 295 18.69 -39.05 3.28
C ILE C 295 19.13 -39.81 2.02
N GLY C 296 19.09 -39.12 0.90
CA GLY C 296 19.42 -39.68 -0.41
C GLY C 296 20.79 -39.30 -0.93
N LYS C 297 21.38 -40.19 -1.75
CA LYS C 297 22.71 -40.02 -2.35
C LYS C 297 22.78 -38.87 -3.35
N ASP C 298 21.68 -38.62 -4.11
CA ASP C 298 21.51 -37.55 -5.11
C ASP C 298 21.80 -36.16 -4.56
N SER C 299 21.50 -35.95 -3.26
CA SER C 299 21.70 -34.69 -2.54
C SER C 299 23.18 -34.39 -2.28
N PHE C 300 24.10 -35.41 -2.42
CA PHE C 300 25.52 -35.22 -2.08
C PHE C 300 26.49 -35.51 -3.23
N ILE C 301 26.16 -36.46 -4.12
CA ILE C 301 26.99 -36.81 -5.27
C ILE C 301 26.12 -36.65 -6.53
N TYR C 302 26.65 -35.92 -7.54
CA TYR C 302 25.92 -35.70 -8.80
C TYR C 302 25.62 -37.04 -9.47
N GLY C 303 24.32 -37.31 -9.61
CA GLY C 303 23.81 -38.53 -10.20
C GLY C 303 23.57 -39.64 -9.20
N GLY C 304 23.73 -39.32 -7.92
CA GLY C 304 23.53 -40.24 -6.80
C GLY C 304 22.19 -40.92 -6.84
N GLU C 305 22.14 -42.20 -6.46
CA GLU C 305 20.90 -42.97 -6.47
C GLU C 305 20.74 -43.80 -5.21
N GLY C 306 19.52 -43.82 -4.69
CA GLY C 306 19.19 -44.57 -3.49
C GLY C 306 19.53 -43.85 -2.19
N SER C 307 19.49 -44.60 -1.08
CA SER C 307 19.74 -44.08 0.28
C SER C 307 21.22 -43.86 0.58
N ALA C 308 21.50 -42.80 1.37
CA ALA C 308 22.87 -42.47 1.81
C ALA C 308 23.28 -43.44 2.95
N SER C 309 22.30 -44.20 3.51
CA SER C 309 22.46 -45.26 4.52
C SER C 309 23.32 -46.42 3.95
N ASP C 310 23.39 -46.55 2.59
CA ASP C 310 24.17 -47.56 1.88
C ASP C 310 25.65 -47.17 1.77
N TRP C 311 26.01 -45.98 2.27
CA TRP C 311 27.41 -45.54 2.28
C TRP C 311 28.04 -45.99 3.60
N THR C 312 29.25 -46.54 3.53
CA THR C 312 29.97 -47.04 4.70
C THR C 312 30.75 -45.92 5.39
N SER C 313 31.33 -46.22 6.58
CA SER C 313 32.17 -45.29 7.33
C SER C 313 33.34 -44.82 6.44
N GLU C 314 33.82 -45.72 5.55
CA GLU C 314 34.90 -45.48 4.59
C GLU C 314 34.42 -44.51 3.51
N ASP C 315 33.20 -44.75 2.97
CA ASP C 315 32.56 -43.92 1.95
C ASP C 315 32.41 -42.47 2.48
N LEU C 316 31.93 -42.33 3.75
CA LEU C 316 31.75 -41.03 4.40
C LEU C 316 33.09 -40.33 4.62
N SER C 317 34.13 -41.08 4.98
CA SER C 317 35.49 -40.54 5.15
C SER C 317 36.04 -40.00 3.81
N ALA C 318 35.71 -40.69 2.69
CA ALA C 318 36.09 -40.29 1.33
C ALA C 318 35.38 -38.99 0.92
N ILE C 319 34.08 -38.88 1.25
CA ILE C 319 33.26 -37.69 1.01
C ILE C 319 33.86 -36.49 1.77
N ARG C 320 34.21 -36.71 3.06
CA ARG C 320 34.81 -35.68 3.92
C ARG C 320 36.13 -35.10 3.37
N ALA C 321 36.96 -35.99 2.78
CA ALA C 321 38.25 -35.63 2.16
C ALA C 321 38.04 -34.66 1.01
N ILE C 322 36.96 -34.88 0.20
CA ILE C 322 36.56 -34.01 -0.92
C ILE C 322 36.01 -32.69 -0.36
N TYR C 323 35.13 -32.79 0.67
CA TYR C 323 34.55 -31.63 1.35
C TYR C 323 35.63 -30.68 1.88
N TYR C 324 36.65 -31.26 2.55
CA TYR C 324 37.80 -30.53 3.09
C TYR C 324 38.58 -29.79 1.96
N GLY C 325 38.66 -30.43 0.79
CA GLY C 325 39.30 -29.84 -0.38
C GLY C 325 38.48 -28.70 -0.95
N MET C 326 37.15 -28.89 -0.97
CA MET C 326 36.19 -27.89 -1.47
C MET C 326 36.27 -26.60 -0.66
N ILE C 327 36.45 -26.73 0.67
CA ILE C 327 36.64 -25.62 1.62
C ILE C 327 37.92 -24.86 1.27
N ALA C 328 38.99 -25.60 0.90
CA ALA C 328 40.30 -25.04 0.50
C ALA C 328 40.17 -24.21 -0.77
N GLU C 329 39.38 -24.71 -1.77
CA GLU C 329 39.09 -24.04 -3.04
C GLU C 329 38.42 -22.67 -2.80
N VAL C 330 37.41 -22.62 -1.89
CA VAL C 330 36.70 -21.36 -1.57
C VAL C 330 37.70 -20.42 -0.87
N ASP C 331 38.47 -20.95 0.09
CA ASP C 331 39.47 -20.17 0.80
C ASP C 331 40.44 -19.43 -0.15
N THR C 332 41.00 -20.14 -1.16
CA THR C 332 41.90 -19.54 -2.15
C THR C 332 41.20 -18.35 -2.82
N GLN C 333 39.92 -18.55 -3.26
CA GLN C 333 39.11 -17.51 -3.91
C GLN C 333 38.94 -16.32 -3.01
N LEU C 334 38.86 -16.54 -1.67
CA LEU C 334 38.79 -15.47 -0.68
C LEU C 334 40.09 -14.67 -0.66
N GLY C 335 41.24 -15.36 -0.77
CA GLY C 335 42.55 -14.74 -0.86
C GLY C 335 42.62 -13.82 -2.05
N ARG C 336 42.12 -14.31 -3.21
CA ARG C 336 42.01 -13.58 -4.47
C ARG C 336 41.17 -12.29 -4.30
N ILE C 337 40.05 -12.39 -3.50
CA ILE C 337 39.15 -11.26 -3.18
C ILE C 337 39.92 -10.25 -2.29
N TRP C 338 40.72 -10.75 -1.28
CA TRP C 338 41.51 -9.90 -0.37
C TRP C 338 42.52 -9.09 -1.18
N GLN C 339 43.20 -9.74 -2.15
CA GLN C 339 44.19 -9.09 -3.01
C GLN C 339 43.59 -8.01 -3.89
N ALA C 340 42.46 -8.30 -4.58
CA ALA C 340 41.76 -7.32 -5.45
C ALA C 340 41.34 -6.09 -4.66
N LEU C 341 40.91 -6.29 -3.38
CA LEU C 341 40.53 -5.19 -2.48
C LEU C 341 41.72 -4.28 -2.18
N LYS C 342 42.90 -4.90 -1.94
CA LYS C 342 44.16 -4.20 -1.67
C LYS C 342 44.59 -3.44 -2.94
N ASN C 343 44.54 -4.13 -4.12
CA ASN C 343 44.89 -3.59 -5.44
C ASN C 343 44.14 -2.30 -5.80
N VAL C 344 42.86 -2.19 -5.40
CA VAL C 344 42.02 -1.02 -5.68
C VAL C 344 42.08 0.03 -4.55
N GLY C 345 42.69 -0.36 -3.43
CA GLY C 345 42.86 0.48 -2.23
C GLY C 345 41.64 0.53 -1.34
N ALA C 346 40.81 -0.54 -1.37
CA ALA C 346 39.58 -0.67 -0.60
C ALA C 346 39.77 -1.35 0.75
N TRP C 347 40.78 -2.24 0.85
CA TRP C 347 41.12 -3.06 2.01
C TRP C 347 40.89 -2.42 3.41
N ASP C 348 41.32 -1.16 3.60
CA ASP C 348 41.21 -0.52 4.92
C ASP C 348 39.97 0.39 5.08
N ASP C 349 39.05 0.33 4.10
CA ASP C 349 37.80 1.11 4.07
C ASP C 349 36.61 0.15 3.97
N THR C 350 36.87 -1.16 3.93
CA THR C 350 35.86 -2.19 3.78
C THR C 350 35.62 -3.03 5.05
N LEU C 351 34.35 -3.08 5.47
CA LEU C 351 33.85 -3.93 6.54
C LEU C 351 33.59 -5.27 5.88
N ILE C 352 34.37 -6.30 6.22
CA ILE C 352 34.19 -7.63 5.63
C ILE C 352 33.50 -8.54 6.63
N ILE C 353 32.42 -9.22 6.20
CA ILE C 353 31.73 -10.19 7.04
C ILE C 353 31.73 -11.50 6.30
N PHE C 354 32.49 -12.48 6.80
CA PHE C 354 32.52 -13.80 6.20
C PHE C 354 31.79 -14.75 7.13
N THR C 355 30.86 -15.56 6.57
CA THR C 355 30.04 -16.50 7.34
C THR C 355 29.45 -17.57 6.42
N SER C 356 28.57 -18.41 6.97
CA SER C 356 27.83 -19.45 6.26
C SER C 356 26.38 -19.40 6.78
N ASP C 357 25.41 -19.82 5.94
CA ASP C 357 23.98 -19.83 6.27
C ASP C 357 23.64 -20.87 7.37
N HIS C 358 24.03 -22.12 7.15
CA HIS C 358 23.89 -23.28 8.05
C HIS C 358 25.17 -24.08 7.73
N ALA C 359 25.39 -25.20 8.42
CA ALA C 359 26.60 -26.00 8.20
C ALA C 359 26.28 -27.38 7.59
N GLU C 360 27.11 -28.38 7.88
CA GLU C 360 27.04 -29.72 7.28
C GLU C 360 27.37 -30.79 8.32
N MET C 361 26.55 -31.84 8.42
CA MET C 361 26.72 -32.91 9.39
C MET C 361 28.00 -33.73 9.17
N MET C 362 28.36 -33.96 7.90
CA MET C 362 29.60 -34.58 7.46
C MET C 362 29.99 -35.85 8.27
N GLY C 363 29.10 -36.84 8.27
CA GLY C 363 29.35 -38.11 8.93
C GLY C 363 28.93 -38.18 10.40
N ASP C 364 28.93 -37.00 11.08
CA ASP C 364 28.49 -36.93 12.49
C ASP C 364 27.05 -37.44 12.57
N HIS C 365 26.80 -38.33 13.52
CA HIS C 365 25.53 -38.96 13.83
C HIS C 365 24.93 -39.74 12.66
N TRP C 366 25.80 -40.29 11.79
CA TRP C 366 25.47 -41.11 10.62
C TRP C 366 24.60 -40.33 9.63
N MET C 367 24.83 -39.02 9.59
CA MET C 367 24.11 -38.04 8.81
C MET C 367 24.99 -37.29 7.87
N LEU C 368 24.37 -36.86 6.78
CA LEU C 368 24.92 -35.95 5.78
C LEU C 368 23.84 -34.90 5.59
N GLY C 369 24.26 -33.66 5.35
CA GLY C 369 23.35 -32.55 5.15
C GLY C 369 23.12 -31.69 6.37
N LYS C 370 21.98 -30.99 6.37
CA LYS C 370 21.54 -30.02 7.35
C LYS C 370 20.16 -30.37 7.94
N GLY C 371 19.79 -29.70 9.03
CA GLY C 371 18.52 -29.90 9.72
C GLY C 371 18.71 -30.66 11.01
N GLY C 372 17.62 -30.85 11.72
CA GLY C 372 17.63 -31.55 12.99
C GLY C 372 18.00 -30.66 14.15
N PHE C 373 18.76 -31.21 15.11
CA PHE C 373 19.13 -30.50 16.34
C PHE C 373 20.62 -30.59 16.72
N PHE C 374 21.42 -31.45 16.03
CA PHE C 374 22.84 -31.59 16.37
C PHE C 374 23.69 -30.39 15.95
N ASP C 375 24.74 -30.12 16.75
CA ASP C 375 25.69 -29.02 16.57
C ASP C 375 26.27 -28.93 15.17
N GLY C 376 26.61 -30.09 14.58
CA GLY C 376 27.27 -30.19 13.27
C GLY C 376 26.60 -29.44 12.14
N SER C 377 25.27 -29.34 12.21
CA SER C 377 24.41 -28.68 11.24
C SER C 377 24.22 -27.18 11.46
N TYR C 378 24.48 -26.68 12.69
CA TYR C 378 24.22 -25.29 13.08
C TYR C 378 25.47 -24.44 13.37
N HIS C 379 26.53 -25.04 13.94
CA HIS C 379 27.76 -24.31 14.24
C HIS C 379 28.44 -23.93 12.92
N VAL C 380 28.53 -22.61 12.66
CA VAL C 380 29.05 -22.00 11.43
C VAL C 380 30.20 -21.00 11.67
N PRO C 381 31.06 -20.73 10.67
CA PRO C 381 32.09 -19.71 10.87
C PRO C 381 31.52 -18.29 10.85
N LEU C 382 32.24 -17.37 11.51
CA LEU C 382 32.00 -15.93 11.51
C LEU C 382 33.30 -15.19 11.80
N VAL C 383 33.78 -14.46 10.80
CA VAL C 383 34.97 -13.63 10.87
C VAL C 383 34.55 -12.27 10.37
N ILE C 384 34.68 -11.26 11.21
CA ILE C 384 34.38 -9.88 10.86
C ILE C 384 35.67 -9.02 10.92
N ARG C 385 36.09 -8.45 9.76
CA ARG C 385 37.21 -7.54 9.70
C ARG C 385 36.68 -6.13 9.55
N ASP C 386 36.76 -5.36 10.65
CA ASP C 386 36.33 -3.97 10.68
C ASP C 386 37.57 -3.05 10.84
N PRO C 387 38.04 -2.42 9.74
CA PRO C 387 39.21 -1.53 9.85
C PRO C 387 38.96 -0.30 10.70
N GLY C 388 37.68 0.00 10.94
CA GLY C 388 37.19 1.11 11.76
C GLY C 388 37.31 0.86 13.26
N HIS C 389 37.57 -0.40 13.67
CA HIS C 389 37.76 -0.81 15.06
C HIS C 389 39.02 -1.68 15.17
N PRO C 390 40.22 -1.05 15.17
CA PRO C 390 41.47 -1.84 15.25
C PRO C 390 41.72 -2.43 16.62
N GLY C 391 41.10 -1.84 17.66
CA GLY C 391 41.21 -2.33 19.03
C GLY C 391 40.98 -3.82 19.16
N GLY C 392 39.90 -4.29 18.54
CA GLY C 392 39.49 -5.68 18.63
C GLY C 392 40.19 -6.62 17.69
N ALA C 393 41.12 -6.13 16.83
CA ALA C 393 41.86 -6.97 15.86
C ALA C 393 42.65 -8.10 16.52
N GLY C 394 42.69 -9.25 15.86
CA GLY C 394 43.38 -10.45 16.35
C GLY C 394 42.61 -11.29 17.35
N ARG C 395 41.57 -10.70 17.97
CA ARG C 395 40.71 -11.30 19.01
C ARG C 395 39.80 -12.46 18.53
N GLN C 396 39.48 -13.36 19.46
CA GLN C 396 38.57 -14.50 19.30
C GLN C 396 37.49 -14.39 20.39
N VAL C 397 36.20 -14.43 19.98
CA VAL C 397 35.05 -14.31 20.85
C VAL C 397 34.51 -15.70 21.17
N GLU C 398 34.28 -15.98 22.46
CA GLU C 398 33.77 -17.26 22.93
C GLU C 398 32.32 -17.19 23.45
N ARG C 399 31.74 -15.99 23.43
CA ARG C 399 30.34 -15.78 23.75
C ARG C 399 29.47 -16.31 22.57
N PHE C 400 28.32 -16.98 22.87
CA PHE C 400 27.40 -17.47 21.83
C PHE C 400 26.86 -16.33 20.98
N THR C 401 27.01 -16.46 19.66
CA THR C 401 26.51 -15.48 18.68
C THR C 401 25.58 -16.21 17.70
N SER C 402 24.69 -15.45 17.07
CA SER C 402 23.68 -15.98 16.15
C SER C 402 23.78 -15.32 14.77
N ALA C 403 23.26 -16.00 13.73
CA ALA C 403 23.16 -15.40 12.41
C ALA C 403 22.22 -14.18 12.46
N ALA C 404 21.34 -14.11 13.50
CA ALA C 404 20.37 -13.03 13.72
C ALA C 404 21.05 -11.74 14.16
N ASP C 405 22.31 -11.83 14.56
CA ASP C 405 23.13 -10.71 15.02
C ASP C 405 23.73 -9.88 13.91
N ILE C 406 23.87 -10.42 12.69
CA ILE C 406 24.47 -9.74 11.55
C ILE C 406 23.73 -8.45 11.14
N PHE C 407 22.40 -8.53 10.94
CA PHE C 407 21.62 -7.34 10.55
C PHE C 407 21.69 -6.29 11.68
N PRO C 408 21.44 -6.61 12.98
CA PRO C 408 21.65 -5.58 14.05
C PRO C 408 23.07 -4.95 14.07
N THR C 409 24.12 -5.75 13.79
CA THR C 409 25.51 -5.29 13.74
C THR C 409 25.67 -4.20 12.67
N LEU C 410 25.15 -4.47 11.45
CA LEU C 410 25.22 -3.54 10.32
C LEU C 410 24.49 -2.25 10.62
N CYS C 411 23.33 -2.35 11.27
CA CYS C 411 22.52 -1.18 11.64
C CYS C 411 23.29 -0.24 12.55
N ASP C 412 23.95 -0.81 13.56
CA ASP C 412 24.75 -0.09 14.55
C ASP C 412 25.93 0.61 13.88
N ARG C 413 26.79 -0.21 13.23
CA ARG C 413 27.99 0.19 12.52
C ARG C 413 27.74 1.21 11.43
N LEU C 414 26.63 1.06 10.67
CA LEU C 414 26.34 1.98 9.57
C LEU C 414 25.39 3.09 9.95
N GLY C 415 25.00 3.16 11.20
CA GLY C 415 24.11 4.23 11.68
C GLY C 415 22.72 4.17 11.10
N LEU C 416 22.22 2.93 10.90
CA LEU C 416 20.89 2.63 10.37
C LEU C 416 19.91 2.22 11.48
N VAL C 417 18.62 2.58 11.29
CA VAL C 417 17.55 2.18 12.21
C VAL C 417 16.68 1.12 11.51
N PRO C 418 16.54 -0.09 12.09
CA PRO C 418 15.66 -1.09 11.47
C PRO C 418 14.19 -0.67 11.57
N ASP C 419 13.35 -1.03 10.58
CA ASP C 419 11.93 -0.64 10.54
C ASP C 419 11.01 -1.50 11.40
N ASN C 420 11.55 -2.52 12.03
CA ASN C 420 10.79 -3.43 12.91
C ASN C 420 11.71 -4.04 13.95
N HIS C 421 11.14 -4.79 14.89
CA HIS C 421 11.81 -5.57 15.93
C HIS C 421 12.87 -6.50 15.30
N LEU C 422 13.99 -6.72 15.97
CA LEU C 422 15.02 -7.68 15.55
C LEU C 422 15.29 -8.63 16.72
N ASP C 423 15.66 -9.88 16.43
CA ASP C 423 15.92 -10.84 17.49
C ASP C 423 17.38 -10.87 17.92
N GLY C 424 18.29 -10.58 16.99
CA GLY C 424 19.71 -10.54 17.30
C GLY C 424 20.12 -9.26 17.98
N GLY C 425 21.39 -9.21 18.39
CA GLY C 425 21.99 -8.04 19.01
C GLY C 425 23.24 -7.61 18.26
N THR C 426 23.63 -6.35 18.40
CA THR C 426 24.83 -5.81 17.78
C THR C 426 26.11 -6.44 18.31
N LEU C 427 27.01 -6.78 17.38
CA LEU C 427 28.30 -7.40 17.67
C LEU C 427 29.39 -6.32 17.70
N VAL C 428 29.00 -5.04 17.46
CA VAL C 428 29.93 -3.90 17.48
C VAL C 428 30.75 -3.88 18.80
N PRO C 429 30.14 -4.03 20.03
CA PRO C 429 30.96 -4.05 21.25
C PRO C 429 32.07 -5.10 21.26
N PHE C 430 31.88 -6.23 20.57
CA PHE C 430 32.93 -7.25 20.47
C PHE C 430 34.03 -6.80 19.51
N LEU C 431 33.66 -6.06 18.45
CA LEU C 431 34.61 -5.54 17.44
C LEU C 431 35.48 -4.41 18.07
N GLU C 432 34.89 -3.64 19.00
CA GLU C 432 35.54 -2.56 19.75
C GLU C 432 36.61 -3.13 20.69
N GLY C 433 36.51 -4.43 21.00
CA GLY C 433 37.42 -5.13 21.88
C GLY C 433 36.83 -5.41 23.25
N GLY C 434 35.60 -4.95 23.49
CA GLY C 434 34.87 -5.15 24.74
C GLY C 434 33.83 -6.26 24.69
N GLU C 435 32.78 -6.13 25.53
CA GLU C 435 31.68 -7.10 25.64
C GLU C 435 30.38 -6.35 25.80
N PRO C 436 29.29 -6.76 25.10
CA PRO C 436 28.01 -6.04 25.25
C PRO C 436 27.35 -6.34 26.59
N GLU C 437 26.60 -5.38 27.11
CA GLU C 437 25.88 -5.54 28.36
C GLU C 437 24.63 -6.36 28.06
N GLY C 438 24.31 -7.27 28.98
CA GLY C 438 23.13 -8.13 28.86
C GLY C 438 23.12 -9.07 27.66
N TRP C 439 24.30 -9.57 27.24
CA TRP C 439 24.44 -10.50 26.13
C TRP C 439 23.89 -11.83 26.55
N ARG C 440 23.35 -12.62 25.58
CA ARG C 440 22.83 -13.97 25.80
C ARG C 440 23.92 -14.87 26.39
N ASP C 441 23.52 -15.90 27.19
CA ASP C 441 24.40 -16.88 27.85
C ASP C 441 24.23 -18.33 27.26
N ALA C 442 23.38 -18.43 26.22
CA ALA C 442 23.14 -19.66 25.50
C ALA C 442 22.73 -19.37 24.08
N ALA C 443 23.16 -20.26 23.15
CA ALA C 443 22.78 -20.24 21.74
C ALA C 443 21.32 -20.71 21.66
N PHE C 444 20.55 -20.08 20.77
CA PHE C 444 19.16 -20.42 20.51
C PHE C 444 18.98 -20.60 19.02
N TRP C 445 18.32 -21.70 18.64
CA TRP C 445 17.97 -21.95 17.25
C TRP C 445 16.74 -22.81 17.19
N GLU C 446 16.13 -22.88 16.00
CA GLU C 446 14.89 -23.60 15.76
C GLU C 446 15.00 -24.43 14.51
N PHE C 447 14.16 -25.45 14.43
CA PHE C 447 14.06 -26.25 13.22
C PHE C 447 12.61 -26.71 13.05
N ASP C 448 12.08 -26.49 11.85
CA ASP C 448 10.72 -26.89 11.46
C ASP C 448 10.81 -27.92 10.31
N PHE C 449 10.09 -29.04 10.46
CA PHE C 449 10.09 -30.16 9.51
C PHE C 449 8.69 -30.49 8.92
N ARG C 450 7.76 -29.50 8.92
CA ARG C 450 6.43 -29.59 8.31
C ARG C 450 6.59 -29.85 6.78
N ASP C 451 5.56 -30.38 6.14
CA ASP C 451 5.58 -30.65 4.70
C ASP C 451 4.22 -30.20 4.12
N ILE C 452 4.13 -28.93 3.71
CA ILE C 452 2.88 -28.38 3.18
C ILE C 452 2.50 -29.10 1.87
N ALA C 453 3.46 -29.25 0.94
CA ALA C 453 3.25 -29.89 -0.34
C ALA C 453 2.84 -31.36 -0.28
N LYS C 454 3.54 -32.19 0.50
CA LYS C 454 3.29 -33.63 0.54
C LYS C 454 2.71 -34.18 1.85
N GLY C 455 2.92 -33.51 2.99
CA GLY C 455 2.40 -33.96 4.29
C GLY C 455 2.95 -35.25 4.85
N GLU C 456 4.18 -35.65 4.44
CA GLU C 456 4.87 -36.89 4.86
C GLU C 456 5.16 -36.96 6.37
N ALA C 457 5.88 -35.95 6.92
CA ALA C 457 6.21 -35.89 8.34
C ALA C 457 4.93 -35.88 9.19
N GLU C 458 3.93 -35.09 8.77
CA GLU C 458 2.63 -34.97 9.45
C GLU C 458 1.92 -36.31 9.57
N ARG C 459 1.91 -37.11 8.46
CA ARG C 459 1.29 -38.44 8.42
C ARG C 459 2.05 -39.44 9.28
N HIS C 460 3.39 -39.46 9.13
CA HIS C 460 4.30 -40.32 9.86
C HIS C 460 4.17 -40.11 11.36
N PHE C 461 4.28 -38.85 11.82
CA PHE C 461 4.20 -38.56 13.24
C PHE C 461 2.79 -38.46 13.80
N GLY C 462 1.80 -38.20 12.93
CA GLY C 462 0.42 -38.04 13.36
C GLY C 462 0.24 -36.69 14.02
N LEU C 463 0.92 -35.67 13.46
CA LEU C 463 0.90 -34.31 13.95
C LEU C 463 0.43 -33.32 12.90
N LYS C 464 -0.18 -32.21 13.36
CA LYS C 464 -0.50 -31.05 12.52
C LYS C 464 0.83 -30.38 12.12
N SER C 465 0.84 -29.60 11.03
CA SER C 465 2.06 -28.92 10.52
C SER C 465 2.71 -27.95 11.52
N ASN C 466 1.90 -27.37 12.42
CA ASN C 466 2.29 -26.40 13.44
C ASN C 466 2.98 -27.04 14.65
N ALA C 467 2.94 -28.38 14.76
CA ALA C 467 3.61 -29.14 15.83
C ALA C 467 4.82 -29.92 15.28
N CYS C 468 5.22 -29.68 14.01
CA CYS C 468 6.37 -30.34 13.36
C CYS C 468 7.60 -29.50 13.46
N ASN C 469 7.95 -29.13 14.69
CA ASN C 469 9.09 -28.27 14.96
C ASN C 469 9.76 -28.56 16.32
N LEU C 470 10.99 -28.04 16.47
CA LEU C 470 11.82 -28.08 17.67
C LEU C 470 12.47 -26.72 17.94
N ALA C 471 12.90 -26.51 19.18
CA ALA C 471 13.64 -25.32 19.63
C ALA C 471 14.81 -25.80 20.46
N VAL C 472 15.99 -25.25 20.21
CA VAL C 472 17.22 -25.63 20.90
C VAL C 472 17.73 -24.51 21.78
N ILE C 473 18.07 -24.85 23.03
CA ILE C 473 18.78 -23.96 23.96
C ILE C 473 20.09 -24.67 24.28
N ARG C 474 21.20 -24.10 23.85
CA ARG C 474 22.50 -24.71 24.03
C ARG C 474 23.54 -23.76 24.63
N ASP C 475 24.06 -24.10 25.80
CA ASP C 475 25.15 -23.35 26.41
C ASP C 475 26.39 -24.24 26.42
N GLU C 476 27.37 -23.93 27.28
CA GLU C 476 28.64 -24.67 27.42
C GLU C 476 28.49 -26.04 28.09
N ARG C 477 27.46 -26.21 28.96
CA ARG C 477 27.27 -27.46 29.68
C ARG C 477 26.11 -28.32 29.19
N PHE C 478 24.98 -27.70 28.75
CA PHE C 478 23.83 -28.49 28.33
C PHE C 478 23.22 -28.09 26.98
N LYS C 479 22.53 -29.05 26.36
CA LYS C 479 21.72 -28.83 25.17
C LYS C 479 20.35 -29.41 25.49
N TYR C 480 19.34 -28.53 25.48
CA TYR C 480 17.95 -28.91 25.71
C TYR C 480 17.22 -28.65 24.39
N VAL C 481 16.63 -29.72 23.85
CA VAL C 481 15.85 -29.69 22.64
C VAL C 481 14.37 -29.96 23.02
N HIS C 482 13.48 -28.99 22.75
CA HIS C 482 12.07 -29.19 22.99
C HIS C 482 11.35 -29.34 21.64
N PHE C 483 10.55 -30.40 21.51
CA PHE C 483 9.74 -30.67 20.31
C PHE C 483 8.32 -30.33 20.62
N ALA C 484 7.64 -29.63 19.71
CA ALA C 484 6.22 -29.29 19.94
C ALA C 484 5.32 -30.55 20.10
N GLY C 485 5.65 -31.65 19.39
CA GLY C 485 4.83 -32.86 19.47
C GLY C 485 5.52 -34.19 19.67
N LEU C 486 6.84 -34.18 19.91
CA LEU C 486 7.67 -35.37 20.14
C LEU C 486 8.34 -35.28 21.53
N PRO C 487 9.05 -36.33 22.03
CA PRO C 487 9.66 -36.20 23.38
C PRO C 487 10.86 -35.22 23.42
N PRO C 488 11.16 -34.56 24.55
CA PRO C 488 12.33 -33.66 24.56
C PRO C 488 13.68 -34.41 24.60
N LEU C 489 14.78 -33.69 24.33
CA LEU C 489 16.15 -34.23 24.46
C LEU C 489 17.00 -33.32 25.37
N LEU C 490 17.83 -33.95 26.19
CA LEU C 490 18.77 -33.27 27.08
C LEU C 490 20.12 -33.95 26.97
N TYR C 491 21.15 -33.17 26.60
CA TYR C 491 22.53 -33.66 26.49
C TYR C 491 23.45 -32.90 27.45
N ASP C 492 24.20 -33.64 28.29
CA ASP C 492 25.20 -33.09 29.22
C ASP C 492 26.48 -33.01 28.40
N LEU C 493 26.78 -31.84 27.85
CA LEU C 493 27.95 -31.62 26.99
C LEU C 493 29.29 -31.82 27.71
N ALA C 494 29.31 -31.67 29.05
CA ALA C 494 30.50 -31.90 29.88
C ALA C 494 30.90 -33.39 29.83
N LYS C 495 29.93 -34.30 30.06
CA LYS C 495 30.11 -35.76 30.06
C LYS C 495 30.07 -36.35 28.66
N ASP C 496 29.23 -35.78 27.77
CA ASP C 496 28.96 -36.31 26.44
C ASP C 496 28.99 -35.21 25.36
N PRO C 497 30.21 -34.74 25.00
CA PRO C 497 30.32 -33.68 23.98
C PRO C 497 29.84 -34.08 22.58
N MET C 498 29.77 -35.39 22.33
CA MET C 498 29.37 -35.95 21.04
C MET C 498 27.85 -36.08 20.90
N GLU C 499 27.09 -35.75 21.97
CA GLU C 499 25.62 -35.78 22.01
C GLU C 499 25.08 -37.18 21.62
N LEU C 500 25.44 -38.22 22.39
CA LEU C 500 25.00 -39.59 22.16
C LEU C 500 24.06 -40.14 23.23
N THR C 501 23.99 -39.46 24.38
CA THR C 501 23.19 -39.91 25.50
C THR C 501 22.07 -38.92 25.85
N ASN C 502 20.83 -39.34 25.66
CA ASN C 502 19.72 -38.49 26.05
C ASN C 502 19.47 -38.74 27.52
N VAL C 503 19.61 -37.69 28.36
CA VAL C 503 19.41 -37.79 29.80
C VAL C 503 18.10 -37.10 30.26
N ALA C 504 17.18 -36.76 29.32
CA ALA C 504 15.93 -36.07 29.65
C ALA C 504 15.05 -36.82 30.64
N ALA C 505 14.99 -38.16 30.51
CA ALA C 505 14.17 -39.02 31.38
C ALA C 505 14.83 -39.43 32.71
N ASP C 506 16.18 -39.25 32.85
CA ASP C 506 16.93 -39.53 34.08
C ASP C 506 16.42 -38.63 35.19
N ALA C 507 15.95 -39.22 36.30
CA ALA C 507 15.42 -38.47 37.46
C ALA C 507 16.42 -37.48 38.12
N ASP C 508 17.74 -37.72 37.96
CA ASP C 508 18.79 -36.87 38.55
C ASP C 508 19.00 -35.56 37.76
N TYR C 509 18.50 -35.53 36.51
CA TYR C 509 18.58 -34.36 35.64
C TYR C 509 17.26 -33.61 35.57
N ALA C 510 16.26 -34.01 36.36
CA ALA C 510 14.93 -33.41 36.35
C ALA C 510 14.92 -31.91 36.57
N ALA C 511 15.72 -31.40 37.51
CA ALA C 511 15.79 -29.98 37.82
C ALA C 511 16.54 -29.19 36.74
N VAL C 512 17.54 -29.83 36.07
CA VAL C 512 18.31 -29.29 34.94
C VAL C 512 17.32 -29.12 33.77
N ARG C 513 16.55 -30.20 33.48
CA ARG C 513 15.50 -30.21 32.44
C ARG C 513 14.49 -29.10 32.67
N LEU C 514 13.99 -28.97 33.92
CA LEU C 514 13.04 -27.91 34.28
C LEU C 514 13.62 -26.51 34.10
N GLY C 515 14.90 -26.33 34.46
CA GLY C 515 15.61 -25.05 34.35
C GLY C 515 15.70 -24.56 32.92
N TYR C 516 16.09 -25.47 31.99
CA TYR C 516 16.20 -25.16 30.58
C TYR C 516 14.83 -24.96 29.89
N ALA C 517 13.78 -25.66 30.35
CA ALA C 517 12.42 -25.52 29.83
C ALA C 517 11.89 -24.11 30.17
N GLU C 518 12.16 -23.63 31.40
CA GLU C 518 11.72 -22.31 31.84
C GLU C 518 12.56 -21.18 31.24
N LYS C 519 13.83 -21.48 30.93
CA LYS C 519 14.76 -20.54 30.28
C LYS C 519 14.23 -20.32 28.85
N LEU C 520 13.86 -21.41 28.17
CA LEU C 520 13.31 -21.37 26.82
C LEU C 520 11.97 -20.64 26.80
N LEU C 521 11.16 -20.82 27.85
CA LEU C 521 9.91 -20.12 28.01
C LEU C 521 10.12 -18.59 28.08
N SER C 522 11.16 -18.10 28.81
CA SER C 522 11.51 -16.67 28.91
C SER C 522 11.98 -16.16 27.53
N LEU C 523 12.82 -16.95 26.83
CA LEU C 523 13.29 -16.61 25.48
C LEU C 523 12.07 -16.43 24.55
N ARG C 524 11.11 -17.38 24.54
CA ARG C 524 9.86 -17.33 23.78
C ARG C 524 9.11 -16.03 24.04
N ALA C 525 8.88 -15.67 25.31
CA ALA C 525 8.17 -14.47 25.76
C ALA C 525 8.89 -13.14 25.40
N GLN C 526 10.22 -13.14 25.51
CA GLN C 526 11.01 -11.96 25.24
C GLN C 526 11.14 -11.65 23.76
N HIS C 527 11.15 -12.72 22.93
CA HIS C 527 11.30 -12.61 21.49
C HIS C 527 9.99 -12.54 20.71
N LEU C 528 8.86 -12.23 21.40
CA LEU C 528 7.60 -11.94 20.71
C LEU C 528 7.83 -10.62 20.00
N ASP C 529 7.15 -10.39 18.87
CA ASP C 529 7.34 -9.21 18.05
C ASP C 529 7.07 -7.89 18.80
N GLN C 530 8.15 -7.08 18.99
CA GLN C 530 8.07 -5.78 19.70
C GLN C 530 8.00 -4.56 18.80
N THR C 531 7.77 -4.75 17.46
CA THR C 531 7.65 -3.69 16.45
C THR C 531 6.72 -2.60 16.90
N LEU C 532 5.50 -2.96 17.35
CA LEU C 532 4.53 -1.95 17.80
C LEU C 532 4.39 -1.94 19.32
N ALA C 533 4.68 -3.09 20.00
CA ALA C 533 4.59 -3.29 21.45
C ALA C 533 5.53 -2.36 22.24
N TYR C 534 6.58 -1.79 21.59
CA TYR C 534 7.50 -0.80 22.18
C TYR C 534 7.01 0.63 21.99
N THR C 535 5.75 0.79 21.60
CA THR C 535 5.08 2.07 21.37
C THR C 535 3.82 2.17 22.19
N GLU C 536 3.54 3.37 22.65
CA GLU C 536 2.36 3.66 23.43
C GLU C 536 1.82 5.01 22.95
N LEU C 537 0.54 5.03 22.67
CA LEU C 537 -0.18 6.20 22.23
C LEU C 537 -0.62 6.96 23.46
N THR C 538 -0.08 8.16 23.60
CA THR C 538 -0.33 9.04 24.74
C THR C 538 -1.05 10.31 24.28
N GLU C 539 -1.49 11.18 25.23
CA GLU C 539 -2.18 12.46 24.96
C GLU C 539 -1.31 13.39 24.13
N LYS C 540 0.02 13.23 24.24
CA LYS C 540 1.04 13.97 23.52
C LYS C 540 1.46 13.20 22.24
N GLY C 541 0.65 12.22 21.83
CA GLY C 541 0.91 11.38 20.68
C GLY C 541 1.77 10.17 20.97
N PRO C 542 2.30 9.49 19.93
CA PRO C 542 3.08 8.27 20.18
C PRO C 542 4.37 8.49 20.92
N VAL C 543 4.72 7.54 21.79
CA VAL C 543 5.93 7.47 22.60
C VAL C 543 6.51 6.08 22.39
N SER C 544 7.80 6.01 22.03
CA SER C 544 8.44 4.74 21.76
C SER C 544 9.68 4.50 22.57
N ARG C 545 10.00 3.23 22.76
CA ARG C 545 11.18 2.76 23.45
C ARG C 545 12.14 2.18 22.42
N ARG C 546 13.42 2.29 22.70
CA ARG C 546 14.45 1.72 21.86
C ARG C 546 14.89 0.40 22.48
N PRO C 547 15.00 -0.68 21.67
CA PRO C 547 15.50 -1.96 22.23
C PRO C 547 16.96 -1.87 22.63
N ARG D 44 3.40 -18.09 -25.04
CA ARG D 44 3.81 -18.87 -26.22
C ARG D 44 4.95 -18.22 -27.02
N PRO D 45 4.80 -17.03 -27.65
CA PRO D 45 5.93 -16.52 -28.44
C PRO D 45 7.02 -15.86 -27.61
N ASN D 46 8.18 -15.68 -28.20
CA ASN D 46 9.25 -14.95 -27.57
C ASN D 46 9.03 -13.51 -27.98
N VAL D 47 9.39 -12.56 -27.10
CA VAL D 47 9.22 -11.15 -27.44
C VAL D 47 10.60 -10.49 -27.40
N LEU D 48 10.96 -9.79 -28.48
CA LEU D 48 12.21 -9.06 -28.54
C LEU D 48 11.96 -7.62 -28.93
N LEU D 49 11.99 -6.73 -27.94
CA LEU D 49 11.79 -5.30 -28.17
C LEU D 49 13.16 -4.68 -28.28
N ILE D 50 13.50 -4.21 -29.49
CA ILE D 50 14.77 -3.55 -29.75
C ILE D 50 14.51 -2.09 -30.02
N SER D 51 15.24 -1.25 -29.30
CA SER D 51 15.23 0.18 -29.50
C SER D 51 16.69 0.60 -29.70
N ALA D 52 16.87 1.62 -30.55
CA ALA D 52 18.14 2.24 -30.87
C ALA D 52 17.85 3.73 -30.76
N ASP D 53 18.47 4.39 -29.79
CA ASP D 53 18.21 5.78 -29.46
C ASP D 53 18.59 6.79 -30.56
N GLN D 54 17.70 7.77 -30.79
CA GLN D 54 17.86 8.93 -31.67
C GLN D 54 18.06 8.57 -33.18
N TRP D 55 17.29 7.59 -33.67
CA TRP D 55 17.28 7.13 -35.06
C TRP D 55 16.07 7.73 -35.82
N ARG D 56 16.38 8.44 -36.94
CA ARG D 56 15.40 9.10 -37.81
C ARG D 56 14.57 8.08 -38.60
N GLY D 57 13.26 8.33 -38.70
CA GLY D 57 12.34 7.45 -39.41
C GLY D 57 12.55 7.36 -40.92
N ASP D 58 13.10 8.43 -41.50
CA ASP D 58 13.40 8.52 -42.92
C ASP D 58 14.76 7.87 -43.27
N CYS D 59 15.58 7.53 -42.24
CA CYS D 59 16.92 6.96 -42.43
C CYS D 59 16.90 5.43 -42.41
N LEU D 60 16.21 4.88 -43.40
CA LEU D 60 16.10 3.44 -43.68
C LEU D 60 16.16 3.24 -45.19
N SER D 61 16.98 2.30 -45.68
CA SER D 61 17.04 2.04 -47.13
C SER D 61 15.68 1.50 -47.68
N ALA D 62 14.93 0.76 -46.84
CA ALA D 62 13.61 0.20 -47.14
C ALA D 62 12.54 1.25 -47.38
N VAL D 63 12.83 2.51 -47.03
CA VAL D 63 11.88 3.61 -47.19
C VAL D 63 12.34 4.55 -48.33
N GLY D 64 13.45 4.18 -48.99
CA GLY D 64 13.98 4.90 -50.13
C GLY D 64 15.00 5.99 -49.87
N HIS D 65 15.77 5.86 -48.79
CA HIS D 65 16.80 6.85 -48.51
C HIS D 65 17.94 6.65 -49.51
N ALA D 66 18.42 7.77 -50.08
CA ALA D 66 19.50 7.78 -51.08
C ALA D 66 20.83 7.25 -50.54
N SER D 67 21.28 7.81 -49.42
CA SER D 67 22.56 7.48 -48.80
C SER D 67 22.53 6.31 -47.85
N VAL D 68 21.68 6.38 -46.79
CA VAL D 68 21.56 5.41 -45.68
C VAL D 68 21.34 3.98 -46.18
N LYS D 69 22.19 3.05 -45.66
CA LYS D 69 22.19 1.63 -45.96
C LYS D 69 21.83 0.86 -44.66
N THR D 70 20.61 0.28 -44.59
CA THR D 70 20.11 -0.51 -43.45
C THR D 70 19.67 -1.91 -43.94
N PRO D 71 20.57 -2.77 -44.49
CA PRO D 71 20.12 -4.08 -45.01
C PRO D 71 19.41 -5.01 -44.05
N ASN D 72 19.87 -5.03 -42.77
CA ASN D 72 19.30 -5.94 -41.77
C ASN D 72 17.93 -5.47 -41.26
N VAL D 73 17.67 -4.14 -41.24
CA VAL D 73 16.35 -3.60 -40.90
C VAL D 73 15.42 -3.98 -42.05
N ASP D 74 15.90 -3.75 -43.31
CA ASP D 74 15.21 -4.08 -44.57
C ASP D 74 14.81 -5.56 -44.58
N ALA D 75 15.74 -6.46 -44.17
CA ALA D 75 15.54 -7.91 -44.10
C ALA D 75 14.42 -8.28 -43.12
N LEU D 76 14.35 -7.58 -41.95
CA LEU D 76 13.32 -7.78 -40.93
C LEU D 76 11.97 -7.32 -41.50
N ALA D 77 11.96 -6.13 -42.15
CA ALA D 77 10.82 -5.50 -42.82
C ALA D 77 10.30 -6.37 -43.99
N GLN D 78 11.23 -7.10 -44.69
CA GLN D 78 11.01 -8.01 -45.82
C GLN D 78 9.97 -9.07 -45.49
N ASP D 79 10.10 -9.62 -44.27
CA ASP D 79 9.25 -10.63 -43.66
C ASP D 79 8.29 -10.03 -42.61
N GLY D 80 8.30 -8.70 -42.45
CA GLY D 80 7.44 -8.03 -41.49
C GLY D 80 6.67 -6.85 -42.02
N VAL D 81 6.05 -6.10 -41.10
CA VAL D 81 5.30 -4.89 -41.37
C VAL D 81 6.18 -3.67 -41.02
N LEU D 82 6.39 -2.78 -42.00
CA LEU D 82 7.13 -1.54 -41.82
C LEU D 82 6.11 -0.41 -41.72
N PHE D 83 6.30 0.48 -40.71
CA PHE D 83 5.40 1.60 -40.45
C PHE D 83 6.13 2.90 -40.88
N THR D 84 5.61 3.53 -41.95
CA THR D 84 6.17 4.71 -42.65
C THR D 84 5.84 6.05 -42.01
N ARG D 85 4.75 6.09 -41.22
CA ARG D 85 4.29 7.30 -40.54
C ARG D 85 4.21 7.07 -39.01
N HIS D 86 5.37 6.63 -38.42
CA HIS D 86 5.50 6.35 -36.99
C HIS D 86 6.11 7.50 -36.23
N PHE D 87 5.38 7.99 -35.22
CA PHE D 87 5.82 9.11 -34.40
C PHE D 87 5.99 8.80 -32.92
N ALA D 88 7.04 9.39 -32.33
CA ALA D 88 7.33 9.34 -30.90
C ALA D 88 6.18 10.06 -30.18
N GLY D 89 5.93 9.70 -28.92
CA GLY D 89 4.88 10.34 -28.14
C GLY D 89 5.29 11.73 -27.68
N THR D 90 6.61 11.92 -27.54
CA THR D 90 7.25 13.15 -27.08
C THR D 90 8.78 12.99 -27.14
N ALA D 91 9.49 13.95 -26.54
CA ALA D 91 10.93 13.95 -26.43
C ALA D 91 11.35 14.80 -25.19
N PRO D 92 12.55 14.66 -24.59
CA PRO D 92 13.67 13.77 -24.95
C PRO D 92 13.48 12.32 -24.56
N SER D 94 13.55 10.34 -21.66
CA SER D 94 12.71 9.79 -20.60
C SER D 94 11.24 10.01 -20.91
N PRO D 95 10.79 11.24 -21.24
CA PRO D 95 9.37 11.43 -21.63
C PRO D 95 8.92 10.53 -22.80
N ALA D 96 9.78 10.34 -23.84
CA ALA D 96 9.55 9.50 -25.01
C ALA D 96 9.42 8.03 -24.60
N ARG D 97 10.37 7.52 -23.75
CA ARG D 97 10.36 6.13 -23.24
C ARG D 97 9.18 5.82 -22.33
N ALA D 98 8.58 6.85 -21.70
CA ALA D 98 7.44 6.66 -20.85
C ALA D 98 6.27 6.26 -21.74
N THR D 99 6.09 6.97 -22.92
CA THR D 99 5.05 6.72 -23.93
C THR D 99 5.20 5.29 -24.42
N LEU D 100 6.41 4.95 -24.81
CA LEU D 100 6.80 3.65 -25.30
C LEU D 100 6.41 2.53 -24.35
N TYR D 101 6.82 2.60 -23.08
CA TYR D 101 6.57 1.51 -22.15
C TYR D 101 5.20 1.50 -21.54
N THR D 102 4.51 2.65 -21.49
CA THR D 102 3.21 2.69 -20.80
C THR D 102 2.02 2.77 -21.69
N GLY D 103 2.25 3.01 -22.99
CA GLY D 103 1.18 3.20 -23.95
C GLY D 103 0.34 4.43 -23.69
N LEU D 104 0.98 5.46 -23.06
CA LEU D 104 0.33 6.71 -22.70
C LEU D 104 0.91 7.89 -23.41
N TYR D 105 0.06 8.89 -23.66
CA TYR D 105 0.49 10.19 -24.15
C TYR D 105 1.03 10.94 -22.91
N GLN D 106 1.92 11.92 -23.13
CA GLN D 106 2.54 12.72 -22.05
C GLN D 106 1.47 13.41 -21.18
N MET D 107 0.30 13.70 -21.73
CA MET D 107 -0.81 14.32 -20.99
C MET D 107 -1.29 13.40 -19.89
N ASN D 108 -0.95 12.09 -19.98
CA ASN D 108 -1.32 11.09 -18.98
C ASN D 108 -0.13 10.60 -18.15
N HIS D 109 1.03 10.26 -18.75
CA HIS D 109 2.16 9.76 -17.96
C HIS D 109 2.90 10.90 -17.16
N ARG D 110 2.75 12.16 -17.59
CA ARG D 110 3.26 13.38 -16.98
C ARG D 110 4.79 13.45 -16.83
N VAL D 111 5.55 12.58 -17.52
CA VAL D 111 7.00 12.71 -17.57
C VAL D 111 7.26 13.81 -18.64
N CYS D 112 7.54 15.04 -18.17
CA CYS D 112 7.77 16.20 -19.00
C CYS D 112 9.21 16.40 -19.42
N ARG D 113 10.16 16.04 -18.57
CA ARG D 113 11.58 16.22 -18.87
C ARG D 113 12.34 15.02 -18.41
N ASN D 114 13.65 14.96 -18.69
CA ASN D 114 14.52 13.93 -18.13
C ASN D 114 14.67 14.36 -16.65
N GLY D 115 14.23 13.50 -15.73
CA GLY D 115 14.20 13.79 -14.30
C GLY D 115 12.78 13.90 -13.76
N SER D 116 11.75 13.99 -14.66
CA SER D 116 10.34 14.04 -14.23
C SER D 116 9.95 12.63 -13.79
N PRO D 117 9.45 12.42 -12.54
CA PRO D 117 9.13 11.06 -12.09
C PRO D 117 7.96 10.42 -12.84
N LEU D 118 8.01 9.10 -13.00
CA LEU D 118 6.92 8.35 -13.58
C LEU D 118 6.15 7.72 -12.42
N ASP D 119 4.87 8.09 -12.28
CA ASP D 119 3.99 7.57 -11.25
C ASP D 119 4.01 6.07 -11.20
N ALA D 120 4.19 5.55 -9.98
CA ALA D 120 4.23 4.12 -9.66
C ALA D 120 2.87 3.41 -9.95
N ARG D 121 1.76 4.18 -10.07
CA ARG D 121 0.44 3.62 -10.35
C ARG D 121 0.27 3.01 -11.76
N PHE D 122 1.10 3.45 -12.73
CA PHE D 122 1.02 3.06 -14.12
C PHE D 122 1.56 1.69 -14.45
N ASP D 123 0.76 0.98 -15.27
CA ASP D 123 1.13 -0.29 -15.87
C ASP D 123 2.17 -0.04 -16.97
N ASN D 124 2.93 -1.06 -17.26
CA ASN D 124 3.87 -1.02 -18.38
C ASN D 124 4.04 -2.41 -19.00
N LEU D 125 4.61 -2.46 -20.21
CA LEU D 125 4.83 -3.72 -20.96
C LEU D 125 5.62 -4.76 -20.14
N ALA D 126 6.56 -4.33 -19.28
CA ALA D 126 7.35 -5.23 -18.41
C ALA D 126 6.47 -5.88 -17.33
N LEU D 127 5.69 -5.09 -16.58
CA LEU D 127 4.74 -5.56 -15.55
C LEU D 127 3.67 -6.50 -16.13
N ALA D 128 3.12 -6.17 -17.33
CA ALA D 128 2.11 -6.99 -18.02
C ALA D 128 2.70 -8.33 -18.48
N ALA D 129 3.92 -8.34 -18.99
CA ALA D 129 4.60 -9.59 -19.37
C ALA D 129 4.67 -10.57 -18.18
N ARG D 130 4.86 -10.06 -16.95
CA ARG D 130 4.96 -10.90 -15.74
C ARG D 130 3.64 -11.58 -15.49
N ARG D 131 2.55 -10.83 -15.75
CA ARG D 131 1.18 -11.33 -15.64
C ARG D 131 0.85 -12.35 -16.74
N GLY D 132 1.71 -12.42 -17.77
CA GLY D 132 1.62 -13.38 -18.85
C GLY D 132 2.63 -14.51 -18.75
N GLY D 133 3.22 -14.66 -17.57
CA GLY D 133 4.19 -15.69 -17.25
C GLY D 133 5.60 -15.49 -17.79
N TYR D 134 5.92 -14.29 -18.26
CA TYR D 134 7.28 -14.06 -18.75
C TYR D 134 8.13 -13.41 -17.66
N ASP D 135 9.47 -13.45 -17.84
CA ASP D 135 10.44 -12.76 -17.00
C ASP D 135 11.09 -11.72 -17.90
N PRO D 136 10.44 -10.51 -18.04
CA PRO D 136 11.00 -9.49 -18.96
C PRO D 136 12.40 -9.06 -18.53
N THR D 137 13.38 -9.26 -19.42
CA THR D 137 14.81 -9.04 -19.21
C THR D 137 15.36 -7.83 -20.00
N LEU D 138 16.14 -6.98 -19.31
CA LEU D 138 16.69 -5.74 -19.87
C LEU D 138 18.19 -5.79 -20.17
N PHE D 139 18.56 -5.25 -21.34
CA PHE D 139 19.92 -5.09 -21.86
C PHE D 139 20.00 -3.64 -22.26
N GLY D 140 20.70 -2.83 -21.47
CA GLY D 140 20.78 -1.39 -21.69
C GLY D 140 20.05 -0.58 -20.66
N TYR D 141 19.13 0.29 -21.08
CA TYR D 141 18.44 1.23 -20.18
C TYR D 141 16.98 1.53 -20.57
N THR D 142 16.20 2.06 -19.60
CA THR D 142 14.81 2.47 -19.80
C THR D 142 14.64 3.97 -19.54
N ASP D 143 15.61 4.58 -18.85
CA ASP D 143 15.60 5.99 -18.44
C ASP D 143 14.30 6.35 -17.70
N THR D 144 13.95 5.55 -16.67
CA THR D 144 12.76 5.77 -15.85
C THR D 144 13.15 6.46 -14.52
N ALA D 145 12.71 7.70 -14.32
CA ALA D 145 12.93 8.34 -13.03
C ALA D 145 11.86 7.73 -12.14
N PRO D 146 12.20 7.08 -10.99
CA PRO D 146 11.16 6.46 -10.14
C PRO D 146 10.22 7.47 -9.46
N ASP D 147 9.09 6.99 -8.93
CA ASP D 147 8.14 7.80 -8.16
C ASP D 147 8.83 7.99 -6.80
N PRO D 148 9.20 9.23 -6.42
CA PRO D 148 9.94 9.42 -5.15
C PRO D 148 9.12 9.20 -3.90
N ARG D 149 7.78 9.34 -4.00
CA ARG D 149 6.85 9.17 -2.89
C ARG D 149 7.02 7.85 -2.15
N GLY D 150 7.21 8.00 -0.83
CA GLY D 150 7.43 6.90 0.09
C GLY D 150 8.87 6.42 0.17
N MET D 151 9.67 6.64 -0.88
CA MET D 151 11.07 6.22 -0.97
C MET D 151 11.90 6.97 0.05
N ASP D 152 12.89 6.26 0.62
CA ASP D 152 13.76 6.87 1.61
C ASP D 152 14.56 7.99 0.94
N PRO D 153 14.65 9.18 1.58
CA PRO D 153 15.40 10.29 0.97
C PRO D 153 16.88 10.03 0.66
N ASN D 154 17.48 9.01 1.31
CA ASN D 154 18.89 8.69 1.08
C ASN D 154 19.07 7.63 0.01
N ASP D 155 17.96 7.10 -0.54
CA ASP D 155 18.02 6.04 -1.57
C ASP D 155 18.71 6.58 -2.83
N PRO D 156 19.80 5.92 -3.31
CA PRO D 156 20.49 6.38 -4.54
C PRO D 156 19.60 6.46 -5.80
N HIS D 157 18.43 5.79 -5.81
CA HIS D 157 17.48 5.83 -6.93
C HIS D 157 16.86 7.22 -7.13
N LEU D 158 16.91 8.07 -6.09
CA LEU D 158 16.36 9.42 -6.13
C LEU D 158 17.32 10.45 -6.71
N THR D 159 18.52 10.01 -7.12
CA THR D 159 19.54 10.93 -7.62
C THR D 159 19.63 10.99 -9.16
N THR D 160 18.82 10.18 -9.88
CA THR D 160 18.87 10.12 -11.34
C THR D 160 17.53 9.75 -12.00
N TYR D 161 17.42 10.05 -13.31
CA TYR D 161 16.30 9.64 -14.16
C TYR D 161 16.69 8.34 -14.88
N GLU D 162 17.93 7.88 -14.73
CA GLU D 162 18.47 6.65 -15.34
C GLU D 162 18.11 5.37 -14.59
N GLY D 163 16.93 5.36 -13.97
CA GLY D 163 16.45 4.19 -13.25
C GLY D 163 15.89 3.15 -14.20
N VAL D 164 15.70 1.92 -13.67
CA VAL D 164 15.15 0.80 -14.41
C VAL D 164 13.62 0.79 -14.26
N LEU D 165 12.90 0.58 -15.38
CA LEU D 165 11.46 0.52 -15.37
C LEU D 165 10.97 -0.68 -14.50
N PRO D 166 10.02 -0.44 -13.56
CA PRO D 166 9.49 -1.55 -12.75
C PRO D 166 8.94 -2.71 -13.63
N GLY D 167 9.30 -3.93 -13.26
CA GLY D 167 8.93 -5.14 -13.98
C GLY D 167 10.12 -5.85 -14.58
N PHE D 168 11.08 -5.08 -15.12
CA PHE D 168 12.28 -5.61 -15.75
C PHE D 168 13.27 -6.19 -14.79
N SER D 169 13.85 -7.32 -15.17
CA SER D 169 14.94 -7.97 -14.45
C SER D 169 16.17 -7.58 -15.30
N ALA D 170 17.17 -6.93 -14.68
CA ALA D 170 18.34 -6.45 -15.39
C ALA D 170 19.40 -7.52 -15.62
N ARG D 171 19.65 -7.89 -16.89
CA ARG D 171 20.71 -8.86 -17.19
C ARG D 171 22.03 -8.12 -17.45
N GLN D 172 21.96 -7.01 -18.22
CA GLN D 172 23.10 -6.18 -18.54
C GLN D 172 22.71 -4.73 -18.53
N LEU D 173 23.16 -3.99 -17.53
CA LEU D 173 22.87 -2.56 -17.45
C LEU D 173 23.95 -1.75 -18.13
N LEU D 174 23.58 -0.61 -18.69
CA LEU D 174 24.53 0.27 -19.35
C LEU D 174 24.04 1.73 -19.31
N PRO D 175 24.31 2.43 -18.19
CA PRO D 175 23.91 3.85 -18.09
C PRO D 175 24.89 4.79 -18.82
N GLU D 176 24.64 6.10 -18.72
CA GLU D 176 25.43 7.18 -19.31
C GLU D 176 26.92 7.06 -19.00
N HIS D 177 27.26 6.63 -17.76
CA HIS D 177 28.65 6.49 -17.33
C HIS D 177 29.40 5.37 -18.09
N GLU D 178 28.66 4.38 -18.64
CA GLU D 178 29.16 3.23 -19.43
C GLU D 178 30.30 2.43 -18.78
N LYS D 179 30.36 2.42 -17.44
CA LYS D 179 31.40 1.73 -16.65
C LYS D 179 31.49 0.21 -16.91
N GLN D 180 30.35 -0.42 -17.25
CA GLN D 180 30.25 -1.87 -17.53
C GLN D 180 30.89 -2.23 -18.87
N TRP D 181 30.79 -1.31 -19.85
CA TRP D 181 31.36 -1.41 -21.19
C TRP D 181 32.88 -1.15 -21.12
N LEU D 182 33.29 -0.11 -20.34
CA LEU D 182 34.68 0.26 -20.11
C LEU D 182 35.46 -0.89 -19.47
N SER D 183 34.86 -1.56 -18.45
CA SER D 183 35.46 -2.71 -17.78
C SER D 183 35.55 -3.92 -18.69
N TRP D 184 34.60 -4.06 -19.63
CA TRP D 184 34.57 -5.13 -20.63
C TRP D 184 35.72 -4.89 -21.63
N LEU D 185 35.96 -3.61 -21.99
CA LEU D 185 37.05 -3.22 -22.89
C LEU D 185 38.39 -3.52 -22.25
N ARG D 186 38.52 -3.19 -20.94
CA ARG D 186 39.73 -3.44 -20.15
C ARG D 186 40.10 -4.93 -20.17
N SER D 187 39.07 -5.82 -20.05
CA SER D 187 39.21 -7.27 -20.08
C SER D 187 39.57 -7.77 -21.48
N ARG D 188 39.45 -6.90 -22.50
CA ARG D 188 39.76 -7.19 -23.89
C ARG D 188 41.16 -6.67 -24.31
N GLY D 189 41.92 -6.18 -23.32
CA GLY D 189 43.27 -5.67 -23.51
C GLY D 189 43.38 -4.19 -23.80
N HIS D 190 42.40 -3.39 -23.31
CA HIS D 190 42.36 -1.92 -23.47
C HIS D 190 42.58 -1.24 -22.10
N PRO D 191 43.84 -1.05 -21.67
CA PRO D 191 44.07 -0.42 -20.37
C PRO D 191 43.83 1.10 -20.39
N GLU D 192 43.59 1.65 -21.59
CA GLU D 192 43.28 3.05 -21.87
C GLU D 192 41.81 3.35 -21.53
N ALA D 193 40.95 2.30 -21.58
CA ALA D 193 39.51 2.36 -21.30
C ALA D 193 39.25 2.49 -19.79
N THR D 194 39.62 3.65 -19.25
CA THR D 194 39.48 4.00 -17.84
C THR D 194 38.44 5.11 -17.68
N SER D 195 38.05 5.75 -18.79
CA SER D 195 37.05 6.82 -18.82
C SER D 195 36.38 6.90 -20.20
N ARG D 196 35.32 7.73 -20.32
CA ARG D 196 34.57 7.96 -21.56
C ARG D 196 35.41 8.69 -22.63
N ASP D 197 36.63 9.14 -22.24
CA ASP D 197 37.64 9.78 -23.10
C ASP D 197 38.02 8.88 -24.27
N ILE D 198 37.84 7.53 -24.11
CA ILE D 198 38.08 6.50 -25.13
C ILE D 198 37.24 6.76 -26.42
N HIS D 199 36.19 7.62 -26.32
CA HIS D 199 35.32 8.01 -27.45
C HIS D 199 35.99 9.00 -28.41
N ILE D 200 37.04 9.74 -27.94
CA ILE D 200 37.79 10.70 -28.76
C ILE D 200 38.62 9.90 -29.80
N PRO D 201 38.44 10.18 -31.12
CA PRO D 201 39.21 9.46 -32.14
C PRO D 201 40.73 9.57 -31.94
N VAL D 202 41.47 8.48 -32.28
CA VAL D 202 42.93 8.39 -32.11
C VAL D 202 43.67 9.58 -32.77
N GLY D 203 44.35 10.36 -31.93
CA GLY D 203 45.12 11.52 -32.36
C GLY D 203 44.34 12.82 -32.47
N ALA D 204 43.03 12.73 -32.78
CA ALA D 204 42.11 13.87 -32.97
C ALA D 204 42.03 14.81 -31.77
N THR D 205 41.70 16.10 -32.05
CA THR D 205 41.57 17.14 -31.03
C THR D 205 40.22 16.96 -30.32
N PRO D 206 40.20 16.95 -28.95
CA PRO D 206 38.91 16.80 -28.24
C PRO D 206 37.98 17.98 -28.49
N GLY D 207 36.76 17.65 -28.92
CA GLY D 207 35.71 18.62 -29.21
C GLY D 207 35.58 19.04 -30.66
N GLU D 208 36.31 18.38 -31.55
CA GLU D 208 36.32 18.67 -32.98
C GLU D 208 35.68 17.53 -33.76
N ILE D 209 34.94 17.87 -34.83
CA ILE D 209 34.31 16.88 -35.69
C ILE D 209 35.45 16.07 -36.33
N SER D 210 35.45 14.74 -36.14
CA SER D 210 36.51 13.90 -36.68
C SER D 210 36.00 12.62 -37.32
N ASP D 211 36.57 12.34 -38.49
CA ASP D 211 36.36 11.23 -39.41
C ASP D 211 37.26 10.02 -39.01
N VAL D 212 38.16 10.24 -38.05
CA VAL D 212 39.10 9.24 -37.54
C VAL D 212 38.36 8.28 -36.58
N ALA D 213 38.80 7.01 -36.54
CA ALA D 213 38.21 5.99 -35.68
C ALA D 213 38.74 6.08 -34.22
N PRO D 214 37.88 5.79 -33.18
CA PRO D 214 38.41 5.77 -31.80
C PRO D 214 39.22 4.48 -31.57
N ALA D 215 39.92 4.38 -30.42
CA ALA D 215 40.78 3.25 -30.04
C ALA D 215 40.14 1.84 -30.14
N TYR D 216 38.81 1.73 -29.98
CA TYR D 216 38.06 0.46 -30.02
C TYR D 216 37.56 0.11 -31.42
N SER D 217 37.45 -1.20 -31.72
CA SER D 217 37.01 -1.73 -33.01
C SER D 217 35.47 -1.72 -33.19
N LYS D 218 35.00 -2.12 -34.39
CA LYS D 218 33.56 -2.22 -34.72
C LYS D 218 32.87 -3.32 -33.87
N ASP D 219 33.66 -4.33 -33.43
CA ASP D 219 33.21 -5.45 -32.59
C ASP D 219 33.41 -5.12 -31.09
N GLU D 220 33.76 -3.85 -30.80
CA GLU D 220 33.99 -3.36 -29.45
C GLU D 220 33.13 -2.13 -29.07
N THR D 221 32.11 -1.81 -29.90
CA THR D 221 31.19 -0.70 -29.61
C THR D 221 30.25 -1.12 -28.45
N GLN D 222 29.49 -0.14 -27.90
CA GLN D 222 28.48 -0.38 -26.85
C GLN D 222 27.39 -1.29 -27.43
N THR D 223 27.11 -1.12 -28.75
CA THR D 223 26.16 -1.90 -29.53
C THR D 223 26.65 -3.36 -29.66
N ALA D 224 27.95 -3.55 -29.92
CA ALA D 224 28.57 -4.87 -30.06
C ALA D 224 28.61 -5.63 -28.73
N PHE D 225 28.91 -4.89 -27.65
CA PHE D 225 28.96 -5.38 -26.28
C PHE D 225 27.58 -5.91 -25.83
N LEU D 226 26.54 -5.07 -25.97
CA LEU D 226 25.17 -5.39 -25.59
C LEU D 226 24.58 -6.55 -26.38
N ALA D 227 24.87 -6.61 -27.70
CA ALA D 227 24.41 -7.68 -28.59
C ALA D 227 24.98 -9.01 -28.13
N GLY D 228 26.28 -9.02 -27.81
CA GLY D 228 26.99 -10.21 -27.31
C GLY D 228 26.38 -10.73 -26.02
N GLU D 229 26.06 -9.78 -25.10
CA GLU D 229 25.42 -10.08 -23.81
C GLU D 229 24.03 -10.67 -24.02
N PHE D 230 23.28 -10.14 -25.01
CA PHE D 230 21.96 -10.68 -25.38
C PHE D 230 22.08 -12.08 -25.92
N ILE D 231 23.06 -12.31 -26.83
CA ILE D 231 23.33 -13.60 -27.48
C ILE D 231 23.68 -14.67 -26.43
N ARG D 232 24.56 -14.34 -25.43
CA ARG D 232 24.92 -15.29 -24.36
C ARG D 232 23.66 -15.69 -23.58
N TRP D 233 22.87 -14.68 -23.16
CA TRP D 233 21.62 -14.87 -22.44
C TRP D 233 20.64 -15.71 -23.24
N LEU D 234 20.53 -15.44 -24.57
CA LEU D 234 19.66 -16.16 -25.50
C LEU D 234 19.96 -17.66 -25.49
N GLY D 235 21.24 -18.01 -25.42
CA GLY D 235 21.73 -19.39 -25.37
C GLY D 235 21.25 -20.16 -24.15
N GLU D 236 21.04 -19.44 -23.02
CA GLU D 236 20.57 -20.01 -21.75
C GLU D 236 19.07 -20.29 -21.72
N GLN D 237 18.30 -19.75 -22.69
CA GLN D 237 16.83 -19.87 -22.70
C GLN D 237 16.33 -21.26 -23.11
N ASP D 238 15.39 -21.80 -22.32
CA ASP D 238 14.78 -23.12 -22.49
C ASP D 238 13.22 -23.06 -22.42
N ALA D 239 12.67 -21.84 -22.53
CA ALA D 239 11.23 -21.57 -22.44
C ALA D 239 10.91 -20.22 -23.11
N PRO D 240 9.62 -19.83 -23.34
CA PRO D 240 9.35 -18.54 -24.00
C PRO D 240 9.93 -17.37 -23.19
N TRP D 241 10.71 -16.53 -23.87
CA TRP D 241 11.40 -15.41 -23.24
C TRP D 241 10.94 -14.04 -23.72
N PHE D 242 11.20 -13.03 -22.89
CA PHE D 242 10.83 -11.63 -23.15
C PHE D 242 12.08 -10.79 -22.92
N ALA D 243 12.54 -10.12 -23.98
CA ALA D 243 13.74 -9.31 -23.90
C ALA D 243 13.58 -7.92 -24.44
N HIS D 244 14.17 -6.93 -23.75
CA HIS D 244 14.24 -5.58 -24.25
C HIS D 244 15.70 -5.19 -24.38
N VAL D 245 16.16 -4.99 -25.63
CA VAL D 245 17.53 -4.59 -25.93
C VAL D 245 17.45 -3.14 -26.31
N SER D 246 18.09 -2.29 -25.48
CA SER D 246 18.08 -0.85 -25.62
C SER D 246 19.47 -0.29 -25.96
N PHE D 247 19.66 0.09 -27.25
CA PHE D 247 20.91 0.62 -27.77
C PHE D 247 20.96 2.13 -27.70
N LEU D 248 22.12 2.67 -27.27
CA LEU D 248 22.31 4.12 -27.23
C LEU D 248 22.53 4.63 -28.66
N ARG D 249 23.40 3.96 -29.45
CA ARG D 249 23.70 4.33 -30.84
C ARG D 249 22.45 4.14 -31.77
N PRO D 250 22.14 5.08 -32.72
CA PRO D 250 22.97 6.21 -33.22
C PRO D 250 22.95 7.52 -32.41
N HIS D 251 22.58 7.49 -31.10
CA HIS D 251 22.62 8.67 -30.23
C HIS D 251 24.09 9.18 -30.13
N PRO D 252 24.33 10.53 -30.08
CA PRO D 252 25.70 11.06 -29.94
C PRO D 252 26.46 10.64 -28.65
N PRO D 253 27.80 10.82 -28.49
CA PRO D 253 28.78 11.48 -29.38
C PRO D 253 28.89 10.85 -30.77
N PHE D 254 29.01 11.71 -31.79
CA PHE D 254 29.14 11.26 -33.18
C PHE D 254 30.61 10.90 -33.52
N SER D 255 30.98 9.64 -33.21
CA SER D 255 32.26 8.98 -33.43
C SER D 255 31.94 7.52 -33.64
N VAL D 256 32.69 6.84 -34.50
CA VAL D 256 32.47 5.41 -34.83
C VAL D 256 33.75 4.77 -35.41
N PRO D 257 34.10 3.50 -35.11
CA PRO D 257 35.32 2.93 -35.71
C PRO D 257 35.14 2.49 -37.17
N GLU D 258 36.24 1.96 -37.75
CA GLU D 258 36.30 1.50 -39.13
C GLU D 258 35.43 0.27 -39.37
N PRO D 259 34.72 0.18 -40.53
CA PRO D 259 34.75 1.10 -41.68
C PRO D 259 33.86 2.34 -41.59
N TYR D 260 32.74 2.24 -40.86
CA TYR D 260 31.62 3.19 -40.68
C TYR D 260 31.99 4.69 -40.63
N ASN D 261 33.19 5.01 -40.11
CA ASN D 261 33.72 6.38 -39.97
C ASN D 261 33.80 7.17 -41.30
N ARG D 262 34.31 6.50 -42.35
CA ARG D 262 34.53 7.05 -43.69
C ARG D 262 33.48 6.59 -44.71
N MET D 263 32.71 5.52 -44.38
CA MET D 263 31.67 4.88 -45.20
C MET D 263 30.79 5.85 -46.03
N PHE D 264 30.61 7.06 -45.51
CA PHE D 264 29.84 8.13 -46.13
C PHE D 264 30.70 9.39 -46.15
N THR D 265 30.55 10.20 -47.22
CA THR D 265 31.29 11.44 -47.40
C THR D 265 30.33 12.59 -47.13
N PRO D 266 30.77 13.69 -46.45
CA PRO D 266 29.83 14.79 -46.12
C PRO D 266 28.88 15.27 -47.22
N SER D 267 29.36 15.22 -48.49
CA SER D 267 28.64 15.65 -49.71
C SER D 267 27.35 14.90 -49.92
N ASP D 268 27.34 13.58 -49.65
CA ASP D 268 26.19 12.70 -49.81
C ASP D 268 25.05 13.10 -48.86
N GLY D 269 23.86 12.58 -49.14
CA GLY D 269 22.67 12.86 -48.33
C GLY D 269 21.71 13.86 -48.92
N PRO D 270 20.44 13.76 -48.49
CA PRO D 270 19.39 14.66 -49.02
C PRO D 270 19.53 16.13 -48.59
N ALA D 271 18.65 16.98 -49.12
CA ALA D 271 18.59 18.41 -48.80
C ALA D 271 18.13 18.56 -47.34
N PHE D 272 18.59 19.63 -46.69
CA PHE D 272 18.22 19.93 -45.31
C PHE D 272 16.95 20.77 -45.33
N ALA D 273 15.95 20.37 -44.51
CA ALA D 273 14.70 21.11 -44.38
C ALA D 273 14.99 22.28 -43.46
N ARG D 274 15.51 23.40 -44.00
CA ARG D 274 15.86 24.57 -43.19
C ARG D 274 15.73 25.87 -43.92
N ALA D 275 15.63 26.98 -43.16
CA ALA D 275 15.59 28.34 -43.70
C ALA D 275 16.97 28.68 -44.31
N ALA D 276 17.07 29.86 -44.98
CA ALA D 276 18.31 30.33 -45.61
C ALA D 276 19.43 30.53 -44.56
N ASN D 277 19.05 31.07 -43.38
CA ASN D 277 19.91 31.34 -42.22
C ASN D 277 19.15 31.16 -40.90
N ARG D 278 19.89 30.92 -39.82
CA ARG D 278 19.40 30.73 -38.46
C ARG D 278 18.50 31.85 -37.98
N GLU D 279 18.84 33.11 -38.35
CA GLU D 279 18.11 34.31 -37.96
C GLU D 279 16.68 34.28 -38.49
N ALA D 280 16.50 33.92 -39.78
CA ALA D 280 15.21 33.79 -40.43
C ALA D 280 14.43 32.60 -39.83
N GLU D 281 15.15 31.50 -39.52
CA GLU D 281 14.66 30.28 -38.90
C GLU D 281 14.05 30.60 -37.50
N GLN D 282 14.88 31.20 -36.62
CA GLN D 282 14.54 31.59 -35.25
C GLN D 282 13.43 32.61 -35.17
N ALA D 283 13.28 33.42 -36.22
CA ALA D 283 12.26 34.48 -36.28
C ALA D 283 10.81 33.95 -36.38
N VAL D 284 10.64 32.69 -36.80
CA VAL D 284 9.33 32.06 -36.99
C VAL D 284 8.55 31.91 -35.67
N HIS D 285 9.24 31.48 -34.59
CA HIS D 285 8.59 31.28 -33.28
C HIS D 285 9.51 31.61 -32.08
N PRO D 286 8.95 32.22 -30.99
CA PRO D 286 9.78 32.52 -29.79
C PRO D 286 10.56 31.32 -29.21
N LEU D 287 9.99 30.11 -29.28
CA LEU D 287 10.64 28.89 -28.80
C LEU D 287 11.91 28.60 -29.61
N LEU D 288 11.89 28.87 -30.94
CA LEU D 288 13.06 28.66 -31.81
C LEU D 288 14.18 29.66 -31.48
N ALA D 289 13.78 30.90 -31.19
CA ALA D 289 14.66 32.02 -30.83
C ALA D 289 15.35 31.76 -29.47
N PHE D 290 14.66 31.05 -28.58
CA PHE D 290 15.18 30.70 -27.28
C PHE D 290 16.07 29.44 -27.34
N ALA D 291 15.55 28.37 -27.93
CA ALA D 291 16.19 27.05 -27.96
C ALA D 291 17.39 26.91 -28.88
N LEU D 292 17.31 27.42 -30.13
CA LEU D 292 18.39 27.22 -31.11
C LEU D 292 19.77 27.75 -30.65
N PRO D 293 19.87 28.96 -30.04
CA PRO D 293 21.20 29.43 -29.59
C PRO D 293 21.80 28.60 -28.45
N LEU D 294 20.92 27.97 -27.61
CA LEU D 294 21.32 27.15 -26.45
C LEU D 294 21.91 25.79 -26.81
N ILE D 295 21.74 25.33 -28.07
CA ILE D 295 22.29 24.04 -28.51
C ILE D 295 23.81 24.11 -28.45
N GLY D 296 24.40 23.27 -27.61
CA GLY D 296 25.84 23.22 -27.41
C GLY D 296 26.50 22.09 -28.16
N LYS D 297 27.79 22.22 -28.42
CA LYS D 297 28.63 21.26 -29.14
C LYS D 297 28.90 19.98 -28.35
N ASP D 298 29.02 20.09 -27.02
CA ASP D 298 29.27 19.00 -26.05
C ASP D 298 28.26 17.86 -26.15
N SER D 299 27.01 18.20 -26.50
CA SER D 299 25.90 17.27 -26.66
C SER D 299 26.04 16.38 -27.91
N PHE D 300 26.95 16.73 -28.86
CA PHE D 300 27.07 15.99 -30.14
C PHE D 300 28.45 15.42 -30.42
N ILE D 301 29.51 16.11 -29.98
CA ILE D 301 30.90 15.66 -30.15
C ILE D 301 31.53 15.58 -28.76
N TYR D 302 32.20 14.43 -28.47
CA TYR D 302 32.87 14.22 -27.18
C TYR D 302 33.94 15.29 -26.95
N GLY D 303 33.74 16.10 -25.92
CA GLY D 303 34.64 17.19 -25.57
C GLY D 303 34.28 18.52 -26.19
N GLY D 304 33.14 18.55 -26.88
CA GLY D 304 32.63 19.74 -27.57
C GLY D 304 32.56 20.95 -26.68
N GLU D 305 32.84 22.13 -27.25
CA GLU D 305 32.83 23.38 -26.48
C GLU D 305 32.14 24.50 -27.23
N GLY D 306 31.32 25.28 -26.53
CA GLY D 306 30.61 26.40 -27.10
C GLY D 306 29.32 26.01 -27.81
N SER D 307 28.73 26.97 -28.58
CA SER D 307 27.48 26.80 -29.31
C SER D 307 27.61 25.99 -30.58
N ALA D 308 26.56 25.21 -30.91
CA ALA D 308 26.50 24.41 -32.14
C ALA D 308 26.19 25.33 -33.34
N SER D 309 25.76 26.58 -33.06
CA SER D 309 25.50 27.65 -34.02
C SER D 309 26.80 28.04 -34.78
N ASP D 310 27.98 27.74 -34.17
CA ASP D 310 29.32 27.98 -34.73
C ASP D 310 29.75 26.92 -35.75
N TRP D 311 28.91 25.90 -35.96
CA TRP D 311 29.16 24.86 -36.95
C TRP D 311 28.53 25.29 -38.26
N THR D 312 29.27 25.18 -39.37
CA THR D 312 28.80 25.58 -40.70
C THR D 312 27.96 24.47 -41.34
N SER D 313 27.35 24.78 -42.50
CA SER D 313 26.57 23.83 -43.31
C SER D 313 27.45 22.61 -43.65
N GLU D 314 28.77 22.88 -43.86
CA GLU D 314 29.79 21.88 -44.16
C GLU D 314 30.04 21.00 -42.94
N ASP D 315 30.19 21.63 -41.75
CA ASP D 315 30.39 20.96 -40.46
C ASP D 315 29.23 19.99 -40.17
N LEU D 316 27.97 20.46 -40.39
CA LEU D 316 26.76 19.67 -40.20
C LEU D 316 26.69 18.50 -41.17
N SER D 317 27.12 18.72 -42.43
CA SER D 317 27.17 17.66 -43.45
C SER D 317 28.18 16.56 -43.04
N ALA D 318 29.31 16.97 -42.41
CA ALA D 318 30.36 16.07 -41.91
C ALA D 318 29.84 15.22 -40.75
N ILE D 319 29.06 15.84 -39.83
CA ILE D 319 28.40 15.19 -38.69
C ILE D 319 27.41 14.13 -39.21
N ARG D 320 26.59 14.51 -40.23
CA ARG D 320 25.60 13.61 -40.84
C ARG D 320 26.22 12.36 -41.45
N ALA D 321 27.41 12.50 -42.06
CA ALA D 321 28.18 11.42 -42.69
C ALA D 321 28.57 10.37 -41.65
N ILE D 322 28.98 10.84 -40.44
CA ILE D 322 29.32 9.99 -39.28
C ILE D 322 28.03 9.34 -38.74
N TYR D 323 26.94 10.14 -38.58
CA TYR D 323 25.64 9.66 -38.12
C TYR D 323 25.11 8.52 -39.00
N TYR D 324 25.21 8.70 -40.33
CA TYR D 324 24.80 7.70 -41.33
C TYR D 324 25.62 6.41 -41.17
N GLY D 325 26.90 6.54 -40.83
CA GLY D 325 27.81 5.42 -40.59
C GLY D 325 27.51 4.70 -39.29
N MET D 326 27.06 5.47 -38.26
CA MET D 326 26.66 4.97 -36.94
C MET D 326 25.41 4.10 -37.05
N ILE D 327 24.44 4.51 -37.91
CA ILE D 327 23.21 3.78 -38.22
C ILE D 327 23.55 2.43 -38.87
N ALA D 328 24.59 2.42 -39.72
CA ALA D 328 25.08 1.23 -40.41
C ALA D 328 25.68 0.22 -39.44
N GLU D 329 26.49 0.69 -38.44
CA GLU D 329 27.09 -0.22 -37.46
C GLU D 329 25.99 -0.91 -36.60
N VAL D 330 24.93 -0.15 -36.20
CA VAL D 330 23.79 -0.64 -35.41
C VAL D 330 23.03 -1.67 -36.24
N ASP D 331 22.88 -1.39 -37.56
CA ASP D 331 22.23 -2.31 -38.50
C ASP D 331 22.99 -3.64 -38.59
N THR D 332 24.35 -3.60 -38.65
CA THR D 332 25.17 -4.82 -38.73
C THR D 332 24.87 -5.71 -37.54
N GLN D 333 24.90 -5.11 -36.32
CA GLN D 333 24.63 -5.75 -35.03
C GLN D 333 23.29 -6.41 -35.01
N LEU D 334 22.25 -5.72 -35.53
CA LEU D 334 20.89 -6.25 -35.68
C LEU D 334 20.95 -7.54 -36.52
N GLY D 335 21.77 -7.53 -37.58
CA GLY D 335 21.98 -8.69 -38.44
C GLY D 335 22.56 -9.85 -37.68
N ARG D 336 23.54 -9.54 -36.80
CA ARG D 336 24.20 -10.48 -35.87
C ARG D 336 23.14 -11.14 -34.98
N ILE D 337 22.13 -10.31 -34.50
CA ILE D 337 21.00 -10.76 -33.68
C ILE D 337 20.05 -11.67 -34.47
N TRP D 338 19.70 -11.29 -35.72
CA TRP D 338 18.81 -12.13 -36.56
C TRP D 338 19.41 -13.52 -36.74
N GLN D 339 20.73 -13.59 -36.98
CA GLN D 339 21.45 -14.86 -37.16
C GLN D 339 21.45 -15.70 -35.89
N ALA D 340 21.75 -15.07 -34.72
CA ALA D 340 21.76 -15.72 -33.40
C ALA D 340 20.40 -16.36 -33.10
N LEU D 341 19.30 -15.67 -33.49
CA LEU D 341 17.92 -16.16 -33.32
C LEU D 341 17.65 -17.40 -34.16
N LYS D 342 18.15 -17.40 -35.43
CA LYS D 342 18.03 -18.50 -36.37
C LYS D 342 18.82 -19.70 -35.85
N ASN D 343 20.09 -19.46 -35.42
CA ASN D 343 21.01 -20.45 -34.86
C ASN D 343 20.44 -21.27 -33.69
N VAL D 344 19.61 -20.63 -32.85
CA VAL D 344 19.00 -21.29 -31.68
C VAL D 344 17.60 -21.85 -32.02
N GLY D 345 17.07 -21.47 -33.18
CA GLY D 345 15.77 -21.90 -33.67
C GLY D 345 14.61 -21.10 -33.12
N ALA D 346 14.87 -19.83 -32.75
CA ALA D 346 13.89 -18.92 -32.17
C ALA D 346 13.19 -18.04 -33.22
N TRP D 347 13.89 -17.76 -34.35
CA TRP D 347 13.46 -16.90 -35.45
C TRP D 347 11.96 -16.92 -35.82
N ASP D 348 11.34 -18.11 -35.90
CA ASP D 348 9.93 -18.21 -36.29
C ASP D 348 8.94 -18.31 -35.12
N ASP D 349 9.44 -18.11 -33.89
CA ASP D 349 8.67 -18.15 -32.64
C ASP D 349 8.79 -16.81 -31.90
N THR D 350 9.56 -15.87 -32.46
CA THR D 350 9.84 -14.56 -31.87
C THR D 350 9.16 -13.37 -32.56
N LEU D 351 8.39 -12.60 -31.76
CA LEU D 351 7.78 -11.35 -32.16
C LEU D 351 8.86 -10.29 -31.97
N ILE D 352 9.38 -9.72 -33.08
CA ILE D 352 10.43 -8.71 -33.02
C ILE D 352 9.84 -7.32 -33.22
N ILE D 353 10.13 -6.38 -32.31
CA ILE D 353 9.68 -5.00 -32.45
C ILE D 353 10.91 -4.14 -32.44
N PHE D 354 11.26 -3.55 -33.62
CA PHE D 354 12.40 -2.65 -33.73
C PHE D 354 11.86 -1.25 -33.88
N THR D 355 12.39 -0.30 -33.10
CA THR D 355 11.95 1.10 -33.10
C THR D 355 13.00 1.99 -32.45
N SER D 356 12.67 3.27 -32.25
CA SER D 356 13.50 4.28 -31.60
C SER D 356 12.58 5.09 -30.68
N ASP D 357 13.14 5.68 -29.61
CA ASP D 357 12.39 6.47 -28.63
C ASP D 357 11.93 7.80 -29.25
N HIS D 358 12.90 8.51 -29.86
CA HIS D 358 12.74 9.79 -30.56
C HIS D 358 13.79 9.82 -31.71
N ALA D 359 13.63 10.78 -32.63
CA ALA D 359 14.56 10.95 -33.74
C ALA D 359 15.50 12.14 -33.50
N GLU D 360 16.41 12.40 -34.46
CA GLU D 360 17.44 13.44 -34.50
C GLU D 360 17.10 14.51 -35.58
N MET D 361 17.35 15.80 -35.29
CA MET D 361 17.09 16.88 -36.22
C MET D 361 18.07 16.89 -37.40
N MET D 362 19.34 16.48 -37.17
CA MET D 362 20.40 16.26 -38.14
C MET D 362 20.48 17.34 -39.25
N GLY D 363 20.67 18.59 -38.83
CA GLY D 363 20.83 19.71 -39.73
C GLY D 363 19.55 20.42 -40.12
N ASP D 364 18.41 19.71 -40.08
CA ASP D 364 17.11 20.30 -40.43
C ASP D 364 16.78 21.39 -39.44
N HIS D 365 16.37 22.54 -39.95
CA HIS D 365 15.99 23.77 -39.25
C HIS D 365 17.15 24.37 -38.44
N TRP D 366 18.39 24.17 -38.95
CA TRP D 366 19.66 24.61 -38.37
C TRP D 366 19.80 24.07 -36.93
N MET D 367 19.21 22.89 -36.71
CA MET D 367 19.13 22.20 -35.44
C MET D 367 19.85 20.87 -35.44
N LEU D 368 20.31 20.49 -34.26
CA LEU D 368 20.86 19.19 -33.92
C LEU D 368 20.15 18.84 -32.61
N GLY D 369 19.94 17.58 -32.35
CA GLY D 369 19.25 17.14 -31.13
C GLY D 369 17.81 16.78 -31.34
N LYS D 370 17.00 16.94 -30.27
CA LYS D 370 15.59 16.60 -30.27
C LYS D 370 14.75 17.58 -29.47
N GLY D 371 13.44 17.44 -29.61
CA GLY D 371 12.51 18.32 -28.92
C GLY D 371 11.90 19.28 -29.90
N GLY D 372 11.13 20.22 -29.39
CA GLY D 372 10.43 21.17 -30.24
C GLY D 372 9.20 20.55 -30.88
N PHE D 373 8.93 20.92 -32.14
CA PHE D 373 7.72 20.53 -32.87
C PHE D 373 7.97 20.02 -34.31
N PHE D 374 9.21 20.13 -34.83
CA PHE D 374 9.49 19.66 -36.20
C PHE D 374 9.51 18.14 -36.32
N ASP D 375 9.10 17.65 -37.50
CA ASP D 375 9.03 16.23 -37.87
C ASP D 375 10.34 15.46 -37.62
N GLY D 376 11.47 16.07 -37.94
CA GLY D 376 12.80 15.46 -37.83
C GLY D 376 13.12 14.85 -36.48
N SER D 377 12.56 15.44 -35.42
CA SER D 377 12.76 15.02 -34.03
C SER D 377 11.78 13.90 -33.55
N TYR D 378 10.62 13.74 -34.22
CA TYR D 378 9.57 12.82 -33.82
C TYR D 378 9.34 11.61 -34.75
N HIS D 379 9.51 11.77 -36.08
CA HIS D 379 9.35 10.66 -37.02
C HIS D 379 10.47 9.64 -36.79
N VAL D 380 10.06 8.42 -36.39
CA VAL D 380 10.94 7.32 -36.00
C VAL D 380 10.64 6.02 -36.77
N PRO D 381 11.63 5.09 -36.86
CA PRO D 381 11.34 3.80 -37.50
C PRO D 381 10.48 2.90 -36.61
N LEU D 382 9.73 1.99 -37.24
CA LEU D 382 8.96 0.92 -36.64
C LEU D 382 8.82 -0.23 -37.63
N VAL D 383 9.45 -1.36 -37.29
CA VAL D 383 9.38 -2.59 -38.06
C VAL D 383 8.98 -3.67 -37.05
N ILE D 384 7.84 -4.31 -37.30
CA ILE D 384 7.35 -5.42 -36.48
C ILE D 384 7.32 -6.73 -37.30
N ARG D 385 8.12 -7.73 -36.90
CA ARG D 385 8.13 -9.05 -37.52
C ARG D 385 7.36 -10.01 -36.60
N ASP D 386 6.14 -10.36 -37.00
CA ASP D 386 5.31 -11.29 -36.26
C ASP D 386 5.14 -12.59 -37.07
N PRO D 387 5.89 -13.68 -36.73
CA PRO D 387 5.76 -14.95 -37.47
C PRO D 387 4.40 -15.60 -37.32
N GLY D 388 3.62 -15.15 -36.33
CA GLY D 388 2.26 -15.60 -36.05
C GLY D 388 1.22 -15.02 -36.99
N HIS D 389 1.60 -13.99 -37.76
CA HIS D 389 0.73 -13.34 -38.75
C HIS D 389 1.50 -13.19 -40.08
N PRO D 390 1.63 -14.28 -40.88
CA PRO D 390 2.35 -14.17 -42.16
C PRO D 390 1.57 -13.39 -43.22
N GLY D 391 0.25 -13.26 -42.99
CA GLY D 391 -0.69 -12.54 -43.85
C GLY D 391 -0.43 -11.07 -44.10
N GLY D 392 0.38 -10.45 -43.25
CA GLY D 392 0.78 -9.06 -43.38
C GLY D 392 2.24 -8.87 -43.73
N ALA D 393 3.02 -9.99 -43.88
CA ALA D 393 4.47 -9.93 -44.21
C ALA D 393 4.77 -9.17 -45.51
N GLY D 394 5.88 -8.44 -45.51
CA GLY D 394 6.33 -7.64 -46.64
C GLY D 394 5.63 -6.29 -46.82
N ARG D 395 4.48 -6.09 -46.15
CA ARG D 395 3.65 -4.89 -46.20
C ARG D 395 4.29 -3.62 -45.55
N GLN D 396 3.84 -2.45 -46.01
CA GLN D 396 4.20 -1.12 -45.52
C GLN D 396 2.91 -0.39 -45.16
N VAL D 397 2.83 0.14 -43.91
CA VAL D 397 1.67 0.87 -43.39
C VAL D 397 1.89 2.38 -43.51
N GLU D 398 0.91 3.07 -44.06
CA GLU D 398 0.98 4.51 -44.33
C GLU D 398 0.04 5.29 -43.41
N ARG D 399 -0.58 4.58 -42.48
CA ARG D 399 -1.44 5.24 -41.51
C ARG D 399 -0.55 5.80 -40.36
N PHE D 400 -1.01 6.88 -39.71
CA PHE D 400 -0.27 7.47 -38.56
C PHE D 400 -0.31 6.54 -37.35
N THR D 401 0.89 6.09 -36.92
CA THR D 401 1.07 5.25 -35.74
C THR D 401 1.89 6.01 -34.68
N SER D 402 1.70 5.66 -33.40
CA SER D 402 2.36 6.30 -32.27
C SER D 402 3.19 5.32 -31.45
N ALA D 403 4.19 5.83 -30.69
CA ALA D 403 4.97 4.98 -29.78
C ALA D 403 4.04 4.43 -28.67
N ALA D 404 2.91 5.11 -28.42
CA ALA D 404 1.88 4.78 -27.45
C ALA D 404 1.05 3.54 -27.87
N ASP D 405 1.26 3.05 -29.10
CA ASP D 405 0.57 1.89 -29.69
C ASP D 405 1.28 0.58 -29.38
N ILE D 406 2.56 0.62 -29.04
CA ILE D 406 3.36 -0.58 -28.77
C ILE D 406 2.82 -1.41 -27.60
N PHE D 407 2.56 -0.78 -26.43
CA PHE D 407 2.04 -1.49 -25.25
C PHE D 407 0.66 -2.06 -25.56
N PRO D 408 -0.33 -1.31 -26.11
CA PRO D 408 -1.61 -1.92 -26.52
C PRO D 408 -1.48 -3.12 -27.51
N THR D 409 -0.51 -3.05 -28.44
CA THR D 409 -0.23 -4.12 -29.41
C THR D 409 0.17 -5.40 -28.67
N LEU D 410 1.14 -5.30 -27.74
CA LEU D 410 1.62 -6.41 -26.93
C LEU D 410 0.51 -7.03 -26.11
N CYS D 411 -0.37 -6.20 -25.54
CA CYS D 411 -1.50 -6.68 -24.74
C CYS D 411 -2.43 -7.55 -25.55
N ASP D 412 -2.79 -7.10 -26.76
CA ASP D 412 -3.65 -7.79 -27.71
C ASP D 412 -3.02 -9.13 -28.13
N ARG D 413 -1.81 -9.06 -28.72
CA ARG D 413 -1.04 -10.18 -29.22
C ARG D 413 -0.75 -11.21 -28.16
N LEU D 414 -0.44 -10.78 -26.91
CA LEU D 414 -0.09 -11.73 -25.84
C LEU D 414 -1.26 -12.08 -24.94
N GLY D 415 -2.46 -11.59 -25.27
CA GLY D 415 -3.66 -11.86 -24.48
C GLY D 415 -3.63 -11.31 -23.06
N LEU D 416 -2.99 -10.15 -22.84
CA LEU D 416 -2.88 -9.49 -21.52
C LEU D 416 -3.90 -8.37 -21.40
N VAL D 417 -4.29 -8.07 -20.16
CA VAL D 417 -5.20 -6.95 -19.93
C VAL D 417 -4.42 -5.85 -19.20
N PRO D 418 -4.33 -4.61 -19.75
CA PRO D 418 -3.65 -3.53 -19.00
C PRO D 418 -4.42 -3.15 -17.74
N ASP D 419 -3.69 -2.74 -16.68
CA ASP D 419 -4.29 -2.39 -15.38
C ASP D 419 -4.93 -0.99 -15.30
N ASN D 420 -4.78 -0.18 -16.34
CA ASN D 420 -5.32 1.18 -16.42
C ASN D 420 -5.55 1.54 -17.86
N HIS D 421 -6.17 2.72 -18.10
CA HIS D 421 -6.41 3.36 -19.40
C HIS D 421 -5.09 3.43 -20.21
N LEU D 422 -5.16 3.29 -21.53
CA LEU D 422 -4.02 3.45 -22.43
C LEU D 422 -4.43 4.44 -23.52
N ASP D 423 -3.46 5.21 -24.05
CA ASP D 423 -3.79 6.18 -25.09
C ASP D 423 -3.68 5.61 -26.52
N GLY D 424 -2.74 4.70 -26.72
CA GLY D 424 -2.51 4.06 -28.00
C GLY D 424 -3.53 2.99 -28.31
N GLY D 425 -3.43 2.45 -29.53
CA GLY D 425 -4.29 1.39 -30.03
C GLY D 425 -3.49 0.21 -30.54
N THR D 426 -4.13 -0.97 -30.59
CA THR D 426 -3.47 -2.18 -31.10
C THR D 426 -3.17 -2.10 -32.60
N LEU D 427 -1.94 -2.51 -32.95
CA LEU D 427 -1.45 -2.53 -34.33
C LEU D 427 -1.63 -3.94 -34.93
N VAL D 428 -2.19 -4.88 -34.12
CA VAL D 428 -2.42 -6.26 -34.56
C VAL D 428 -3.23 -6.29 -35.89
N PRO D 429 -4.35 -5.52 -36.07
CA PRO D 429 -5.04 -5.54 -37.37
C PRO D 429 -4.16 -5.21 -38.58
N PHE D 430 -3.12 -4.38 -38.41
CA PHE D 430 -2.16 -4.08 -39.48
C PHE D 430 -1.23 -5.27 -39.74
N LEU D 431 -0.87 -6.02 -38.68
CA LEU D 431 0.01 -7.19 -38.77
C LEU D 431 -0.72 -8.36 -39.45
N GLU D 432 -2.07 -8.44 -39.25
CA GLU D 432 -2.96 -9.42 -39.85
C GLU D 432 -3.05 -9.20 -41.39
N GLY D 433 -2.72 -7.99 -41.82
CA GLY D 433 -2.76 -7.59 -43.22
C GLY D 433 -3.92 -6.68 -43.56
N GLY D 434 -4.75 -6.39 -42.55
CA GLY D 434 -5.92 -5.52 -42.67
C GLY D 434 -5.72 -4.11 -42.12
N GLU D 435 -6.83 -3.49 -41.69
CA GLU D 435 -6.85 -2.13 -41.16
C GLU D 435 -7.79 -2.06 -39.96
N PRO D 436 -7.41 -1.39 -38.85
CA PRO D 436 -8.31 -1.31 -37.69
C PRO D 436 -9.48 -0.37 -37.95
N GLU D 437 -10.57 -0.62 -37.27
CA GLU D 437 -11.77 0.20 -37.39
C GLU D 437 -11.55 1.48 -36.56
N GLY D 438 -11.90 2.63 -37.16
CA GLY D 438 -11.82 3.93 -36.52
C GLY D 438 -10.47 4.34 -35.97
N TRP D 439 -9.38 3.98 -36.67
CA TRP D 439 -8.01 4.35 -36.37
C TRP D 439 -7.92 5.87 -36.59
N ARG D 440 -6.90 6.51 -36.01
CA ARG D 440 -6.74 7.98 -36.10
C ARG D 440 -6.38 8.46 -37.53
N ASP D 441 -6.73 9.71 -37.86
CA ASP D 441 -6.44 10.34 -39.15
C ASP D 441 -5.26 11.32 -39.06
N ALA D 442 -4.73 11.55 -37.84
CA ALA D 442 -3.58 12.43 -37.61
C ALA D 442 -2.73 11.94 -36.47
N ALA D 443 -1.40 12.15 -36.60
CA ALA D 443 -0.39 11.87 -35.58
C ALA D 443 -0.55 12.94 -34.49
N PHE D 444 -0.39 12.52 -33.23
CA PHE D 444 -0.45 13.38 -32.06
C PHE D 444 0.79 13.18 -31.21
N TRP D 445 1.40 14.29 -30.80
CA TRP D 445 2.54 14.28 -29.90
C TRP D 445 2.58 15.56 -29.10
N GLU D 446 3.37 15.54 -28.02
CA GLU D 446 3.50 16.66 -27.10
C GLU D 446 4.94 16.96 -26.80
N PHE D 447 5.20 18.18 -26.35
CA PHE D 447 6.54 18.55 -25.92
C PHE D 447 6.43 19.55 -24.79
N ASP D 448 7.15 19.29 -23.72
CA ASP D 448 7.20 20.15 -22.54
C ASP D 448 8.65 20.64 -22.34
N PHE D 449 8.80 21.95 -22.15
CA PHE D 449 10.12 22.60 -22.00
C PHE D 449 10.30 23.36 -20.66
N ARG D 450 9.55 22.94 -19.60
CA ARG D 450 9.66 23.45 -18.23
C ARG D 450 11.08 23.12 -17.69
N ASP D 451 11.51 23.87 -16.67
CA ASP D 451 12.82 23.69 -16.05
C ASP D 451 12.63 23.76 -14.53
N ILE D 452 12.33 22.63 -13.88
CA ILE D 452 12.09 22.62 -12.43
C ILE D 452 13.36 23.01 -11.66
N ALA D 453 14.50 22.39 -12.03
CA ALA D 453 15.81 22.61 -11.42
C ALA D 453 16.35 24.02 -11.54
N LYS D 454 16.33 24.62 -12.76
CA LYS D 454 16.92 25.96 -12.99
C LYS D 454 15.94 27.08 -13.32
N GLY D 455 14.75 26.78 -13.86
CA GLY D 455 13.73 27.77 -14.22
C GLY D 455 14.07 28.76 -15.34
N GLU D 456 15.00 28.39 -16.24
CA GLU D 456 15.47 29.23 -17.36
C GLU D 456 14.37 29.60 -18.36
N ALA D 457 13.69 28.59 -18.94
CA ALA D 457 12.60 28.82 -19.91
C ALA D 457 11.49 29.67 -19.29
N GLU D 458 11.12 29.36 -18.03
CA GLU D 458 10.07 30.07 -17.28
C GLU D 458 10.39 31.55 -17.15
N ARG D 459 11.65 31.88 -16.80
CA ARG D 459 12.10 33.28 -16.63
C ARG D 459 12.15 34.01 -17.97
N HIS D 460 12.74 33.35 -19.00
CA HIS D 460 12.86 33.85 -20.36
C HIS D 460 11.49 34.20 -20.94
N PHE D 461 10.54 33.26 -20.91
CA PHE D 461 9.21 33.49 -21.49
C PHE D 461 8.25 34.25 -20.58
N GLY D 462 8.51 34.19 -19.28
CA GLY D 462 7.63 34.84 -18.30
C GLY D 462 6.38 34.00 -18.10
N LEU D 463 6.58 32.67 -18.11
CA LEU D 463 5.50 31.68 -17.98
C LEU D 463 5.75 30.74 -16.80
N LYS D 464 4.65 30.26 -16.20
CA LYS D 464 4.70 29.23 -15.17
C LYS D 464 5.13 27.90 -15.87
N SER D 465 5.66 26.94 -15.11
CA SER D 465 6.12 25.64 -15.64
C SER D 465 5.02 24.81 -16.35
N ASN D 466 3.76 24.99 -15.95
CA ASN D 466 2.59 24.30 -16.48
C ASN D 466 2.14 24.88 -17.86
N ALA D 467 2.74 26.01 -18.28
CA ALA D 467 2.45 26.64 -19.56
C ALA D 467 3.66 26.56 -20.51
N CYS D 468 4.71 25.84 -20.12
CA CYS D 468 5.90 25.63 -20.94
C CYS D 468 5.82 24.38 -21.76
N ASN D 469 4.71 24.24 -22.50
CA ASN D 469 4.46 23.09 -23.34
C ASN D 469 3.70 23.41 -24.66
N LEU D 470 3.76 22.44 -25.59
CA LEU D 470 3.08 22.42 -26.89
C LEU D 470 2.42 21.05 -27.13
N ALA D 471 1.43 21.03 -28.03
CA ALA D 471 0.77 19.83 -28.52
C ALA D 471 0.71 19.93 -30.05
N VAL D 472 1.07 18.83 -30.73
CA VAL D 472 1.09 18.76 -32.19
C VAL D 472 0.00 17.84 -32.72
N ILE D 473 -0.72 18.32 -33.74
CA ILE D 473 -1.68 17.54 -34.52
C ILE D 473 -1.17 17.60 -35.95
N ARG D 474 -0.72 16.46 -36.46
CA ARG D 474 -0.12 16.42 -37.79
C ARG D 474 -0.70 15.31 -38.68
N ASP D 475 -1.33 15.73 -39.80
CA ASP D 475 -1.82 14.80 -40.83
C ASP D 475 -0.96 14.96 -42.09
N GLU D 476 -1.42 14.45 -43.24
CA GLU D 476 -0.65 14.47 -44.49
C GLU D 476 -0.64 15.86 -45.13
N ARG D 477 -1.68 16.72 -44.84
CA ARG D 477 -1.83 18.11 -45.36
C ARG D 477 -1.43 19.24 -44.39
N PHE D 478 -1.71 19.11 -43.09
CA PHE D 478 -1.38 20.18 -42.14
C PHE D 478 -0.68 19.74 -40.85
N LYS D 479 0.04 20.69 -40.23
CA LYS D 479 0.64 20.57 -38.91
C LYS D 479 0.20 21.77 -38.12
N TYR D 480 -0.54 21.54 -37.04
CA TYR D 480 -0.99 22.58 -36.13
C TYR D 480 -0.27 22.30 -34.79
N VAL D 481 0.52 23.29 -34.33
CA VAL D 481 1.28 23.23 -33.07
C VAL D 481 0.65 24.27 -32.13
N HIS D 482 -0.03 23.84 -31.06
CA HIS D 482 -0.61 24.77 -30.09
C HIS D 482 0.30 24.84 -28.88
N PHE D 483 0.64 26.08 -28.47
CA PHE D 483 1.48 26.33 -27.29
C PHE D 483 0.57 26.83 -26.18
N ALA D 484 0.74 26.30 -24.96
CA ALA D 484 -0.07 26.76 -23.83
C ALA D 484 0.15 28.26 -23.54
N GLY D 485 1.36 28.78 -23.74
CA GLY D 485 1.64 30.18 -23.46
C GLY D 485 2.32 31.04 -24.53
N LEU D 486 2.56 30.47 -25.72
CA LEU D 486 3.18 31.16 -26.84
C LEU D 486 2.21 31.17 -28.05
N PRO D 487 2.51 31.89 -29.19
CA PRO D 487 1.56 31.88 -30.32
C PRO D 487 1.48 30.52 -31.05
N PRO D 488 0.34 30.15 -31.68
CA PRO D 488 0.29 28.85 -32.38
C PRO D 488 1.06 28.86 -33.71
N LEU D 489 1.29 27.67 -34.26
CA LEU D 489 1.94 27.51 -35.56
C LEU D 489 1.07 26.62 -36.46
N LEU D 490 1.00 26.95 -37.76
CA LEU D 490 0.26 26.18 -38.77
C LEU D 490 1.12 26.05 -40.01
N TYR D 491 1.40 24.82 -40.42
CA TYR D 491 2.18 24.53 -41.62
C TYR D 491 1.34 23.74 -42.63
N ASP D 492 1.28 24.23 -43.90
CA ASP D 492 0.58 23.58 -45.01
C ASP D 492 1.64 22.66 -45.61
N LEU D 493 1.62 21.38 -45.24
CA LEU D 493 2.62 20.40 -45.68
C LEU D 493 2.56 20.12 -47.19
N ALA D 494 1.39 20.37 -47.82
CA ALA D 494 1.19 20.20 -49.27
C ALA D 494 2.05 21.21 -50.04
N LYS D 495 1.99 22.52 -49.64
CA LYS D 495 2.74 23.63 -50.24
C LYS D 495 4.16 23.72 -49.70
N ASP D 496 4.31 23.40 -48.40
CA ASP D 496 5.52 23.56 -47.60
C ASP D 496 5.88 22.27 -46.83
N PRO D 497 6.44 21.25 -47.51
CA PRO D 497 6.82 20.01 -46.80
C PRO D 497 7.99 20.16 -45.84
N MET D 498 8.76 21.26 -45.98
CA MET D 498 9.94 21.53 -45.17
C MET D 498 9.65 22.29 -43.86
N GLU D 499 8.38 22.73 -43.66
CA GLU D 499 7.84 23.44 -42.47
C GLU D 499 8.58 24.74 -42.14
N LEU D 500 8.73 25.63 -43.18
CA LEU D 500 9.42 26.91 -43.07
C LEU D 500 8.49 28.11 -43.06
N THR D 501 7.21 27.92 -43.43
CA THR D 501 6.25 29.02 -43.49
C THR D 501 5.09 28.86 -42.52
N ASN D 502 5.03 29.76 -41.54
CA ASN D 502 3.94 29.71 -40.59
C ASN D 502 2.81 30.46 -41.17
N VAL D 503 1.67 29.79 -41.39
CA VAL D 503 0.47 30.42 -41.98
C VAL D 503 -0.68 30.59 -40.95
N ALA D 504 -0.39 30.48 -39.63
CA ALA D 504 -1.40 30.60 -38.58
C ALA D 504 -2.13 31.92 -38.59
N ALA D 505 -1.39 33.03 -38.84
CA ALA D 505 -1.93 34.40 -38.85
C ALA D 505 -2.61 34.82 -40.17
N ASP D 506 -2.35 34.07 -41.30
CA ASP D 506 -2.96 34.31 -42.62
C ASP D 506 -4.48 34.14 -42.49
N ALA D 507 -5.25 35.18 -42.84
CA ALA D 507 -6.72 35.17 -42.75
C ALA D 507 -7.42 34.10 -43.61
N ASP D 508 -6.73 33.60 -44.67
CA ASP D 508 -7.27 32.60 -45.58
C ASP D 508 -7.21 31.17 -44.97
N TYR D 509 -6.37 30.99 -43.94
CA TYR D 509 -6.21 29.73 -43.22
C TYR D 509 -6.96 29.71 -41.89
N ALA D 510 -7.74 30.76 -41.60
CA ALA D 510 -8.50 30.91 -40.36
C ALA D 510 -9.39 29.72 -40.01
N ALA D 511 -10.13 29.19 -41.01
CA ALA D 511 -11.03 28.05 -40.81
C ALA D 511 -10.27 26.72 -40.64
N VAL D 512 -9.09 26.59 -41.30
CA VAL D 512 -8.18 25.44 -41.20
C VAL D 512 -7.66 25.43 -39.75
N ARG D 513 -7.15 26.61 -39.27
CA ARG D 513 -6.67 26.81 -37.91
C ARG D 513 -7.75 26.45 -36.89
N LEU D 514 -8.99 26.93 -37.09
CA LEU D 514 -10.11 26.64 -36.18
C LEU D 514 -10.46 25.13 -36.15
N GLY D 515 -10.41 24.48 -37.32
CA GLY D 515 -10.68 23.05 -37.44
C GLY D 515 -9.71 22.20 -36.66
N TYR D 516 -8.40 22.49 -36.77
CA TYR D 516 -7.35 21.76 -36.06
C TYR D 516 -7.34 22.04 -34.54
N ALA D 517 -7.73 23.26 -34.13
CA ALA D 517 -7.85 23.67 -32.73
C ALA D 517 -8.97 22.87 -32.05
N GLU D 518 -10.11 22.74 -32.72
CA GLU D 518 -11.25 21.98 -32.21
C GLU D 518 -11.03 20.46 -32.24
N LYS D 519 -10.25 19.99 -33.23
CA LYS D 519 -9.85 18.60 -33.35
C LYS D 519 -8.91 18.25 -32.17
N LEU D 520 -7.99 19.16 -31.83
CA LEU D 520 -7.07 19.00 -30.71
C LEU D 520 -7.82 19.09 -29.42
N LEU D 521 -8.87 19.91 -29.34
CA LEU D 521 -9.75 19.98 -28.17
C LEU D 521 -10.46 18.64 -27.93
N SER D 522 -10.84 17.94 -29.04
CA SER D 522 -11.52 16.64 -29.02
C SER D 522 -10.61 15.54 -28.51
N LEU D 523 -9.36 15.54 -28.97
CA LEU D 523 -8.35 14.59 -28.53
C LEU D 523 -8.16 14.70 -27.01
N ARG D 524 -7.98 15.96 -26.50
CA ARG D 524 -7.80 16.31 -25.08
C ARG D 524 -8.90 15.75 -24.22
N ALA D 525 -10.17 15.93 -24.64
CA ALA D 525 -11.34 15.42 -23.93
C ALA D 525 -11.45 13.87 -23.94
N GLN D 526 -11.12 13.25 -25.07
CA GLN D 526 -11.20 11.81 -25.22
C GLN D 526 -10.06 11.07 -24.52
N HIS D 527 -8.86 11.71 -24.45
CA HIS D 527 -7.70 11.11 -23.85
C HIS D 527 -7.51 11.42 -22.35
N LEU D 528 -8.56 11.94 -21.68
CA LEU D 528 -8.56 12.10 -20.23
C LEU D 528 -8.55 10.67 -19.66
N ASP D 529 -7.95 10.48 -18.47
CA ASP D 529 -7.80 9.17 -17.84
C ASP D 529 -9.13 8.43 -17.63
N GLN D 530 -9.33 7.30 -18.36
CA GLN D 530 -10.57 6.51 -18.28
C GLN D 530 -10.45 5.25 -17.39
N THR D 531 -9.35 5.11 -16.62
CA THR D 531 -9.09 3.99 -15.69
C THR D 531 -10.30 3.70 -14.84
N LEU D 532 -10.88 4.72 -14.18
CA LEU D 532 -12.06 4.52 -13.34
C LEU D 532 -13.34 5.05 -13.97
N ALA D 533 -13.21 6.04 -14.89
CA ALA D 533 -14.33 6.71 -15.58
C ALA D 533 -15.13 5.73 -16.48
N TYR D 534 -14.54 4.56 -16.84
CA TYR D 534 -15.21 3.48 -17.58
C TYR D 534 -15.93 2.50 -16.64
N THR D 535 -16.09 2.86 -15.36
CA THR D 535 -16.77 2.09 -14.33
C THR D 535 -17.92 2.87 -13.73
N GLU D 536 -18.98 2.19 -13.38
CA GLU D 536 -20.12 2.76 -12.71
C GLU D 536 -20.58 1.80 -11.62
N LEU D 537 -20.74 2.34 -10.42
CA LEU D 537 -21.18 1.59 -9.26
C LEU D 537 -22.69 1.54 -9.28
N THR D 538 -23.21 0.33 -9.45
CA THR D 538 -24.64 0.05 -9.52
C THR D 538 -25.10 -0.78 -8.32
N GLU D 539 -26.44 -0.98 -8.15
CA GLU D 539 -27.04 -1.80 -7.08
C GLU D 539 -26.49 -3.25 -7.07
N LYS D 540 -26.09 -3.72 -8.26
CA LYS D 540 -25.53 -5.03 -8.54
C LYS D 540 -24.00 -4.96 -8.56
N GLY D 541 -23.46 -3.93 -7.90
CA GLY D 541 -22.02 -3.67 -7.79
C GLY D 541 -21.43 -2.98 -9.01
N PRO D 542 -20.09 -3.00 -9.14
CA PRO D 542 -19.47 -2.30 -10.28
C PRO D 542 -19.80 -2.90 -11.64
N VAL D 543 -19.94 -2.01 -12.63
CA VAL D 543 -20.20 -2.33 -14.04
C VAL D 543 -19.16 -1.57 -14.83
N SER D 544 -18.42 -2.24 -15.70
CA SER D 544 -17.36 -1.62 -16.48
C SER D 544 -17.52 -1.78 -17.97
N ARG D 545 -16.91 -0.84 -18.70
CA ARG D 545 -16.87 -0.82 -20.16
C ARG D 545 -15.45 -1.09 -20.59
N ARG D 546 -15.30 -1.74 -21.74
CA ARG D 546 -14.03 -2.03 -22.38
C ARG D 546 -13.85 -1.01 -23.50
N PRO D 547 -12.64 -0.40 -23.55
CA PRO D 547 -12.36 0.56 -24.63
C PRO D 547 -12.43 -0.08 -26.02
#